data_6X9N
#
_entry.id   6X9N
#
_cell.length_a   285.650
_cell.length_b   109.100
_cell.length_c   108.430
_cell.angle_alpha   90.000
_cell.angle_beta   112.280
_cell.angle_gamma   90.000
#
_symmetry.space_group_name_H-M   'C 1 2 1'
#
loop_
_entity.id
_entity.type
_entity.pdbx_description
1 polymer 'UDP-N-acetylmuramate--L-alanine ligase'
2 non-polymer (2R)-2-({4-[(5-tert-butyl-1-methyl-1H-pyrazol-3-yl)amino]-1H-pyrazolo[3,4-d]pyrimidin-6-yl}amino)-2-phenylethan-1-ol
3 non-polymer 1,2-ETHANEDIOL
4 non-polymer 'DIMETHYL SULFOXIDE'
5 non-polymer 'CHLORIDE ION'
6 non-polymer VALINE
7 water water
#
_entity_poly.entity_id   1
_entity_poly.type   'polypeptide(L)'
_entity_poly.pdbx_seq_one_letter_code
;HRRIHFVGIGGAGMCGIAEVLLNLGYEVSGSDLKASAVTERLEKFGAQIFIGHQAENADGADVLVVSSAINRANPEVASA
LERRIPVVPRAEMLAELMRYRHGIAVAGTHGKTTTTSLIASVFAAGGLDPTFVIGGRLNAAGTNAQLGASRYLVAEADES
DASFLHLQPMVAVVTNIDADHMATYGGDFNKLKKTFVEFLHNLPFYGLAVMCVDDPVVREILPQIARPTVTYGLSEDADV
RAINIRQEGMRTWFTVLRPEREPLDVSVNMPGLHNVLNSLATIVIATDEGISDEAIVQGLSGFQGVGRRFQVYGELQVEG
GSVMLVDDYGHHPREVAAVIKAIRGGWPERRLVMVYQPHRYTRTRDLYEDFVQVLGEANVLLLMEVYPAGEEPIPGADSR
QLCHSIRQRGQLDPIYFERDADLAPLVKPLLRAGDILLCQGAGDVGGLAPQLIKNPLFAGKGGKGA
;
_entity_poly.pdbx_strand_id   A,B,C,D,E,F,G,H
#
# COMPACT_ATOMS: atom_id res chain seq x y z
N HIS A 1 -4.60 14.12 -15.37
CA HIS A 1 -5.68 13.31 -14.83
C HIS A 1 -5.81 12.00 -15.60
N ARG A 2 -5.91 10.88 -14.89
CA ARG A 2 -5.79 9.56 -15.51
C ARG A 2 -6.84 8.55 -15.07
N ARG A 3 -7.49 8.71 -13.92
CA ARG A 3 -8.53 7.78 -13.48
C ARG A 3 -9.87 8.52 -13.34
N ILE A 4 -10.90 7.97 -13.99
CA ILE A 4 -12.21 8.61 -14.05
C ILE A 4 -13.19 7.68 -13.34
N HIS A 5 -13.93 8.23 -12.38
CA HIS A 5 -14.89 7.46 -11.60
C HIS A 5 -16.31 7.87 -11.96
N PHE A 6 -17.14 6.90 -12.35
CA PHE A 6 -18.53 7.13 -12.72
C PHE A 6 -19.46 6.73 -11.58
N VAL A 7 -20.29 7.65 -11.13
CA VAL A 7 -21.28 7.38 -10.08
C VAL A 7 -22.57 6.95 -10.77
N GLY A 8 -22.92 5.68 -10.63
CA GLY A 8 -24.04 5.13 -11.37
C GLY A 8 -23.64 4.72 -12.78
N ILE A 9 -22.52 3.98 -12.87
CA ILE A 9 -21.92 3.64 -14.15
C ILE A 9 -22.79 2.72 -15.00
N GLY A 10 -23.69 1.95 -14.39
CA GLY A 10 -24.58 1.11 -15.19
C GLY A 10 -25.64 1.86 -15.94
N GLY A 11 -25.91 3.11 -15.56
CA GLY A 11 -26.87 3.96 -16.24
C GLY A 11 -26.68 4.01 -17.74
N ALA A 12 -27.76 4.26 -18.48
CA ALA A 12 -27.75 4.03 -19.92
C ALA A 12 -26.93 5.07 -20.67
N GLY A 13 -26.86 6.30 -20.14
CA GLY A 13 -25.94 7.25 -20.75
C GLY A 13 -24.51 7.19 -20.25
N MET A 14 -24.25 6.39 -19.22
CA MET A 14 -22.95 6.38 -18.57
C MET A 14 -22.03 5.29 -19.09
N CYS A 15 -22.55 4.09 -19.32
CA CYS A 15 -21.68 2.97 -19.69
C CYS A 15 -20.95 3.24 -20.99
N GLY A 16 -21.63 3.86 -21.95
CA GLY A 16 -20.99 4.16 -23.23
C GLY A 16 -19.81 5.10 -23.09
N ILE A 17 -19.95 6.14 -22.28
CA ILE A 17 -18.86 7.09 -22.05
C ILE A 17 -17.69 6.38 -21.37
N ALA A 18 -17.99 5.56 -20.35
CA ALA A 18 -16.93 4.78 -19.70
C ALA A 18 -16.23 3.85 -20.68
N GLU A 19 -16.99 3.24 -21.60
CA GLU A 19 -16.37 2.33 -22.57
C GLU A 19 -15.39 3.07 -23.49
N VAL A 20 -15.79 4.25 -23.98
CA VAL A 20 -14.92 5.05 -24.85
C VAL A 20 -13.67 5.48 -24.09
N LEU A 21 -13.82 5.89 -22.82
CA LEU A 21 -12.63 6.26 -22.03
C LEU A 21 -11.71 5.06 -21.83
N LEU A 22 -12.26 3.86 -21.67
CA LEU A 22 -11.42 2.67 -21.64
C LEU A 22 -10.68 2.53 -22.95
N ASN A 23 -11.37 2.78 -24.07
CA ASN A 23 -10.76 2.60 -25.37
C ASN A 23 -9.64 3.61 -25.60
N LEU A 24 -9.76 4.79 -25.00
CA LEU A 24 -8.76 5.84 -25.09
C LEU A 24 -7.55 5.61 -24.19
N GLY A 25 -7.55 4.56 -23.36
CA GLY A 25 -6.42 4.25 -22.49
C GLY A 25 -6.54 4.74 -21.06
N TYR A 26 -7.66 5.33 -20.66
CA TYR A 26 -7.79 5.82 -19.30
C TYR A 26 -8.10 4.68 -18.34
N GLU A 27 -7.76 4.89 -17.06
CA GLU A 27 -8.27 4.06 -15.98
C GLU A 27 -9.69 4.52 -15.69
N VAL A 28 -10.62 3.57 -15.62
CA VAL A 28 -12.02 3.87 -15.40
C VAL A 28 -12.53 3.03 -14.25
N SER A 29 -13.14 3.68 -13.27
CA SER A 29 -13.87 3.03 -12.21
C SER A 29 -15.31 3.53 -12.23
N GLY A 30 -16.20 2.74 -11.66
CA GLY A 30 -17.57 3.16 -11.50
C GLY A 30 -18.24 2.45 -10.36
N SER A 31 -19.35 3.03 -9.89
CA SER A 31 -20.18 2.43 -8.86
C SER A 31 -21.60 2.30 -9.38
N ASP A 32 -22.32 1.29 -8.88
CA ASP A 32 -23.73 1.16 -9.19
C ASP A 32 -24.44 0.44 -8.05
N LEU A 33 -25.77 0.50 -8.07
CA LEU A 33 -26.56 -0.13 -7.02
C LEU A 33 -26.65 -1.64 -7.21
N LYS A 34 -26.73 -2.10 -8.47
CA LYS A 34 -26.90 -3.51 -8.77
C LYS A 34 -26.01 -3.92 -9.94
N ALA A 35 -25.39 -5.10 -9.83
CA ALA A 35 -24.58 -5.62 -10.91
C ALA A 35 -25.44 -5.99 -12.12
N SER A 36 -24.87 -5.82 -13.30
CA SER A 36 -25.62 -6.02 -14.54
C SER A 36 -24.69 -6.59 -15.60
N ALA A 37 -25.28 -6.97 -16.74
CA ALA A 37 -24.47 -7.36 -17.88
C ALA A 37 -23.72 -6.16 -18.45
N VAL A 38 -24.25 -4.96 -18.20
CA VAL A 38 -23.55 -3.72 -18.58
C VAL A 38 -22.26 -3.57 -17.78
N THR A 39 -22.34 -3.71 -16.45
CA THR A 39 -21.13 -3.64 -15.63
C THR A 39 -20.22 -4.85 -15.82
N GLU A 40 -20.75 -5.97 -16.30
CA GLU A 40 -19.92 -7.12 -16.62
C GLU A 40 -19.06 -6.84 -17.85
N ARG A 41 -19.67 -6.28 -18.89
CA ARG A 41 -18.93 -5.95 -20.10
C ARG A 41 -17.85 -4.92 -19.82
N LEU A 42 -18.18 -3.90 -19.02
CA LEU A 42 -17.21 -2.88 -18.68
C LEU A 42 -16.05 -3.47 -17.90
N GLU A 43 -16.34 -4.39 -16.98
CA GLU A 43 -15.29 -5.04 -16.20
C GLU A 43 -14.40 -5.89 -17.11
N LYS A 44 -15.01 -6.63 -18.04
CA LYS A 44 -14.25 -7.36 -19.06
C LYS A 44 -13.31 -6.44 -19.82
N PHE A 45 -13.71 -5.20 -20.04
CA PHE A 45 -12.91 -4.24 -20.80
C PHE A 45 -11.91 -3.48 -19.94
N GLY A 46 -11.83 -3.76 -18.64
CA GLY A 46 -10.82 -3.12 -17.80
C GLY A 46 -11.34 -2.17 -16.72
N ALA A 47 -12.66 -1.99 -16.60
CA ALA A 47 -13.19 -1.06 -15.60
C ALA A 47 -13.27 -1.71 -14.23
N GLN A 48 -12.90 -0.96 -13.20
CA GLN A 48 -13.05 -1.42 -11.82
C GLN A 48 -14.44 -1.03 -11.33
N ILE A 49 -15.28 -2.03 -11.05
CA ILE A 49 -16.68 -1.82 -10.66
C ILE A 49 -16.82 -2.01 -9.16
N PHE A 50 -17.50 -1.06 -8.52
CA PHE A 50 -17.91 -1.15 -7.12
C PHE A 50 -19.43 -1.22 -7.06
N ILE A 51 -19.96 -2.14 -6.25
CA ILE A 51 -21.39 -2.24 -6.03
C ILE A 51 -21.74 -1.55 -4.72
N GLY A 52 -22.69 -0.63 -4.77
CA GLY A 52 -23.01 0.19 -3.60
C GLY A 52 -22.13 1.42 -3.52
N HIS A 53 -22.71 2.50 -2.99
CA HIS A 53 -22.07 3.81 -2.95
C HIS A 53 -21.45 4.05 -1.58
N GLN A 54 -20.13 3.91 -1.49
CA GLN A 54 -19.37 4.26 -0.30
C GLN A 54 -18.22 5.17 -0.70
N ALA A 55 -17.91 6.15 0.17
CA ALA A 55 -16.95 7.21 -0.17
C ALA A 55 -15.58 6.68 -0.56
N GLU A 56 -15.24 5.45 -0.14
CA GLU A 56 -13.94 4.88 -0.50
C GLU A 56 -13.87 4.46 -1.97
N ASN A 57 -15.01 4.42 -2.67
CA ASN A 57 -14.98 4.12 -4.10
C ASN A 57 -14.34 5.24 -4.90
N ALA A 58 -14.43 6.48 -4.41
CA ALA A 58 -13.90 7.64 -5.14
C ALA A 58 -12.41 7.86 -4.89
N ASP A 59 -11.78 7.01 -4.09
CA ASP A 59 -10.35 7.15 -3.84
C ASP A 59 -9.56 6.78 -5.10
N GLY A 60 -8.52 7.57 -5.36
CA GLY A 60 -7.72 7.41 -6.56
C GLY A 60 -8.25 8.15 -7.77
N ALA A 61 -9.52 8.55 -7.76
CA ALA A 61 -10.13 9.17 -8.94
C ALA A 61 -9.62 10.60 -9.10
N ASP A 62 -9.33 10.97 -10.35
CA ASP A 62 -8.95 12.33 -10.68
C ASP A 62 -10.14 13.19 -11.10
N VAL A 63 -11.28 12.57 -11.42
CA VAL A 63 -12.50 13.28 -11.78
C VAL A 63 -13.66 12.33 -11.55
N LEU A 64 -14.81 12.88 -11.18
CA LEU A 64 -16.03 12.11 -11.03
C LEU A 64 -17.02 12.51 -12.11
N VAL A 65 -17.76 11.54 -12.62
CA VAL A 65 -18.84 11.79 -13.56
C VAL A 65 -20.13 11.31 -12.90
N VAL A 66 -21.17 12.16 -12.91
CA VAL A 66 -22.43 11.85 -12.24
C VAL A 66 -23.55 11.90 -13.28
N SER A 67 -24.63 11.17 -12.99
CA SER A 67 -25.69 10.97 -13.98
C SER A 67 -26.47 12.25 -14.27
N SER A 68 -26.81 13.01 -13.22
CA SER A 68 -27.58 14.23 -13.41
C SER A 68 -26.86 15.41 -12.77
N ALA A 69 -27.47 16.02 -11.77
CA ALA A 69 -26.87 17.13 -11.05
C ALA A 69 -26.10 16.62 -9.84
N ILE A 70 -25.19 17.45 -9.36
CA ILE A 70 -24.35 17.11 -8.20
C ILE A 70 -25.21 17.03 -6.96
N ASN A 71 -25.72 15.82 -6.67
CA ASN A 71 -26.53 15.57 -5.49
C ASN A 71 -25.59 15.11 -4.37
N ARG A 72 -25.22 16.03 -3.49
CA ARG A 72 -24.27 15.76 -2.41
C ARG A 72 -24.82 14.81 -1.36
N ALA A 73 -26.03 14.27 -1.55
CA ALA A 73 -26.48 13.16 -0.72
C ALA A 73 -25.53 11.98 -0.83
N ASN A 74 -25.07 11.68 -2.05
CA ASN A 74 -24.25 10.48 -2.29
C ASN A 74 -22.86 10.66 -1.67
N PRO A 75 -22.37 9.68 -0.92
CA PRO A 75 -21.09 9.87 -0.21
C PRO A 75 -19.89 10.01 -1.13
N GLU A 76 -19.86 9.30 -2.26
CA GLU A 76 -18.72 9.41 -3.17
C GLU A 76 -18.58 10.83 -3.70
N VAL A 77 -19.69 11.44 -4.09
CA VAL A 77 -19.67 12.82 -4.56
C VAL A 77 -19.21 13.74 -3.44
N ALA A 78 -19.78 13.57 -2.24
CA ALA A 78 -19.41 14.43 -1.11
C ALA A 78 -17.94 14.28 -0.78
N SER A 79 -17.41 13.06 -0.86
CA SER A 79 -15.99 12.84 -0.63
C SER A 79 -15.12 13.46 -1.71
N ALA A 80 -15.59 13.46 -2.97
CA ALA A 80 -14.83 14.13 -4.01
C ALA A 80 -14.90 15.64 -3.86
N LEU A 81 -16.07 16.19 -3.52
CA LEU A 81 -16.19 17.62 -3.32
C LEU A 81 -15.29 18.08 -2.17
N GLU A 82 -15.15 17.26 -1.14
CA GLU A 82 -14.31 17.62 0.00
C GLU A 82 -12.84 17.67 -0.38
N ARG A 83 -12.41 16.76 -1.27
CA ARG A 83 -11.01 16.72 -1.69
C ARG A 83 -10.73 17.60 -2.90
N ARG A 84 -11.70 18.44 -3.30
CA ARG A 84 -11.61 19.24 -4.52
C ARG A 84 -11.24 18.38 -5.74
N ILE A 85 -11.85 17.21 -5.81
CA ILE A 85 -11.86 16.41 -7.04
C ILE A 85 -13.02 16.91 -7.90
N PRO A 86 -12.76 17.39 -9.12
CA PRO A 86 -13.84 17.93 -9.93
C PRO A 86 -14.92 16.88 -10.21
N VAL A 87 -16.17 17.34 -10.20
CA VAL A 87 -17.33 16.52 -10.47
C VAL A 87 -18.01 17.11 -11.70
N VAL A 88 -17.90 16.42 -12.83
CA VAL A 88 -18.44 16.94 -14.08
C VAL A 88 -19.75 16.21 -14.41
N PRO A 89 -20.72 16.88 -15.02
CA PRO A 89 -21.93 16.17 -15.44
C PRO A 89 -21.65 15.26 -16.64
N ARG A 90 -22.52 14.24 -16.76
CA ARG A 90 -22.43 13.26 -17.84
C ARG A 90 -22.35 13.90 -19.21
N ALA A 91 -23.19 14.91 -19.47
CA ALA A 91 -23.25 15.50 -20.79
C ALA A 91 -21.94 16.21 -21.15
N GLU A 92 -21.23 16.76 -20.16
CA GLU A 92 -19.95 17.41 -20.46
C GLU A 92 -18.87 16.39 -20.84
N MET A 93 -18.78 15.29 -20.08
CA MET A 93 -17.83 14.24 -20.42
C MET A 93 -18.12 13.68 -21.81
N LEU A 94 -19.40 13.45 -22.11
CA LEU A 94 -19.79 12.98 -23.44
C LEU A 94 -19.30 13.95 -24.51
N ALA A 95 -19.49 15.25 -24.28
CA ALA A 95 -19.14 16.24 -25.29
C ALA A 95 -17.64 16.27 -25.56
N GLU A 96 -16.82 16.01 -24.54
CA GLU A 96 -15.36 16.10 -24.69
C GLU A 96 -14.77 14.91 -25.43
N LEU A 97 -15.52 13.82 -25.60
CA LEU A 97 -14.96 12.71 -26.36
C LEU A 97 -14.60 13.13 -27.77
N MET A 98 -15.24 14.18 -28.29
CA MET A 98 -14.96 14.63 -29.66
C MET A 98 -13.53 15.15 -29.83
N ARG A 99 -12.88 15.62 -28.76
CA ARG A 99 -11.50 16.09 -28.88
C ARG A 99 -10.52 14.98 -29.23
N TYR A 100 -10.90 13.71 -29.06
CA TYR A 100 -10.00 12.60 -29.31
C TYR A 100 -10.20 11.94 -30.66
N ARG A 101 -11.24 12.35 -31.40
CA ARG A 101 -11.61 11.69 -32.64
C ARG A 101 -11.89 12.75 -33.70
N HIS A 102 -12.12 12.29 -34.92
CA HIS A 102 -12.56 13.18 -35.99
C HIS A 102 -14.06 13.35 -35.81
N GLY A 103 -14.45 14.45 -35.16
CA GLY A 103 -15.80 14.63 -34.72
C GLY A 103 -16.68 15.29 -35.76
N ILE A 104 -17.87 14.73 -35.96
CA ILE A 104 -18.90 15.30 -36.80
C ILE A 104 -20.07 15.66 -35.91
N ALA A 105 -20.32 16.96 -35.74
CA ALA A 105 -21.38 17.48 -34.89
C ALA A 105 -22.60 17.80 -35.76
N VAL A 106 -23.74 17.18 -35.46
CA VAL A 106 -24.96 17.44 -36.21
C VAL A 106 -25.83 18.34 -35.33
N ALA A 107 -25.83 19.63 -35.64
CA ALA A 107 -26.63 20.60 -34.92
C ALA A 107 -27.80 21.03 -35.79
N GLY A 108 -28.70 21.78 -35.15
CA GLY A 108 -29.96 22.15 -35.76
C GLY A 108 -31.08 21.80 -34.80
N THR A 109 -32.21 22.49 -34.91
CA THR A 109 -33.28 22.21 -33.98
C THR A 109 -33.96 20.88 -34.30
N HIS A 110 -34.23 20.62 -35.58
CA HIS A 110 -34.96 19.44 -35.99
C HIS A 110 -34.11 18.58 -36.92
N GLY A 111 -34.23 17.26 -36.79
CA GLY A 111 -33.58 16.35 -37.69
C GLY A 111 -32.21 15.87 -37.25
N LYS A 112 -31.78 16.21 -36.04
CA LYS A 112 -30.46 15.81 -35.59
C LYS A 112 -30.34 14.30 -35.55
N THR A 113 -31.37 13.62 -35.03
CA THR A 113 -31.28 12.18 -34.80
C THR A 113 -31.22 11.41 -36.12
N THR A 114 -32.06 11.78 -37.08
CA THR A 114 -32.09 11.02 -38.33
C THR A 114 -30.84 11.28 -39.16
N THR A 115 -30.36 12.52 -39.17
CA THR A 115 -29.15 12.85 -39.90
C THR A 115 -27.94 12.17 -39.30
N THR A 116 -27.81 12.20 -37.97
CA THR A 116 -26.72 11.46 -37.30
C THR A 116 -26.74 10.00 -37.69
N SER A 117 -27.94 9.41 -37.77
CA SER A 117 -28.05 7.99 -38.11
C SER A 117 -27.73 7.75 -39.59
N LEU A 118 -28.11 8.68 -40.45
CA LEU A 118 -27.82 8.50 -41.88
C LEU A 118 -26.33 8.60 -42.12
N ILE A 119 -25.67 9.55 -41.44
CA ILE A 119 -24.21 9.69 -41.55
C ILE A 119 -23.53 8.42 -41.06
N ALA A 120 -23.91 7.94 -39.86
CA ALA A 120 -23.38 6.68 -39.34
C ALA A 120 -23.59 5.55 -40.34
N SER A 121 -24.76 5.52 -40.98
CA SER A 121 -25.05 4.44 -41.91
C SER A 121 -24.13 4.50 -43.13
N VAL A 122 -23.89 5.70 -43.66
CA VAL A 122 -23.06 5.85 -44.85
C VAL A 122 -21.60 5.57 -44.51
N PHE A 123 -21.12 6.14 -43.40
CA PHE A 123 -19.75 5.87 -43.00
C PHE A 123 -19.55 4.38 -42.76
N ALA A 124 -20.56 3.68 -42.22
CA ALA A 124 -20.42 2.24 -41.99
C ALA A 124 -20.37 1.46 -43.30
N ALA A 125 -21.21 1.84 -44.27
CA ALA A 125 -21.16 1.23 -45.58
C ALA A 125 -19.79 1.41 -46.24
N GLY A 126 -19.06 2.44 -45.85
CA GLY A 126 -17.71 2.68 -46.29
C GLY A 126 -16.64 1.99 -45.46
N GLY A 127 -17.05 1.16 -44.50
CA GLY A 127 -16.12 0.39 -43.69
C GLY A 127 -15.52 1.13 -42.53
N LEU A 128 -16.07 2.28 -42.13
CA LEU A 128 -15.43 3.14 -41.15
C LEU A 128 -15.95 2.93 -39.74
N ASP A 129 -16.96 2.06 -39.56
CA ASP A 129 -17.58 1.64 -38.29
C ASP A 129 -17.65 2.77 -37.25
N PRO A 130 -18.30 3.90 -37.55
CA PRO A 130 -18.22 5.05 -36.65
C PRO A 130 -18.99 4.80 -35.36
N THR A 131 -18.53 5.44 -34.29
CA THR A 131 -19.29 5.59 -33.07
C THR A 131 -20.19 6.82 -33.20
N PHE A 132 -21.44 6.70 -32.77
CA PHE A 132 -22.36 7.82 -32.88
C PHE A 132 -23.24 7.92 -31.65
N VAL A 133 -23.70 9.14 -31.40
CA VAL A 133 -24.44 9.52 -30.21
C VAL A 133 -25.79 10.06 -30.66
N ILE A 134 -26.86 9.38 -30.29
CA ILE A 134 -28.20 9.92 -30.45
C ILE A 134 -28.92 9.79 -29.11
N GLY A 135 -29.57 10.87 -28.68
CA GLY A 135 -30.24 10.86 -27.39
C GLY A 135 -29.32 10.58 -26.22
N GLY A 136 -28.10 11.12 -26.26
CA GLY A 136 -27.14 10.87 -25.21
C GLY A 136 -26.60 9.45 -25.13
N ARG A 137 -26.96 8.55 -26.05
CA ARG A 137 -26.54 7.16 -25.98
C ARG A 137 -25.53 6.88 -27.08
N LEU A 138 -24.36 6.32 -26.69
CA LEU A 138 -23.30 5.98 -27.64
C LEU A 138 -23.58 4.65 -28.32
N ASN A 139 -23.37 4.61 -29.64
CA ASN A 139 -23.67 3.43 -30.45
C ASN A 139 -22.57 3.17 -31.49
N ALA A 140 -22.58 1.95 -32.02
CA ALA A 140 -21.79 1.55 -33.19
C ALA A 140 -22.33 0.21 -33.66
N ALA A 141 -22.12 -0.08 -34.94
CA ALA A 141 -22.82 -1.21 -35.56
C ALA A 141 -22.29 -2.57 -35.10
N GLY A 142 -20.98 -2.67 -34.84
CA GLY A 142 -20.34 -3.96 -34.67
C GLY A 142 -20.17 -4.54 -33.28
N THR A 143 -21.26 -4.58 -32.49
CA THR A 143 -21.42 -5.28 -31.21
C THR A 143 -20.16 -5.59 -30.39
N ASN A 144 -19.23 -6.38 -30.94
CA ASN A 144 -18.14 -6.91 -30.13
C ASN A 144 -17.05 -5.87 -29.82
N ALA A 145 -16.75 -4.97 -30.76
CA ALA A 145 -15.68 -3.98 -30.60
C ALA A 145 -16.07 -2.86 -29.63
N GLN A 146 -15.08 -2.31 -28.94
CA GLN A 146 -15.33 -1.25 -27.97
C GLN A 146 -15.83 0.00 -28.66
N LEU A 147 -16.77 0.70 -28.00
CA LEU A 147 -17.18 2.01 -28.48
C LEU A 147 -15.97 2.93 -28.56
N GLY A 148 -15.93 3.77 -29.58
CA GLY A 148 -14.82 4.68 -29.74
C GLY A 148 -13.65 4.14 -30.54
N ALA A 149 -13.72 2.89 -30.99
CA ALA A 149 -12.59 2.31 -31.72
C ALA A 149 -12.35 3.04 -33.04
N SER A 150 -13.43 3.43 -33.72
CA SER A 150 -13.34 4.11 -34.99
C SER A 150 -12.65 5.46 -34.84
N ARG A 151 -12.04 5.91 -35.94
CA ARG A 151 -11.53 7.27 -36.05
C ARG A 151 -12.64 8.30 -35.87
N TYR A 152 -13.89 7.95 -36.19
CA TYR A 152 -14.96 8.92 -36.36
C TYR A 152 -15.94 8.89 -35.19
N LEU A 153 -16.37 10.07 -34.76
CA LEU A 153 -17.42 10.21 -33.76
C LEU A 153 -18.46 11.20 -34.26
N VAL A 154 -19.68 10.70 -34.51
CA VAL A 154 -20.80 11.50 -35.02
C VAL A 154 -21.76 11.74 -33.88
N ALA A 155 -22.04 13.01 -33.58
CA ALA A 155 -22.87 13.29 -32.41
C ALA A 155 -23.87 14.40 -32.70
N GLU A 156 -25.07 14.24 -32.14
CA GLU A 156 -26.02 15.33 -32.05
C GLU A 156 -25.45 16.46 -31.22
N ALA A 157 -25.66 17.70 -31.69
CA ALA A 157 -25.31 18.89 -30.93
C ALA A 157 -26.60 19.67 -30.65
N ASP A 158 -27.03 19.65 -29.39
CA ASP A 158 -28.30 20.23 -28.97
C ASP A 158 -28.04 21.64 -28.43
N GLU A 159 -28.69 22.64 -29.04
CA GLU A 159 -28.43 24.03 -28.64
C GLU A 159 -28.95 24.35 -27.24
N SER A 160 -29.72 23.45 -26.62
CA SER A 160 -30.18 23.66 -25.25
C SER A 160 -29.33 22.92 -24.23
N ASP A 161 -28.29 22.23 -24.66
CA ASP A 161 -27.40 21.54 -23.75
C ASP A 161 -26.32 22.49 -23.23
N ALA A 162 -25.98 22.36 -21.95
CA ALA A 162 -24.96 23.20 -21.34
C ALA A 162 -23.61 23.11 -22.05
N SER A 163 -23.33 21.99 -22.71
CA SER A 163 -22.03 21.75 -23.33
C SER A 163 -22.03 22.07 -24.83
N PHE A 164 -23.10 22.70 -25.34
CA PHE A 164 -23.19 23.01 -26.76
C PHE A 164 -21.96 23.76 -27.26
N LEU A 165 -21.55 24.80 -26.54
CA LEU A 165 -20.44 25.61 -27.01
C LEU A 165 -19.05 25.04 -26.65
N HIS A 166 -18.99 23.80 -26.14
CA HIS A 166 -17.73 23.15 -25.80
C HIS A 166 -17.45 21.93 -26.64
N LEU A 167 -18.28 21.64 -27.65
CA LEU A 167 -17.92 20.63 -28.63
C LEU A 167 -16.77 21.13 -29.50
N GLN A 168 -15.87 20.23 -29.86
CA GLN A 168 -14.75 20.54 -30.75
C GLN A 168 -14.80 19.63 -31.97
N PRO A 169 -15.75 19.85 -32.87
CA PRO A 169 -15.82 19.03 -34.08
C PRO A 169 -14.82 19.49 -35.13
N MET A 170 -14.57 18.57 -36.07
CA MET A 170 -13.92 18.87 -37.34
C MET A 170 -14.93 19.32 -38.39
N VAL A 171 -16.16 18.79 -38.31
CA VAL A 171 -17.24 19.11 -39.23
C VAL A 171 -18.49 19.38 -38.39
N ALA A 172 -19.25 20.41 -38.77
CA ALA A 172 -20.51 20.71 -38.10
C ALA A 172 -21.60 20.98 -39.12
N VAL A 173 -22.75 20.31 -38.94
CA VAL A 173 -23.96 20.53 -39.73
C VAL A 173 -24.87 21.46 -38.94
N VAL A 174 -25.58 22.34 -39.65
CA VAL A 174 -26.70 23.07 -39.08
C VAL A 174 -27.90 22.83 -40.00
N THR A 175 -28.83 21.98 -39.55
CA THR A 175 -29.99 21.64 -40.38
C THR A 175 -31.01 22.78 -40.44
N ASN A 176 -31.22 23.48 -39.33
CA ASN A 176 -32.21 24.56 -39.23
C ASN A 176 -32.07 25.21 -37.87
N ILE A 177 -32.65 26.41 -37.72
CA ILE A 177 -32.59 27.15 -36.47
C ILE A 177 -34.01 27.56 -36.09
N ASP A 178 -34.60 26.87 -35.14
CA ASP A 178 -35.96 27.15 -34.69
C ASP A 178 -35.91 27.78 -33.29
N ALA A 179 -37.09 28.14 -32.78
CA ALA A 179 -37.21 28.87 -31.52
C ALA A 179 -37.60 27.97 -30.36
N ASP A 180 -37.70 26.66 -30.56
CA ASP A 180 -38.03 25.70 -29.52
C ASP A 180 -37.36 25.99 -28.18
N HIS A 181 -36.05 26.29 -28.19
CA HIS A 181 -35.27 26.44 -26.96
C HIS A 181 -34.88 27.89 -26.71
N MET A 182 -35.76 28.82 -27.05
CA MET A 182 -35.55 30.23 -26.72
C MET A 182 -35.35 30.45 -25.23
N ALA A 183 -35.96 29.62 -24.38
CA ALA A 183 -35.87 29.84 -22.94
C ALA A 183 -34.44 29.67 -22.43
N THR A 184 -33.69 28.74 -23.03
CA THR A 184 -32.27 28.60 -22.74
C THR A 184 -31.53 29.92 -22.92
N TYR A 185 -31.96 30.75 -23.86
CA TYR A 185 -31.26 31.98 -24.18
C TYR A 185 -32.08 33.21 -23.77
N GLY A 186 -32.69 33.14 -22.60
CA GLY A 186 -33.45 34.26 -22.07
C GLY A 186 -34.67 34.60 -22.89
N GLY A 187 -35.28 33.60 -23.52
CA GLY A 187 -36.43 33.84 -24.37
C GLY A 187 -36.20 34.82 -25.51
N ASP A 188 -34.97 34.93 -26.01
CA ASP A 188 -34.66 35.87 -27.10
C ASP A 188 -34.14 35.09 -28.31
N PHE A 189 -34.81 35.26 -29.47
CA PHE A 189 -34.43 34.48 -30.65
C PHE A 189 -33.13 34.97 -31.26
N ASN A 190 -32.88 36.29 -31.20
CA ASN A 190 -31.62 36.84 -31.68
C ASN A 190 -30.42 36.30 -30.88
N LYS A 191 -30.58 36.11 -29.56
CA LYS A 191 -29.52 35.48 -28.78
C LYS A 191 -29.28 34.05 -29.23
N LEU A 192 -30.36 33.33 -29.56
CA LEU A 192 -30.22 31.97 -30.03
C LEU A 192 -29.45 31.92 -31.34
N LYS A 193 -29.79 32.80 -32.29
CA LYS A 193 -29.07 32.86 -33.56
C LYS A 193 -27.58 33.07 -33.35
N LYS A 194 -27.21 33.98 -32.44
CA LYS A 194 -25.81 34.31 -32.20
C LYS A 194 -25.06 33.12 -31.61
N THR A 195 -25.75 32.28 -30.84
CA THR A 195 -25.14 31.06 -30.31
C THR A 195 -24.79 30.07 -31.43
N PHE A 196 -25.59 30.00 -32.49
CA PHE A 196 -25.23 29.10 -33.59
C PHE A 196 -24.02 29.61 -34.34
N VAL A 197 -23.86 30.94 -34.44
CA VAL A 197 -22.64 31.50 -35.01
C VAL A 197 -21.44 31.16 -34.13
N GLU A 198 -21.56 31.40 -32.82
CA GLU A 198 -20.48 31.04 -31.91
C GLU A 198 -20.14 29.55 -32.03
N PHE A 199 -21.16 28.70 -32.15
CA PHE A 199 -20.92 27.27 -32.31
C PHE A 199 -20.10 26.97 -33.56
N LEU A 200 -20.50 27.53 -34.71
CA LEU A 200 -19.76 27.25 -35.93
C LEU A 200 -18.34 27.79 -35.84
N HIS A 201 -18.14 28.87 -35.07
CA HIS A 201 -16.81 29.44 -34.90
C HIS A 201 -15.92 28.59 -33.99
N ASN A 202 -16.46 27.52 -33.38
CA ASN A 202 -15.61 26.55 -32.72
C ASN A 202 -14.99 25.55 -33.67
N LEU A 203 -15.35 25.58 -34.95
CA LEU A 203 -14.58 24.81 -35.92
C LEU A 203 -13.19 25.44 -36.09
N PRO A 204 -12.19 24.63 -36.40
CA PRO A 204 -10.90 25.19 -36.79
C PRO A 204 -10.96 25.68 -38.23
N PHE A 205 -9.99 26.53 -38.59
CA PHE A 205 -9.94 27.06 -39.94
C PHE A 205 -9.93 25.97 -41.00
N TYR A 206 -9.46 24.76 -40.69
CA TYR A 206 -9.50 23.64 -41.63
C TYR A 206 -10.77 22.81 -41.51
N GLY A 207 -11.70 23.20 -40.64
CA GLY A 207 -12.95 22.48 -40.49
C GLY A 207 -13.90 22.75 -41.65
N LEU A 208 -15.10 22.22 -41.51
CA LEU A 208 -16.13 22.41 -42.52
C LEU A 208 -17.47 22.66 -41.85
N ALA A 209 -18.13 23.75 -42.25
CA ALA A 209 -19.51 24.02 -41.87
C ALA A 209 -20.46 23.56 -42.99
N VAL A 210 -21.44 22.73 -42.63
CA VAL A 210 -22.44 22.23 -43.57
C VAL A 210 -23.78 22.89 -43.20
N MET A 211 -24.29 23.72 -44.10
CA MET A 211 -25.36 24.68 -43.79
C MET A 211 -26.54 24.47 -44.72
N CYS A 212 -27.72 24.25 -44.14
CA CYS A 212 -28.93 24.08 -44.93
C CYS A 212 -29.48 25.47 -45.28
N VAL A 213 -29.34 25.89 -46.54
CA VAL A 213 -29.79 27.23 -46.92
C VAL A 213 -31.26 27.28 -47.32
N ASP A 214 -31.99 26.18 -47.24
CA ASP A 214 -33.45 26.24 -47.32
C ASP A 214 -34.08 26.80 -46.04
N ASP A 215 -33.36 26.76 -44.93
CA ASP A 215 -33.81 27.42 -43.71
C ASP A 215 -33.43 28.89 -43.80
N PRO A 216 -34.37 29.81 -43.57
CA PRO A 216 -34.06 31.24 -43.82
C PRO A 216 -33.12 31.81 -42.79
N VAL A 217 -33.12 31.29 -41.57
CA VAL A 217 -32.25 31.81 -40.53
C VAL A 217 -30.82 31.31 -40.72
N VAL A 218 -30.64 30.03 -41.10
CA VAL A 218 -29.32 29.55 -41.49
C VAL A 218 -28.75 30.42 -42.60
N ARG A 219 -29.58 30.72 -43.61
CA ARG A 219 -29.15 31.56 -44.73
C ARG A 219 -28.76 32.96 -44.25
N GLU A 220 -29.45 33.47 -43.22
CA GLU A 220 -29.19 34.82 -42.71
C GLU A 220 -27.81 34.92 -42.07
N ILE A 221 -27.43 33.92 -41.26
CA ILE A 221 -26.13 33.99 -40.57
C ILE A 221 -24.97 33.49 -41.40
N LEU A 222 -25.23 32.92 -42.58
CA LEU A 222 -24.17 32.41 -43.45
C LEU A 222 -23.03 33.40 -43.67
N PRO A 223 -23.26 34.66 -44.04
CA PRO A 223 -22.12 35.55 -44.31
C PRO A 223 -21.27 35.86 -43.08
N GLN A 224 -21.74 35.50 -41.87
CA GLN A 224 -20.95 35.68 -40.65
C GLN A 224 -19.97 34.54 -40.39
N ILE A 225 -20.02 33.46 -41.16
CA ILE A 225 -19.25 32.27 -40.83
C ILE A 225 -17.91 32.39 -41.56
N ALA A 226 -16.83 32.53 -40.79
CA ALA A 226 -15.49 32.66 -41.35
C ALA A 226 -14.78 31.32 -41.30
N ARG A 227 -15.42 30.30 -41.87
CA ARG A 227 -14.94 28.94 -41.88
C ARG A 227 -15.37 28.33 -43.21
N PRO A 228 -14.63 27.34 -43.71
CA PRO A 228 -15.04 26.71 -44.98
C PRO A 228 -16.46 26.16 -44.87
N THR A 229 -17.26 26.42 -45.90
CA THR A 229 -18.70 26.18 -45.86
C THR A 229 -19.16 25.51 -47.16
N VAL A 230 -20.04 24.51 -47.02
CA VAL A 230 -20.78 23.94 -48.14
C VAL A 230 -22.26 24.05 -47.79
N THR A 231 -23.03 24.65 -48.67
CA THR A 231 -24.47 24.79 -48.47
C THR A 231 -25.19 23.65 -49.16
N TYR A 232 -26.36 23.29 -48.63
CA TYR A 232 -27.21 22.29 -49.25
C TYR A 232 -28.67 22.67 -49.08
N GLY A 233 -29.50 22.07 -49.90
CA GLY A 233 -30.93 22.24 -49.81
C GLY A 233 -31.57 21.99 -51.17
N LEU A 234 -32.88 22.20 -51.21
CA LEU A 234 -33.60 22.23 -52.48
C LEU A 234 -33.42 23.54 -53.22
N SER A 235 -33.00 24.62 -52.53
CA SER A 235 -32.79 25.90 -53.17
C SER A 235 -31.89 25.77 -54.39
N GLU A 236 -32.20 26.57 -55.42
CA GLU A 236 -31.49 26.48 -56.70
C GLU A 236 -30.04 26.95 -56.58
N ASP A 237 -29.75 27.84 -55.62
CA ASP A 237 -28.40 28.35 -55.43
C ASP A 237 -27.57 27.56 -54.40
N ALA A 238 -28.04 26.42 -53.91
CA ALA A 238 -27.24 25.65 -52.96
C ALA A 238 -26.11 24.88 -53.66
N ASP A 239 -24.99 24.68 -52.94
CA ASP A 239 -23.86 23.92 -53.50
C ASP A 239 -24.24 22.47 -53.80
N VAL A 240 -24.92 21.81 -52.87
CA VAL A 240 -25.36 20.43 -53.07
C VAL A 240 -26.89 20.42 -53.00
N ARG A 241 -27.51 19.95 -54.10
CA ARG A 241 -28.94 20.13 -54.32
C ARG A 241 -29.60 18.82 -54.73
N ALA A 242 -30.88 18.70 -54.40
CA ALA A 242 -31.72 17.60 -54.84
C ALA A 242 -32.67 18.09 -55.93
N ILE A 243 -32.76 17.33 -57.03
CA ILE A 243 -33.71 17.59 -58.11
C ILE A 243 -34.40 16.28 -58.47
N ASN A 244 -35.45 16.39 -59.26
CA ASN A 244 -36.20 15.24 -59.78
C ASN A 244 -36.63 14.29 -58.67
N ILE A 245 -37.14 14.85 -57.57
CA ILE A 245 -37.62 14.05 -56.47
C ILE A 245 -38.85 13.27 -56.91
N ARG A 246 -38.91 11.99 -56.60
CA ARG A 246 -40.05 11.18 -56.99
CA ARG A 246 -40.05 11.17 -57.00
C ARG A 246 -40.22 10.06 -55.97
N GLN A 247 -41.28 9.29 -56.14
CA GLN A 247 -41.58 8.21 -55.23
C GLN A 247 -41.81 6.91 -55.97
N GLU A 248 -41.36 5.82 -55.36
CA GLU A 248 -41.72 4.45 -55.73
C GLU A 248 -42.00 3.79 -54.37
N GLY A 249 -43.27 3.80 -53.96
CA GLY A 249 -43.66 3.26 -52.67
C GLY A 249 -43.33 4.15 -51.50
N MET A 250 -42.84 3.56 -50.40
CA MET A 250 -42.35 4.31 -49.25
C MET A 250 -40.92 4.83 -49.45
N ARG A 251 -40.35 4.59 -50.63
CA ARG A 251 -39.00 5.02 -50.94
C ARG A 251 -39.05 6.33 -51.72
N THR A 252 -38.14 7.25 -51.39
CA THR A 252 -37.98 8.47 -52.14
C THR A 252 -36.72 8.41 -52.97
N TRP A 253 -36.84 8.73 -54.26
CA TRP A 253 -35.71 8.82 -55.17
C TRP A 253 -35.44 10.28 -55.48
N PHE A 254 -34.15 10.62 -55.62
CA PHE A 254 -33.81 11.92 -56.16
C PHE A 254 -32.39 11.89 -56.71
N THR A 255 -32.07 12.92 -57.47
CA THR A 255 -30.75 13.14 -58.06
C THR A 255 -30.07 14.23 -57.26
N VAL A 256 -28.87 13.95 -56.76
CA VAL A 256 -28.11 14.94 -56.00
C VAL A 256 -27.05 15.53 -56.93
N LEU A 257 -26.99 16.86 -56.97
CA LEU A 257 -26.00 17.59 -57.73
C LEU A 257 -24.92 18.09 -56.79
N ARG A 258 -23.66 17.91 -57.19
CA ARG A 258 -22.52 18.28 -56.36
C ARG A 258 -21.51 19.02 -57.22
N PRO A 259 -20.81 20.02 -56.66
CA PRO A 259 -19.78 20.72 -57.45
C PRO A 259 -18.73 19.75 -57.97
N GLU A 260 -18.36 19.92 -59.24
CA GLU A 260 -17.28 19.16 -59.89
C GLU A 260 -17.53 17.66 -59.87
N ARG A 261 -18.80 17.24 -59.82
CA ARG A 261 -19.14 15.82 -59.88
C ARG A 261 -20.34 15.62 -60.79
N GLU A 262 -20.47 14.41 -61.31
CA GLU A 262 -21.60 14.06 -62.15
C GLU A 262 -22.85 13.87 -61.29
N PRO A 263 -24.03 14.12 -61.85
CA PRO A 263 -25.27 13.85 -61.09
C PRO A 263 -25.32 12.41 -60.60
N LEU A 264 -25.81 12.23 -59.38
CA LEU A 264 -25.81 10.93 -58.74
C LEU A 264 -27.23 10.60 -58.29
N ASP A 265 -27.75 9.46 -58.74
CA ASP A 265 -29.08 9.03 -58.36
C ASP A 265 -29.02 8.24 -57.05
N VAL A 266 -29.99 8.51 -56.20
CA VAL A 266 -29.93 8.15 -54.80
C VAL A 266 -31.36 7.91 -54.34
N SER A 267 -31.53 7.02 -53.36
CA SER A 267 -32.83 6.80 -52.78
C SER A 267 -32.70 6.62 -51.28
N VAL A 268 -33.76 6.96 -50.57
CA VAL A 268 -33.84 6.78 -49.12
C VAL A 268 -35.21 6.18 -48.82
N ASN A 269 -35.28 5.34 -47.78
CA ASN A 269 -36.49 4.59 -47.49
C ASN A 269 -37.33 5.27 -46.42
N MET A 270 -37.51 6.59 -46.53
CA MET A 270 -38.34 7.38 -45.62
C MET A 270 -38.93 8.50 -46.46
N PRO A 271 -40.19 8.87 -46.24
CA PRO A 271 -40.83 9.91 -47.05
C PRO A 271 -40.54 11.30 -46.52
N GLY A 272 -40.92 12.29 -47.33
CA GLY A 272 -40.90 13.69 -46.94
C GLY A 272 -39.65 14.45 -47.33
N LEU A 273 -39.82 15.72 -47.72
CA LEU A 273 -38.64 16.53 -48.06
C LEU A 273 -37.67 16.66 -46.91
N HIS A 274 -38.13 16.50 -45.67
CA HIS A 274 -37.21 16.63 -44.55
C HIS A 274 -36.21 15.47 -44.55
N ASN A 275 -36.59 14.32 -45.10
CA ASN A 275 -35.63 13.24 -45.25
C ASN A 275 -34.79 13.36 -46.51
N VAL A 276 -35.28 14.07 -47.53
CA VAL A 276 -34.39 14.47 -48.63
C VAL A 276 -33.29 15.37 -48.07
N LEU A 277 -33.66 16.28 -47.17
CA LEU A 277 -32.69 17.21 -46.59
C LEU A 277 -31.71 16.48 -45.67
N ASN A 278 -32.21 15.56 -44.84
CA ASN A 278 -31.31 14.74 -44.02
C ASN A 278 -30.29 14.01 -44.88
N SER A 279 -30.70 13.55 -46.05
CA SER A 279 -29.80 12.83 -46.95
C SER A 279 -28.78 13.76 -47.57
N LEU A 280 -29.21 14.97 -47.95
CA LEU A 280 -28.27 15.92 -48.53
C LEU A 280 -27.17 16.28 -47.55
N ALA A 281 -27.54 16.56 -46.30
CA ALA A 281 -26.53 16.83 -45.27
C ALA A 281 -25.53 15.68 -45.19
N THR A 282 -26.04 14.45 -45.17
CA THR A 282 -25.21 13.25 -45.18
C THR A 282 -24.30 13.19 -46.40
N ILE A 283 -24.88 13.40 -47.59
CA ILE A 283 -24.10 13.35 -48.83
C ILE A 283 -22.97 14.37 -48.78
N VAL A 284 -23.22 15.57 -48.22
CA VAL A 284 -22.15 16.57 -48.18
C VAL A 284 -21.00 16.09 -47.29
N ILE A 285 -21.32 15.54 -46.13
CA ILE A 285 -20.31 15.08 -45.17
CA ILE A 285 -20.27 15.13 -45.21
C ILE A 285 -19.49 13.94 -45.77
N ALA A 286 -20.19 12.97 -46.36
CA ALA A 286 -19.53 11.80 -46.92
C ALA A 286 -18.68 12.17 -48.12
N THR A 287 -19.17 13.08 -48.95
CA THR A 287 -18.40 13.54 -50.11
C THR A 287 -17.11 14.23 -49.68
N ASP A 288 -17.22 15.18 -48.76
CA ASP A 288 -16.05 15.91 -48.29
C ASP A 288 -15.04 14.97 -47.64
N GLU A 289 -15.51 13.89 -47.01
CA GLU A 289 -14.65 12.89 -46.40
C GLU A 289 -14.03 11.93 -47.42
N GLY A 290 -14.48 11.95 -48.68
CA GLY A 290 -13.90 11.06 -49.67
C GLY A 290 -14.55 9.70 -49.79
N ILE A 291 -15.73 9.49 -49.21
CA ILE A 291 -16.41 8.21 -49.32
C ILE A 291 -16.97 8.02 -50.72
N SER A 292 -16.98 6.78 -51.19
CA SER A 292 -17.37 6.50 -52.57
C SER A 292 -18.86 6.71 -52.79
N ASP A 293 -19.23 6.86 -54.07
CA ASP A 293 -20.64 6.94 -54.45
C ASP A 293 -21.38 5.66 -54.07
N GLU A 294 -20.71 4.51 -54.18
CA GLU A 294 -21.34 3.23 -53.86
CA GLU A 294 -21.37 3.25 -53.87
C GLU A 294 -21.69 3.14 -52.39
N ALA A 295 -20.79 3.62 -51.52
CA ALA A 295 -21.05 3.55 -50.09
C ALA A 295 -22.11 4.58 -49.70
N ILE A 296 -22.14 5.72 -50.38
CA ILE A 296 -23.20 6.70 -50.18
C ILE A 296 -24.54 6.10 -50.57
N VAL A 297 -24.61 5.46 -51.75
CA VAL A 297 -25.86 4.90 -52.24
C VAL A 297 -26.31 3.75 -51.34
N GLN A 298 -25.37 2.92 -50.91
CA GLN A 298 -25.74 1.79 -50.07
C GLN A 298 -26.14 2.24 -48.66
N GLY A 299 -25.40 3.18 -48.09
CA GLY A 299 -25.75 3.65 -46.74
C GLY A 299 -27.12 4.31 -46.69
N LEU A 300 -27.46 5.10 -47.71
CA LEU A 300 -28.75 5.80 -47.69
C LEU A 300 -29.92 4.86 -47.93
N SER A 301 -29.78 3.92 -48.87
CA SER A 301 -30.93 3.09 -49.24
C SER A 301 -31.14 1.94 -48.28
N GLY A 302 -30.09 1.47 -47.63
CA GLY A 302 -30.20 0.40 -46.67
C GLY A 302 -30.57 0.86 -45.28
N PHE A 303 -30.92 2.15 -45.12
CA PHE A 303 -31.24 2.69 -43.82
C PHE A 303 -32.70 2.41 -43.48
N GLN A 304 -32.94 1.69 -42.38
CA GLN A 304 -34.29 1.29 -42.01
C GLN A 304 -35.10 2.45 -41.43
N HIS B 1 7.74 -22.55 45.33
CA HIS B 1 8.92 -22.11 46.07
C HIS B 1 8.96 -20.59 46.16
N ARG B 2 9.19 -20.05 47.35
CA ARG B 2 9.08 -18.61 47.57
C ARG B 2 10.27 -17.96 48.27
N ARG B 3 11.11 -18.71 48.99
CA ARG B 3 12.27 -18.13 49.65
C ARG B 3 13.55 -18.74 49.10
N ILE B 4 14.42 -17.89 48.55
CA ILE B 4 15.69 -18.32 47.99
C ILE B 4 16.82 -17.83 48.89
N HIS B 5 17.73 -18.75 49.25
CA HIS B 5 18.85 -18.46 50.14
C HIS B 5 20.17 -18.54 49.39
N PHE B 6 20.93 -17.43 49.40
CA PHE B 6 22.22 -17.35 48.71
C PHE B 6 23.33 -17.59 49.72
N VAL B 7 24.17 -18.59 49.46
CA VAL B 7 25.35 -18.84 50.28
C VAL B 7 26.51 -18.04 49.69
N GLY B 8 26.94 -17.00 50.39
CA GLY B 8 27.91 -16.07 49.83
C GLY B 8 27.26 -14.99 48.97
N ILE B 9 26.21 -14.36 49.51
CA ILE B 9 25.37 -13.45 48.74
C ILE B 9 26.11 -12.17 48.34
N GLY B 10 27.15 -11.78 49.09
CA GLY B 10 27.90 -10.60 48.72
C GLY B 10 28.81 -10.79 47.53
N GLY B 11 29.09 -12.03 47.16
CA GLY B 11 30.02 -12.33 46.09
C GLY B 11 29.64 -11.71 44.75
N ALA B 12 30.61 -11.79 43.83
CA ALA B 12 30.60 -10.97 42.61
C ALA B 12 29.35 -11.20 41.77
N GLY B 13 29.05 -12.45 41.41
CA GLY B 13 27.88 -12.69 40.61
C GLY B 13 26.62 -13.09 41.35
N MET B 14 26.63 -13.07 42.68
CA MET B 14 25.47 -13.49 43.47
C MET B 14 24.52 -12.34 43.78
N CYS B 15 25.06 -11.18 44.13
CA CYS B 15 24.24 -10.07 44.61
C CYS B 15 23.26 -9.60 43.55
N GLY B 16 23.68 -9.59 42.28
CA GLY B 16 22.79 -9.16 41.22
C GLY B 16 21.62 -10.11 41.01
N ILE B 17 21.87 -11.42 41.12
CA ILE B 17 20.77 -12.39 41.01
C ILE B 17 19.79 -12.21 42.14
N ALA B 18 20.30 -11.99 43.35
CA ALA B 18 19.43 -11.78 44.50
C ALA B 18 18.59 -10.52 44.33
N GLU B 19 19.17 -9.47 43.73
CA GLU B 19 18.42 -8.24 43.50
C GLU B 19 17.26 -8.47 42.54
N VAL B 20 17.51 -9.16 41.42
CA VAL B 20 16.45 -9.42 40.45
C VAL B 20 15.34 -10.26 41.08
N LEU B 21 15.71 -11.25 41.91
CA LEU B 21 14.68 -12.06 42.58
C LEU B 21 13.86 -11.23 43.56
N LEU B 22 14.50 -10.26 44.22
CA LEU B 22 13.72 -9.32 45.02
C LEU B 22 12.78 -8.52 44.15
N ASN B 23 13.28 -8.01 43.02
CA ASN B 23 12.43 -7.26 42.11
C ASN B 23 11.26 -8.08 41.62
N LEU B 24 11.45 -9.39 41.45
CA LEU B 24 10.39 -10.30 41.01
C LEU B 24 9.42 -10.65 42.11
N GLY B 25 9.65 -10.21 43.35
CA GLY B 25 8.72 -10.47 44.44
C GLY B 25 9.01 -11.70 45.29
N TYR B 26 10.15 -12.36 45.09
CA TYR B 26 10.51 -13.47 45.96
C TYR B 26 11.01 -12.96 47.30
N GLU B 27 10.98 -13.85 48.30
CA GLU B 27 11.68 -13.62 49.55
C GLU B 27 13.12 -14.10 49.38
N VAL B 28 14.07 -13.23 49.74
CA VAL B 28 15.47 -13.52 49.47
C VAL B 28 16.25 -13.37 50.76
N SER B 29 16.99 -14.41 51.13
CA SER B 29 17.94 -14.36 52.23
C SER B 29 19.31 -14.74 51.71
N GLY B 30 20.33 -14.45 52.49
CA GLY B 30 21.68 -14.75 52.09
C GLY B 30 22.65 -14.63 53.23
N SER B 31 23.77 -15.35 53.14
CA SER B 31 24.81 -15.27 54.15
C SER B 31 26.11 -14.80 53.50
N ASP B 32 26.98 -14.21 54.31
CA ASP B 32 28.32 -13.86 53.88
C ASP B 32 29.20 -13.71 55.11
N LEU B 33 30.52 -13.78 54.89
CA LEU B 33 31.45 -13.67 55.99
C LEU B 33 31.56 -12.23 56.49
N LYS B 34 31.48 -11.26 55.59
CA LYS B 34 31.65 -9.85 55.90
C LYS B 34 30.44 -9.05 55.42
N ALA B 35 29.87 -8.24 56.29
CA ALA B 35 28.94 -7.21 55.85
C ALA B 35 29.67 -6.20 54.98
N SER B 36 28.94 -5.63 54.02
CA SER B 36 29.53 -4.69 53.08
C SER B 36 28.42 -3.79 52.53
N ALA B 37 28.81 -2.86 51.68
CA ALA B 37 27.82 -1.99 51.03
C ALA B 37 26.90 -2.80 50.13
N VAL B 38 27.40 -3.88 49.53
CA VAL B 38 26.57 -4.73 48.68
C VAL B 38 25.50 -5.45 49.50
N THR B 39 25.84 -5.97 50.67
CA THR B 39 24.81 -6.57 51.52
C THR B 39 23.88 -5.52 52.14
N GLU B 40 24.36 -4.29 52.33
CA GLU B 40 23.50 -3.24 52.86
C GLU B 40 22.44 -2.83 51.84
N ARG B 41 22.84 -2.71 50.57
CA ARG B 41 21.86 -2.40 49.52
C ARG B 41 20.81 -3.51 49.41
N LEU B 42 21.25 -4.77 49.48
CA LEU B 42 20.30 -5.88 49.40
C LEU B 42 19.33 -5.85 50.58
N GLU B 43 19.81 -5.51 51.77
CA GLU B 43 18.93 -5.41 52.92
C GLU B 43 17.96 -4.24 52.79
N LYS B 44 18.45 -3.09 52.30
CA LYS B 44 17.56 -1.97 52.02
C LYS B 44 16.44 -2.39 51.06
N PHE B 45 16.73 -3.28 50.11
CA PHE B 45 15.74 -3.74 49.14
C PHE B 45 14.91 -4.91 49.64
N GLY B 46 15.12 -5.37 50.87
CA GLY B 46 14.26 -6.40 51.45
C GLY B 46 14.90 -7.76 51.71
N ALA B 47 16.17 -7.96 51.35
CA ALA B 47 16.82 -9.23 51.66
C ALA B 47 17.15 -9.33 53.14
N GLN B 48 17.06 -10.54 53.67
CA GLN B 48 17.50 -10.84 55.03
C GLN B 48 18.92 -11.36 54.96
N ILE B 49 19.84 -10.67 55.65
CA ILE B 49 21.27 -10.95 55.57
C ILE B 49 21.73 -11.61 56.86
N PHE B 50 22.50 -12.68 56.74
CA PHE B 50 23.17 -13.31 57.85
C PHE B 50 24.67 -13.12 57.68
N ILE B 51 25.36 -12.82 58.78
CA ILE B 51 26.82 -12.76 58.80
C ILE B 51 27.35 -14.05 59.40
N GLY B 52 28.33 -14.64 58.75
CA GLY B 52 28.79 -15.96 59.12
C GLY B 52 27.92 -17.06 58.54
N HIS B 53 28.48 -18.25 58.49
CA HIS B 53 27.81 -19.43 57.95
C HIS B 53 27.42 -20.34 59.10
N GLN B 54 26.14 -20.70 59.17
CA GLN B 54 25.67 -21.57 60.23
C GLN B 54 24.35 -22.17 59.78
N ALA B 55 24.06 -23.37 60.28
CA ALA B 55 23.00 -24.19 59.71
C ALA B 55 21.65 -23.48 59.75
N GLU B 56 21.36 -22.76 60.83
CA GLU B 56 20.06 -22.11 60.96
C GLU B 56 19.82 -21.05 59.89
N ASN B 57 20.87 -20.54 59.24
CA ASN B 57 20.67 -19.53 58.21
C ASN B 57 19.81 -20.04 57.06
N ALA B 58 19.89 -21.34 56.76
CA ALA B 58 19.18 -21.95 55.65
C ALA B 58 17.75 -22.33 55.99
N ASP B 59 17.28 -22.07 57.21
CA ASP B 59 15.96 -22.50 57.62
C ASP B 59 14.89 -21.71 56.88
N GLY B 60 13.82 -22.40 56.49
CA GLY B 60 12.77 -21.80 55.71
C GLY B 60 13.03 -21.70 54.22
N ALA B 61 14.27 -21.88 53.78
CA ALA B 61 14.62 -21.73 52.37
C ALA B 61 14.01 -22.85 51.54
N ASP B 62 13.50 -22.50 50.37
CA ASP B 62 13.00 -23.49 49.43
C ASP B 62 14.04 -23.89 48.40
N VAL B 63 15.05 -23.05 48.17
CA VAL B 63 16.17 -23.39 47.30
C VAL B 63 17.40 -22.67 47.83
N LEU B 64 18.57 -23.31 47.71
CA LEU B 64 19.84 -22.68 48.03
C LEU B 64 20.60 -22.35 46.75
N VAL B 65 21.24 -21.19 46.70
CA VAL B 65 22.10 -20.83 45.58
C VAL B 65 23.53 -20.73 46.11
N VAL B 66 24.47 -21.41 45.43
CA VAL B 66 25.86 -21.40 45.83
C VAL B 66 26.71 -20.86 44.68
N SER B 67 27.77 -20.13 45.04
CA SER B 67 28.54 -19.38 44.06
C SER B 67 29.43 -20.30 43.23
N SER B 68 30.37 -20.96 43.89
CA SER B 68 31.28 -21.88 43.19
C SER B 68 30.60 -23.23 43.01
N ALA B 69 31.24 -24.30 43.48
CA ALA B 69 30.69 -25.64 43.45
C ALA B 69 30.01 -25.97 44.77
N ILE B 70 29.36 -27.14 44.80
CA ILE B 70 28.74 -27.61 46.03
C ILE B 70 29.84 -27.97 47.02
N ASN B 71 29.69 -27.49 48.26
CA ASN B 71 30.70 -27.66 49.30
C ASN B 71 29.99 -28.26 50.51
N ARG B 72 30.04 -29.59 50.64
CA ARG B 72 29.39 -30.27 51.75
C ARG B 72 29.92 -29.80 53.11
N ALA B 73 31.07 -29.13 53.13
CA ALA B 73 31.62 -28.64 54.39
C ALA B 73 30.87 -27.42 54.90
N ASN B 74 30.31 -26.60 54.01
CA ASN B 74 29.52 -25.47 54.48
C ASN B 74 28.32 -25.98 55.25
N PRO B 75 28.03 -25.43 56.44
CA PRO B 75 26.90 -25.95 57.22
C PRO B 75 25.55 -25.66 56.60
N GLU B 76 25.40 -24.51 55.93
CA GLU B 76 24.12 -24.20 55.28
C GLU B 76 23.85 -25.18 54.16
N VAL B 77 24.87 -25.50 53.38
CA VAL B 77 24.70 -26.42 52.26
C VAL B 77 24.41 -27.82 52.78
N ALA B 78 25.18 -28.27 53.77
CA ALA B 78 24.99 -29.62 54.31
C ALA B 78 23.62 -29.77 54.94
N SER B 79 23.12 -28.72 55.59
CA SER B 79 21.79 -28.78 56.19
C SER B 79 20.71 -28.81 55.12
N ALA B 80 20.90 -28.09 54.00
CA ALA B 80 19.92 -28.15 52.93
C ALA B 80 19.89 -29.54 52.29
N LEU B 81 21.07 -30.14 52.05
CA LEU B 81 21.11 -31.46 51.44
C LEU B 81 20.40 -32.49 52.31
N GLU B 82 20.57 -32.40 53.63
CA GLU B 82 19.97 -33.36 54.54
C GLU B 82 18.45 -33.21 54.60
N ARG B 83 17.90 -32.08 54.15
CA ARG B 83 16.46 -31.90 54.12
C ARG B 83 15.90 -31.96 52.71
N ARG B 84 16.70 -32.45 51.75
CA ARG B 84 16.30 -32.57 50.34
C ARG B 84 15.79 -31.24 49.78
N ILE B 85 16.45 -30.15 50.18
CA ILE B 85 16.20 -28.83 49.59
C ILE B 85 17.20 -28.63 48.46
N PRO B 86 16.73 -28.33 47.25
CA PRO B 86 17.66 -28.29 46.11
C PRO B 86 18.68 -27.17 46.26
N VAL B 87 19.87 -27.45 45.76
CA VAL B 87 21.00 -26.53 45.77
C VAL B 87 21.38 -26.33 44.31
N VAL B 88 21.13 -25.14 43.78
CA VAL B 88 21.40 -24.89 42.38
C VAL B 88 22.63 -24.01 42.26
N PRO B 89 23.47 -24.23 41.26
CA PRO B 89 24.62 -23.34 41.07
C PRO B 89 24.16 -21.95 40.62
N ARG B 90 25.03 -20.97 40.89
CA ARG B 90 24.76 -19.58 40.53
C ARG B 90 24.39 -19.44 39.05
N ALA B 91 25.12 -20.13 38.17
CA ALA B 91 24.89 -19.97 36.74
C ALA B 91 23.51 -20.45 36.31
N GLU B 92 22.96 -21.46 36.99
CA GLU B 92 21.61 -21.92 36.63
C GLU B 92 20.54 -20.93 37.05
N MET B 93 20.68 -20.31 38.23
CA MET B 93 19.72 -19.31 38.65
C MET B 93 19.79 -18.09 37.75
N LEU B 94 21.01 -17.67 37.40
CA LEU B 94 21.17 -16.60 36.43
C LEU B 94 20.42 -16.94 35.15
N ALA B 95 20.60 -18.15 34.62
CA ALA B 95 19.96 -18.48 33.36
C ALA B 95 18.45 -18.46 33.46
N GLU B 96 17.89 -18.80 34.64
CA GLU B 96 16.44 -18.85 34.78
C GLU B 96 15.78 -17.48 34.86
N LEU B 97 16.55 -16.40 35.12
CA LEU B 97 15.91 -15.10 35.20
C LEU B 97 15.21 -14.75 33.89
N MET B 98 15.67 -15.32 32.77
CA MET B 98 15.06 -15.03 31.46
C MET B 98 13.62 -15.49 31.34
N ARG B 99 13.20 -16.47 32.15
CA ARG B 99 11.81 -16.93 32.10
C ARG B 99 10.83 -15.83 32.48
N TYR B 100 11.28 -14.82 33.24
CA TYR B 100 10.41 -13.78 33.75
C TYR B 100 10.41 -12.54 32.91
N ARG B 101 11.24 -12.46 31.87
CA ARG B 101 11.40 -11.21 31.15
C ARG B 101 11.41 -11.50 29.67
N HIS B 102 11.46 -10.44 28.86
CA HIS B 102 11.65 -10.57 27.42
C HIS B 102 13.14 -10.79 27.19
N GLY B 103 13.55 -12.06 27.06
CA GLY B 103 14.96 -12.40 27.05
C GLY B 103 15.57 -12.29 25.66
N ILE B 104 16.75 -11.68 25.59
CA ILE B 104 17.58 -11.64 24.39
C ILE B 104 18.89 -12.33 24.74
N ALA B 105 19.12 -13.50 24.15
CA ALA B 105 20.33 -14.28 24.38
C ALA B 105 21.31 -14.00 23.24
N VAL B 106 22.51 -13.57 23.60
CA VAL B 106 23.56 -13.29 22.63
C VAL B 106 24.52 -14.47 22.68
N ALA B 107 24.39 -15.36 21.72
CA ALA B 107 25.21 -16.56 21.65
C ALA B 107 26.22 -16.40 20.54
N GLY B 108 27.16 -17.34 20.51
CA GLY B 108 28.26 -17.31 19.56
C GLY B 108 29.56 -17.34 20.31
N THR B 109 30.63 -17.86 19.68
CA THR B 109 31.90 -17.98 20.39
C THR B 109 32.53 -16.60 20.64
N HIS B 110 32.54 -15.72 19.63
CA HIS B 110 33.24 -14.45 19.71
C HIS B 110 32.28 -13.27 19.54
N GLY B 111 32.50 -12.20 20.29
CA GLY B 111 31.72 -10.99 20.16
C GLY B 111 30.51 -10.87 21.07
N LYS B 112 30.32 -11.80 22.02
CA LYS B 112 29.12 -11.78 22.86
C LYS B 112 29.12 -10.58 23.78
N THR B 113 30.27 -10.27 24.41
CA THR B 113 30.34 -9.17 25.35
C THR B 113 30.04 -7.84 24.68
N THR B 114 30.66 -7.58 23.54
CA THR B 114 30.45 -6.30 22.86
C THR B 114 29.05 -6.20 22.30
N THR B 115 28.53 -7.28 21.71
CA THR B 115 27.19 -7.22 21.13
C THR B 115 26.14 -7.02 22.20
N THR B 116 26.28 -7.71 23.35
CA THR B 116 25.36 -7.50 24.47
C THR B 116 25.37 -6.06 24.92
N SER B 117 26.56 -5.47 25.08
CA SER B 117 26.63 -4.08 25.53
C SER B 117 26.05 -3.13 24.49
N LEU B 118 26.25 -3.44 23.20
CA LEU B 118 25.69 -2.59 22.16
C LEU B 118 24.17 -2.65 22.17
N ILE B 119 23.62 -3.83 22.40
CA ILE B 119 22.16 -3.98 22.47
C ILE B 119 21.62 -3.20 23.66
N ALA B 120 22.27 -3.33 24.82
CA ALA B 120 21.90 -2.53 25.98
C ALA B 120 21.97 -1.05 25.68
N SER B 121 23.03 -0.64 24.98
CA SER B 121 23.21 0.78 24.69
C SER B 121 22.11 1.31 23.79
N VAL B 122 21.66 0.51 22.82
CA VAL B 122 20.61 0.95 21.91
C VAL B 122 19.24 0.91 22.61
N PHE B 123 18.95 -0.19 23.31
CA PHE B 123 17.72 -0.25 24.08
C PHE B 123 17.64 0.87 25.10
N ALA B 124 18.75 1.19 25.77
CA ALA B 124 18.74 2.31 26.73
C ALA B 124 18.43 3.63 26.04
N ALA B 125 18.98 3.84 24.84
CA ALA B 125 18.70 5.08 24.11
C ALA B 125 17.24 5.18 23.70
N GLY B 126 16.58 4.05 23.50
CA GLY B 126 15.14 4.06 23.31
C GLY B 126 14.35 4.15 24.60
N GLY B 127 15.00 4.47 25.72
CA GLY B 127 14.32 4.64 26.99
C GLY B 127 13.87 3.35 27.68
N LEU B 128 14.45 2.19 27.34
CA LEU B 128 13.98 0.92 27.90
C LEU B 128 14.82 0.36 29.05
N ASP B 129 15.92 1.04 29.43
CA ASP B 129 16.78 0.72 30.57
C ASP B 129 16.93 -0.79 30.83
N PRO B 130 17.41 -1.57 29.86
CA PRO B 130 17.42 -3.03 30.05
C PRO B 130 18.41 -3.44 31.14
N THR B 131 18.11 -4.58 31.78
CA THR B 131 19.12 -5.29 32.55
C THR B 131 19.92 -6.21 31.62
N PHE B 132 21.24 -6.25 31.79
CA PHE B 132 22.07 -7.06 30.91
C PHE B 132 23.17 -7.76 31.69
N VAL B 133 23.62 -8.89 31.15
CA VAL B 133 24.59 -9.79 31.80
C VAL B 133 25.81 -9.90 30.90
N ILE B 134 26.96 -9.52 31.44
CA ILE B 134 28.25 -9.73 30.78
C ILE B 134 29.21 -10.30 31.83
N GLY B 135 29.86 -11.41 31.50
CA GLY B 135 30.76 -12.07 32.45
C GLY B 135 30.08 -12.62 33.69
N GLY B 136 28.81 -13.01 33.57
CA GLY B 136 28.09 -13.44 34.76
C GLY B 136 27.66 -12.33 35.69
N ARG B 137 27.79 -11.07 35.30
CA ARG B 137 27.46 -9.96 36.20
C ARG B 137 26.28 -9.17 35.63
N LEU B 138 25.25 -8.99 36.45
CA LEU B 138 24.06 -8.23 36.01
C LEU B 138 24.31 -6.73 36.13
N ASN B 139 23.83 -5.98 35.14
CA ASN B 139 24.07 -4.55 35.01
C ASN B 139 22.81 -3.87 34.50
N ALA B 140 22.70 -2.57 34.79
CA ALA B 140 21.72 -1.66 34.21
C ALA B 140 22.24 -0.24 34.42
N ALA B 141 21.96 0.64 33.44
CA ALA B 141 22.61 1.94 33.44
C ALA B 141 22.19 2.82 34.62
N GLY B 142 20.94 2.72 35.08
CA GLY B 142 20.37 3.68 36.01
C GLY B 142 20.54 3.43 37.50
N THR B 143 21.77 3.10 37.93
CA THR B 143 22.24 2.95 39.32
C THR B 143 21.21 2.69 40.42
N ASN B 144 20.24 3.58 40.63
CA ASN B 144 19.42 3.49 41.84
C ASN B 144 18.28 2.47 41.72
N ALA B 145 17.72 2.27 40.53
CA ALA B 145 16.62 1.34 40.34
C ALA B 145 17.09 -0.11 40.52
N GLN B 146 16.17 -0.99 40.90
CA GLN B 146 16.50 -2.39 41.11
C GLN B 146 16.81 -3.07 39.78
N LEU B 147 17.88 -3.86 39.76
CA LEU B 147 18.09 -4.73 38.61
C LEU B 147 16.84 -5.55 38.35
N GLY B 148 16.58 -5.80 37.07
CA GLY B 148 15.40 -6.54 36.66
C GLY B 148 14.16 -5.71 36.42
N ALA B 149 14.21 -4.40 36.68
CA ALA B 149 12.99 -3.61 36.58
C ALA B 149 12.49 -3.52 35.15
N SER B 150 13.40 -3.48 34.19
CA SER B 150 13.02 -3.40 32.79
C SER B 150 12.29 -4.66 32.34
N ARG B 151 11.48 -4.51 31.31
CA ARG B 151 10.90 -5.66 30.61
C ARG B 151 11.97 -6.54 29.98
N TYR B 152 13.16 -6.01 29.72
CA TYR B 152 14.14 -6.62 28.85
C TYR B 152 15.29 -7.16 29.69
N LEU B 153 15.70 -8.39 29.39
CA LEU B 153 16.92 -8.97 29.94
C LEU B 153 17.79 -9.42 28.76
N VAL B 154 18.97 -8.83 28.61
CA VAL B 154 19.91 -9.15 27.54
C VAL B 154 21.08 -9.90 28.16
N ALA B 155 21.34 -11.12 27.72
CA ALA B 155 22.38 -11.92 28.36
C ALA B 155 23.27 -12.63 27.35
N GLU B 156 24.56 -12.69 27.63
CA GLU B 156 25.39 -13.50 26.78
C GLU B 156 25.13 -14.96 27.10
N ALA B 157 25.21 -15.79 26.07
CA ALA B 157 24.92 -17.21 26.20
C ALA B 157 26.16 -17.96 25.78
N ASP B 158 26.84 -18.57 26.74
CA ASP B 158 28.13 -19.24 26.53
C ASP B 158 27.91 -20.74 26.33
N GLU B 159 28.29 -21.25 25.15
CA GLU B 159 28.11 -22.67 24.86
C GLU B 159 28.94 -23.58 25.77
N SER B 160 29.88 -23.05 26.53
CA SER B 160 30.60 -23.91 27.47
C SER B 160 29.93 -23.97 28.83
N ASP B 161 28.79 -23.30 29.00
CA ASP B 161 28.13 -23.22 30.29
C ASP B 161 27.11 -24.34 30.45
N ALA B 162 27.13 -24.99 31.61
CA ALA B 162 26.18 -26.06 31.92
C ALA B 162 24.72 -25.68 31.66
N SER B 163 24.36 -24.40 31.74
CA SER B 163 22.97 -23.99 31.59
C SER B 163 22.61 -23.49 30.18
N PHE B 164 23.52 -23.64 29.22
CA PHE B 164 23.30 -23.15 27.86
C PHE B 164 21.95 -23.56 27.32
N LEU B 165 21.62 -24.84 27.39
CA LEU B 165 20.38 -25.36 26.84
C LEU B 165 19.16 -25.15 27.77
N HIS B 166 19.31 -24.36 28.83
CA HIS B 166 18.19 -24.05 29.73
C HIS B 166 17.75 -22.60 29.61
N LEU B 167 18.40 -21.80 28.77
CA LEU B 167 17.93 -20.47 28.51
C LEU B 167 16.61 -20.53 27.77
N GLN B 168 15.68 -19.66 28.16
CA GLN B 168 14.39 -19.52 27.49
C GLN B 168 14.27 -18.11 26.93
N PRO B 169 15.04 -17.79 25.88
CA PRO B 169 14.98 -16.45 25.32
C PRO B 169 13.81 -16.27 24.37
N MET B 170 13.42 -15.01 24.17
CA MET B 170 12.49 -14.67 23.10
CA MET B 170 12.49 -14.63 23.11
C MET B 170 13.22 -14.40 21.79
N VAL B 171 14.48 -13.97 21.86
CA VAL B 171 15.32 -13.67 20.72
C VAL B 171 16.71 -14.20 21.04
N ALA B 172 17.36 -14.80 20.06
CA ALA B 172 18.68 -15.36 20.22
C ALA B 172 19.53 -14.94 19.03
N VAL B 173 20.74 -14.44 19.29
CA VAL B 173 21.74 -14.17 18.27
C VAL B 173 22.73 -15.31 18.27
N VAL B 174 23.21 -15.69 17.09
CA VAL B 174 24.41 -16.51 16.97
C VAL B 174 25.39 -15.73 16.10
N THR B 175 26.45 -15.20 16.74
CA THR B 175 27.46 -14.39 16.06
C THR B 175 28.38 -15.25 15.19
N ASN B 176 28.78 -16.42 15.68
CA ASN B 176 29.70 -17.34 15.00
C ASN B 176 29.78 -18.60 15.83
N ILE B 177 30.26 -19.68 15.20
CA ILE B 177 30.48 -20.95 15.88
C ILE B 177 31.93 -21.35 15.64
N ASP B 178 32.75 -21.18 16.66
CA ASP B 178 34.17 -21.56 16.62
C ASP B 178 34.38 -22.76 17.54
N ALA B 179 35.63 -23.24 17.58
CA ALA B 179 36.00 -24.50 18.20
C ALA B 179 36.61 -24.32 19.58
N ASP B 180 36.66 -23.09 20.10
CA ASP B 180 37.26 -22.82 21.40
C ASP B 180 36.83 -23.82 22.47
N HIS B 181 35.53 -24.16 22.53
CA HIS B 181 34.96 -24.97 23.61
C HIS B 181 34.60 -26.39 23.17
N MET B 182 35.36 -26.96 22.23
CA MET B 182 35.13 -28.33 21.82
C MET B 182 35.28 -29.31 22.99
N ALA B 183 36.12 -28.98 23.98
CA ALA B 183 36.29 -29.86 25.14
C ALA B 183 34.97 -30.12 25.87
N THR B 184 34.09 -29.11 25.93
CA THR B 184 32.78 -29.30 26.55
C THR B 184 31.97 -30.37 25.84
N TYR B 185 32.25 -30.63 24.56
CA TYR B 185 31.44 -31.53 23.76
C TYR B 185 32.28 -32.71 23.27
N GLY B 186 33.14 -33.22 24.13
CA GLY B 186 33.93 -34.40 23.80
C GLY B 186 34.97 -34.14 22.73
N GLY B 187 35.44 -32.91 22.62
CA GLY B 187 36.34 -32.54 21.55
C GLY B 187 35.80 -32.81 20.16
N ASP B 188 34.48 -32.74 19.94
CA ASP B 188 33.90 -33.05 18.64
C ASP B 188 33.17 -31.82 18.11
N PHE B 189 33.66 -31.26 16.99
CA PHE B 189 33.07 -30.04 16.48
C PHE B 189 31.65 -30.27 15.98
N ASN B 190 31.36 -31.44 15.43
CA ASN B 190 30.00 -31.72 14.97
C ASN B 190 29.00 -31.76 16.12
N LYS B 191 29.39 -32.28 17.29
CA LYS B 191 28.50 -32.20 18.46
C LYS B 191 28.28 -30.76 18.88
N LEU B 192 29.33 -29.94 18.80
CA LEU B 192 29.20 -28.55 19.17
C LEU B 192 28.22 -27.84 18.24
N LYS B 193 28.28 -28.13 16.93
CA LYS B 193 27.33 -27.55 15.98
C LYS B 193 25.90 -27.96 16.30
N LYS B 194 25.70 -29.25 16.63
CA LYS B 194 24.35 -29.74 16.95
C LYS B 194 23.76 -29.01 18.15
N THR B 195 24.60 -28.70 19.14
CA THR B 195 24.16 -27.96 20.30
C THR B 195 23.68 -26.55 19.97
N PHE B 196 24.28 -25.87 18.98
CA PHE B 196 23.72 -24.56 18.62
C PHE B 196 22.36 -24.70 17.96
N VAL B 197 22.13 -25.79 17.25
CA VAL B 197 20.81 -26.03 16.69
C VAL B 197 19.81 -26.28 17.83
N GLU B 198 20.18 -27.14 18.77
CA GLU B 198 19.30 -27.40 19.91
CA GLU B 198 19.31 -27.41 19.92
C GLU B 198 19.04 -26.12 20.68
N PHE B 199 20.07 -25.29 20.84
CA PHE B 199 19.90 -23.99 21.51
C PHE B 199 18.88 -23.13 20.78
N LEU B 200 18.99 -23.04 19.46
CA LEU B 200 18.06 -22.20 18.71
C LEU B 200 16.63 -22.76 18.77
N HIS B 201 16.48 -24.07 18.91
CA HIS B 201 15.15 -24.68 18.99
C HIS B 201 14.48 -24.49 20.34
N ASN B 202 15.18 -23.88 21.32
CA ASN B 202 14.52 -23.44 22.54
C ASN B 202 13.76 -22.13 22.38
N LEU B 203 13.93 -21.43 21.25
CA LEU B 203 13.04 -20.33 20.97
C LEU B 203 11.62 -20.84 20.76
N PRO B 204 10.61 -20.09 21.15
CA PRO B 204 9.24 -20.43 20.78
C PRO B 204 9.02 -20.15 19.30
N PHE B 205 7.94 -20.71 18.76
CA PHE B 205 7.63 -20.48 17.35
C PHE B 205 7.45 -18.99 17.04
N TYR B 206 7.11 -18.16 18.02
CA TYR B 206 7.04 -16.72 17.81
C TYR B 206 8.38 -16.03 18.11
N GLY B 207 9.43 -16.78 18.40
CA GLY B 207 10.74 -16.22 18.69
C GLY B 207 11.41 -15.67 17.43
N LEU B 208 12.68 -15.26 17.59
CA LEU B 208 13.47 -14.81 16.45
C LEU B 208 14.91 -15.28 16.61
N ALA B 209 15.44 -15.94 15.59
CA ALA B 209 16.85 -16.28 15.50
C ALA B 209 17.52 -15.25 14.60
N VAL B 210 18.59 -14.65 15.11
CA VAL B 210 19.38 -13.65 14.39
C VAL B 210 20.74 -14.31 14.12
N MET B 211 21.04 -14.53 12.84
CA MET B 211 22.09 -15.44 12.41
C MET B 211 23.11 -14.69 11.56
N CYS B 212 24.38 -14.77 11.95
CA CYS B 212 25.42 -14.16 11.13
C CYS B 212 25.79 -15.11 10.00
N VAL B 213 25.35 -14.84 8.77
CA VAL B 213 25.67 -15.74 7.66
C VAL B 213 27.03 -15.47 7.05
N ASP B 214 27.77 -14.48 7.56
CA ASP B 214 29.18 -14.37 7.19
C ASP B 214 30.02 -15.48 7.79
N ASP B 215 29.49 -16.17 8.79
CA ASP B 215 30.16 -17.32 9.39
C ASP B 215 29.74 -18.58 8.63
N PRO B 216 30.70 -19.35 8.11
CA PRO B 216 30.30 -20.49 7.27
C PRO B 216 29.56 -21.57 8.05
N VAL B 217 29.87 -21.73 9.33
CA VAL B 217 29.20 -22.76 10.12
C VAL B 217 27.77 -22.36 10.47
N VAL B 218 27.55 -21.07 10.79
CA VAL B 218 26.19 -20.58 11.00
C VAL B 218 25.37 -20.72 9.74
N ARG B 219 25.96 -20.36 8.60
CA ARG B 219 25.30 -20.55 7.30
C ARG B 219 24.97 -22.01 7.07
N GLU B 220 25.83 -22.91 7.55
CA GLU B 220 25.63 -24.34 7.30
C GLU B 220 24.42 -24.87 8.07
N ILE B 221 24.24 -24.47 9.33
CA ILE B 221 23.13 -25.01 10.11
C ILE B 221 21.83 -24.27 9.87
N LEU B 222 21.87 -23.15 9.16
CA LEU B 222 20.69 -22.33 8.93
C LEU B 222 19.48 -23.10 8.40
N PRO B 223 19.61 -23.98 7.39
CA PRO B 223 18.44 -24.76 6.94
C PRO B 223 17.84 -25.66 8.00
N GLN B 224 18.51 -25.87 9.13
CA GLN B 224 17.96 -26.70 10.19
C GLN B 224 17.07 -25.95 11.15
N ILE B 225 17.04 -24.62 11.11
CA ILE B 225 16.38 -23.83 12.14
C ILE B 225 14.92 -23.69 11.71
N ALA B 226 14.01 -24.27 12.49
CA ALA B 226 12.59 -24.19 12.19
C ALA B 226 11.92 -23.10 13.01
N ARG B 227 12.50 -21.92 12.99
CA ARG B 227 12.05 -20.77 13.76
C ARG B 227 12.23 -19.55 12.86
N PRO B 228 11.42 -18.50 13.05
CA PRO B 228 11.64 -17.25 12.31
C PRO B 228 13.08 -16.78 12.44
N THR B 229 13.69 -16.43 11.32
CA THR B 229 15.11 -16.13 11.22
C THR B 229 15.31 -14.81 10.48
N VAL B 230 16.27 -14.01 10.94
CA VAL B 230 16.77 -12.89 10.15
C VAL B 230 18.28 -13.03 10.09
N THR B 231 18.85 -12.97 8.88
CA THR B 231 20.29 -13.15 8.71
C THR B 231 20.96 -11.80 8.59
N TYR B 232 22.23 -11.73 8.95
CA TYR B 232 22.95 -10.48 8.81
C TYR B 232 24.41 -10.75 8.46
N GLY B 233 25.06 -9.72 7.93
CA GLY B 233 26.48 -9.79 7.68
C GLY B 233 26.88 -8.85 6.56
N LEU B 234 28.14 -9.01 6.13
CA LEU B 234 28.61 -8.36 4.92
C LEU B 234 28.20 -9.10 3.65
N SER B 235 27.85 -10.39 3.76
CA SER B 235 27.36 -11.17 2.62
C SER B 235 26.26 -10.42 1.88
N GLU B 236 26.33 -10.45 0.55
CA GLU B 236 25.39 -9.72 -0.27
C GLU B 236 24.01 -10.36 -0.27
N ASP B 237 23.91 -11.63 0.12
CA ASP B 237 22.62 -12.30 0.25
C ASP B 237 22.03 -12.23 1.67
N ALA B 238 22.66 -11.53 2.62
CA ALA B 238 22.10 -11.44 3.96
C ALA B 238 20.90 -10.49 4.00
N ASP B 239 19.95 -10.74 4.92
CA ASP B 239 18.77 -9.88 5.05
C ASP B 239 19.16 -8.46 5.46
N VAL B 240 20.08 -8.34 6.41
CA VAL B 240 20.49 -7.05 6.94
C VAL B 240 22.00 -6.95 6.72
N ARG B 241 22.43 -5.95 5.95
CA ARG B 241 23.78 -5.88 5.42
C ARG B 241 24.39 -4.52 5.70
N ALA B 242 25.71 -4.48 5.79
CA ALA B 242 26.48 -3.24 5.79
C ALA B 242 27.14 -3.04 4.43
N ILE B 243 27.15 -1.79 3.96
CA ILE B 243 27.88 -1.40 2.75
C ILE B 243 28.54 -0.05 3.02
N ASN B 244 29.40 0.36 2.10
CA ASN B 244 30.05 1.67 2.11
C ASN B 244 30.72 1.92 3.46
N ILE B 245 31.51 0.95 3.87
CA ILE B 245 32.23 1.04 5.14
C ILE B 245 33.39 2.01 4.96
N ARG B 246 33.52 2.94 5.91
CA ARG B 246 34.61 3.91 5.85
CA ARG B 246 34.54 3.99 5.85
C ARG B 246 35.05 4.26 7.25
N GLN B 247 36.09 5.09 7.32
CA GLN B 247 36.68 5.51 8.58
C GLN B 247 36.85 7.01 8.60
N GLU B 248 36.59 7.59 9.77
CA GLU B 248 36.94 8.98 10.09
C GLU B 248 37.54 8.90 11.49
N GLY B 249 38.84 8.63 11.55
CA GLY B 249 39.51 8.46 12.82
C GLY B 249 39.33 7.06 13.37
N MET B 250 39.05 6.94 14.67
CA MET B 250 38.74 5.65 15.28
C MET B 250 37.28 5.25 15.07
N ARG B 251 36.53 6.07 14.34
CA ARG B 251 35.11 5.84 14.11
C ARG B 251 34.90 5.17 12.77
N THR B 252 34.07 4.12 12.77
CA THR B 252 33.68 3.43 11.54
C THR B 252 32.27 3.82 11.17
N TRP B 253 32.09 4.27 9.93
CA TRP B 253 30.78 4.58 9.39
C TRP B 253 30.39 3.50 8.40
N PHE B 254 29.10 3.24 8.31
CA PHE B 254 28.61 2.39 7.23
C PHE B 254 27.11 2.63 7.06
N THR B 255 26.60 2.14 5.95
CA THR B 255 25.18 2.17 5.64
C THR B 255 24.63 0.77 5.88
N VAL B 256 23.54 0.68 6.65
CA VAL B 256 22.89 -0.60 6.90
C VAL B 256 21.64 -0.67 6.03
N LEU B 257 21.49 -1.78 5.32
CA LEU B 257 20.32 -2.04 4.50
C LEU B 257 19.41 -3.02 5.21
N ARG B 258 18.11 -2.76 5.20
CA ARG B 258 17.16 -3.58 5.93
C ARG B 258 15.94 -3.84 5.05
N PRO B 259 15.35 -5.02 5.13
CA PRO B 259 14.13 -5.30 4.37
C PRO B 259 13.08 -4.23 4.62
N GLU B 260 12.46 -3.77 3.53
CA GLU B 260 11.32 -2.84 3.59
C GLU B 260 11.65 -1.56 4.36
N ARG B 261 12.93 -1.17 4.45
CA ARG B 261 13.31 0.10 5.04
C ARG B 261 14.26 0.84 4.12
N GLU B 262 14.39 2.14 4.36
CA GLU B 262 15.36 2.95 3.63
C GLU B 262 16.76 2.71 4.17
N PRO B 263 17.79 2.93 3.36
CA PRO B 263 19.17 2.82 3.87
C PRO B 263 19.40 3.77 5.02
N LEU B 264 20.11 3.30 6.04
CA LEU B 264 20.39 4.07 7.24
C LEU B 264 21.90 4.12 7.50
N ASP B 265 22.43 5.34 7.63
CA ASP B 265 23.84 5.56 7.95
C ASP B 265 24.03 5.51 9.44
N VAL B 266 24.99 4.72 9.89
CA VAL B 266 25.30 4.62 11.31
C VAL B 266 26.80 4.77 11.47
N SER B 267 27.21 4.98 12.71
CA SER B 267 28.62 4.95 13.05
C SER B 267 28.78 4.29 14.40
N VAL B 268 29.89 3.60 14.56
CA VAL B 268 30.28 2.98 15.82
C VAL B 268 31.69 3.46 16.12
N ASN B 269 31.98 3.71 17.40
CA ASN B 269 33.27 4.30 17.78
C ASN B 269 34.28 3.23 18.15
N MET B 270 34.35 2.14 17.38
CA MET B 270 35.35 1.10 17.50
C MET B 270 35.69 0.63 16.09
N PRO B 271 36.93 0.21 15.85
CA PRO B 271 37.33 -0.20 14.51
C PRO B 271 37.09 -1.68 14.25
N GLY B 272 37.15 -2.03 12.96
CA GLY B 272 37.21 -3.42 12.56
C GLY B 272 35.87 -3.95 12.08
N LEU B 273 35.94 -4.94 11.19
CA LEU B 273 34.70 -5.51 10.67
C LEU B 273 33.94 -6.27 11.74
N HIS B 274 34.64 -6.83 12.73
CA HIS B 274 33.95 -7.55 13.79
C HIS B 274 33.02 -6.62 14.57
N ASN B 275 33.37 -5.33 14.69
CA ASN B 275 32.46 -4.37 15.31
C ASN B 275 31.39 -3.84 14.36
N VAL B 276 31.61 -3.89 13.05
CA VAL B 276 30.50 -3.72 12.11
C VAL B 276 29.50 -4.87 12.28
N LEU B 277 30.01 -6.09 12.45
CA LEU B 277 29.12 -7.23 12.66
C LEU B 277 28.40 -7.16 14.03
N ASN B 278 29.10 -6.78 15.10
CA ASN B 278 28.39 -6.60 16.37
C ASN B 278 27.28 -5.56 16.23
N SER B 279 27.52 -4.55 15.41
CA SER B 279 26.53 -3.49 15.22
C SER B 279 25.35 -3.99 14.43
N LEU B 280 25.61 -4.83 13.41
CA LEU B 280 24.54 -5.36 12.58
C LEU B 280 23.59 -6.24 13.38
N ALA B 281 24.14 -7.09 14.26
CA ALA B 281 23.31 -7.94 15.13
C ALA B 281 22.41 -7.07 16.00
N THR B 282 22.99 -6.03 16.59
CA THR B 282 22.26 -5.06 17.40
C THR B 282 21.14 -4.42 16.61
N ILE B 283 21.46 -3.93 15.41
CA ILE B 283 20.47 -3.30 14.56
C ILE B 283 19.34 -4.26 14.23
N VAL B 284 19.65 -5.54 13.97
CA VAL B 284 18.57 -6.50 13.71
C VAL B 284 17.64 -6.58 14.93
N ILE B 285 18.23 -6.77 16.11
CA ILE B 285 17.44 -6.90 17.34
C ILE B 285 16.57 -5.67 17.55
N ALA B 286 17.17 -4.49 17.42
CA ALA B 286 16.46 -3.26 17.71
C ALA B 286 15.37 -2.99 16.68
N THR B 287 15.64 -3.32 15.42
CA THR B 287 14.64 -3.13 14.37
C THR B 287 13.41 -4.00 14.62
N ASP B 288 13.65 -5.27 14.91
CA ASP B 288 12.55 -6.19 15.16
C ASP B 288 11.76 -5.80 16.41
N GLU B 289 12.42 -5.20 17.40
CA GLU B 289 11.73 -4.73 18.60
C GLU B 289 10.92 -3.45 18.37
N GLY B 290 11.07 -2.79 17.22
CA GLY B 290 10.35 -1.55 16.99
C GLY B 290 11.06 -0.28 17.44
N ILE B 291 12.35 -0.35 17.76
CA ILE B 291 13.07 0.83 18.24
C ILE B 291 13.36 1.77 17.07
N SER B 292 13.36 3.08 17.36
CA SER B 292 13.46 4.08 16.30
C SER B 292 14.87 4.14 15.72
N ASP B 293 14.95 4.67 14.48
CA ASP B 293 16.24 4.92 13.86
C ASP B 293 17.13 5.81 14.72
N GLU B 294 16.53 6.84 15.33
CA GLU B 294 17.30 7.79 16.12
CA GLU B 294 17.31 7.78 16.11
C GLU B 294 17.90 7.13 17.35
N ALA B 295 17.16 6.24 18.01
CA ALA B 295 17.71 5.53 19.16
C ALA B 295 18.80 4.55 18.73
N ILE B 296 18.63 3.92 17.56
CA ILE B 296 19.68 3.04 17.03
C ILE B 296 20.95 3.84 16.75
N VAL B 297 20.82 4.93 15.99
CA VAL B 297 21.97 5.81 15.72
C VAL B 297 22.61 6.26 17.04
N GLN B 298 21.79 6.72 17.98
CA GLN B 298 22.36 7.25 19.22
C GLN B 298 23.01 6.14 20.06
N GLY B 299 22.39 4.97 20.17
CA GLY B 299 22.99 3.89 20.94
C GLY B 299 24.32 3.40 20.36
N LEU B 300 24.37 3.20 19.04
CA LEU B 300 25.62 2.78 18.38
C LEU B 300 26.70 3.85 18.51
N SER B 301 26.33 5.11 18.25
CA SER B 301 27.33 6.17 18.12
C SER B 301 27.93 6.54 19.47
N GLY B 302 27.12 6.54 20.52
CA GLY B 302 27.61 6.93 21.82
C GLY B 302 28.16 5.80 22.66
N PHE B 303 28.38 4.63 22.07
CA PHE B 303 28.97 3.53 22.81
C PHE B 303 30.48 3.69 22.84
N GLN B 304 31.04 3.85 24.03
CA GLN B 304 32.49 4.08 24.15
C GLN B 304 33.27 2.78 23.96
N GLY B 305 33.16 1.87 24.94
CA GLY B 305 33.81 0.57 24.87
C GLY B 305 33.31 -0.35 25.96
N HIS C 1 -5.27 -7.71 51.11
CA HIS C 1 -6.40 -8.40 51.72
C HIS C 1 -6.69 -9.70 50.98
N ARG C 2 -6.60 -10.83 51.69
CA ARG C 2 -6.54 -12.13 51.04
C ARG C 2 -7.62 -13.11 51.45
N ARG C 3 -8.30 -12.91 52.58
CA ARG C 3 -9.33 -13.84 53.05
C ARG C 3 -10.68 -13.13 53.16
N ILE C 4 -11.67 -13.64 52.44
CA ILE C 4 -13.02 -13.08 52.39
C ILE C 4 -13.98 -14.03 53.08
N HIS C 5 -14.82 -13.48 53.96
CA HIS C 5 -15.74 -14.25 54.77
C HIS C 5 -17.16 -13.82 54.48
N PHE C 6 -17.99 -14.78 54.04
CA PHE C 6 -19.37 -14.55 53.67
C PHE C 6 -20.29 -14.97 54.82
N VAL C 7 -21.09 -14.03 55.32
CA VAL C 7 -22.11 -14.35 56.33
C VAL C 7 -23.39 -14.72 55.59
N GLY C 8 -23.76 -16.01 55.64
CA GLY C 8 -24.87 -16.50 54.85
C GLY C 8 -24.42 -16.95 53.47
N ILE C 9 -23.28 -17.65 53.42
CA ILE C 9 -22.63 -18.00 52.15
C ILE C 9 -23.48 -18.94 51.30
N GLY C 10 -24.42 -19.68 51.91
CA GLY C 10 -25.29 -20.50 51.11
C GLY C 10 -26.39 -19.76 50.38
N GLY C 11 -26.59 -18.49 50.71
CA GLY C 11 -27.61 -17.68 50.07
C GLY C 11 -27.53 -17.66 48.56
N ALA C 12 -28.64 -17.33 47.91
CA ALA C 12 -28.74 -17.45 46.46
C ALA C 12 -27.75 -16.53 45.75
N GLY C 13 -27.60 -15.30 46.25
CA GLY C 13 -26.65 -14.42 45.60
C GLY C 13 -25.25 -14.45 46.18
N MET C 14 -25.01 -15.28 47.18
CA MET C 14 -23.73 -15.28 47.87
C MET C 14 -22.79 -16.39 47.37
N CYS C 15 -23.31 -17.59 47.15
CA CYS C 15 -22.47 -18.72 46.76
C CYS C 15 -21.74 -18.44 45.47
N GLY C 16 -22.41 -17.79 44.52
CA GLY C 16 -21.76 -17.55 43.24
C GLY C 16 -20.57 -16.62 43.35
N ILE C 17 -20.73 -15.54 44.12
CA ILE C 17 -19.61 -14.62 44.37
C ILE C 17 -18.45 -15.36 45.02
N ALA C 18 -18.75 -16.15 46.05
CA ALA C 18 -17.72 -16.91 46.75
C ALA C 18 -17.00 -17.87 45.79
N GLU C 19 -17.75 -18.49 44.87
CA GLU C 19 -17.13 -19.37 43.88
C GLU C 19 -16.16 -18.59 43.00
N VAL C 20 -16.56 -17.41 42.50
CA VAL C 20 -15.68 -16.63 41.62
C VAL C 20 -14.43 -16.21 42.37
N LEU C 21 -14.57 -15.81 43.64
CA LEU C 21 -13.39 -15.41 44.42
C LEU C 21 -12.43 -16.58 44.60
N LEU C 22 -12.96 -17.79 44.85
CA LEU C 22 -12.14 -18.99 44.84
C LEU C 22 -11.39 -19.13 43.53
N ASN C 23 -12.08 -18.86 42.41
CA ASN C 23 -11.45 -19.06 41.11
C ASN C 23 -10.35 -18.03 40.88
N LEU C 24 -10.47 -16.86 41.51
CA LEU C 24 -9.47 -15.81 41.43
C LEU C 24 -8.28 -16.06 42.35
N GLY C 25 -8.33 -17.08 43.20
CA GLY C 25 -7.22 -17.43 44.05
C GLY C 25 -7.29 -16.91 45.48
N TYR C 26 -8.42 -16.35 45.89
CA TYR C 26 -8.55 -15.84 47.26
C TYR C 26 -8.87 -16.97 48.23
N GLU C 27 -8.55 -16.74 49.50
CA GLU C 27 -9.08 -17.57 50.57
C GLU C 27 -10.52 -17.14 50.85
N VAL C 28 -11.43 -18.11 50.89
CA VAL C 28 -12.84 -17.82 51.06
C VAL C 28 -13.36 -18.67 52.21
N SER C 29 -14.00 -18.02 53.17
CA SER C 29 -14.74 -18.69 54.22
C SER C 29 -16.16 -18.16 54.22
N GLY C 30 -17.04 -18.91 54.87
CA GLY C 30 -18.42 -18.49 54.96
C GLY C 30 -19.17 -19.25 56.04
N SER C 31 -20.18 -18.61 56.61
CA SER C 31 -21.04 -19.24 57.58
C SER C 31 -22.45 -19.36 57.00
N ASP C 32 -23.19 -20.34 57.51
CA ASP C 32 -24.58 -20.54 57.10
C ASP C 32 -25.32 -21.31 58.18
N LEU C 33 -26.63 -21.09 58.27
CA LEU C 33 -27.40 -21.80 59.29
C LEU C 33 -27.61 -23.27 58.92
N LYS C 34 -27.59 -23.59 57.63
CA LYS C 34 -27.91 -24.93 57.16
C LYS C 34 -26.89 -25.39 56.12
N ALA C 35 -26.28 -26.55 56.35
CA ALA C 35 -25.42 -27.14 55.34
C ALA C 35 -26.24 -27.58 54.14
N SER C 36 -25.67 -27.44 52.95
CA SER C 36 -26.41 -27.68 51.73
C SER C 36 -25.47 -28.24 50.67
N ALA C 37 -26.06 -28.69 49.56
CA ALA C 37 -25.25 -29.09 48.42
C ALA C 37 -24.50 -27.91 47.82
N VAL C 38 -25.02 -26.69 48.03
CA VAL C 38 -24.29 -25.48 47.65
C VAL C 38 -23.05 -25.30 48.52
N THR C 39 -23.18 -25.49 49.84
CA THR C 39 -22.00 -25.37 50.71
C THR C 39 -21.05 -26.55 50.54
N GLU C 40 -21.55 -27.71 50.10
CA GLU C 40 -20.65 -28.80 49.79
C GLU C 40 -19.85 -28.51 48.55
N ARG C 41 -20.49 -27.93 47.53
CA ARG C 41 -19.77 -27.55 46.32
C ARG C 41 -18.67 -26.55 46.66
N LEU C 42 -19.02 -25.53 47.45
CA LEU C 42 -18.03 -24.52 47.81
C LEU C 42 -16.86 -25.13 48.58
N GLU C 43 -17.16 -26.03 49.53
CA GLU C 43 -16.11 -26.69 50.30
C GLU C 43 -15.22 -27.54 49.41
N LYS C 44 -15.82 -28.29 48.48
CA LYS C 44 -15.05 -29.04 47.49
C LYS C 44 -14.12 -28.13 46.69
N PHE C 45 -14.54 -26.89 46.44
CA PHE C 45 -13.73 -25.94 45.67
C PHE C 45 -12.74 -25.16 46.52
N GLY C 46 -12.69 -25.40 47.83
CA GLY C 46 -11.69 -24.76 48.69
C GLY C 46 -12.25 -23.84 49.76
N ALA C 47 -13.54 -23.57 49.84
CA ALA C 47 -14.03 -22.67 50.88
C ALA C 47 -14.08 -23.38 52.24
N GLN C 48 -13.73 -22.65 53.30
CA GLN C 48 -13.95 -23.13 54.66
C GLN C 48 -15.35 -22.75 55.11
N ILE C 49 -16.19 -23.75 55.38
CA ILE C 49 -17.59 -23.53 55.72
C ILE C 49 -17.80 -23.74 57.21
N PHE C 50 -18.41 -22.76 57.86
CA PHE C 50 -18.85 -22.87 59.25
C PHE C 50 -20.37 -22.94 59.26
N ILE C 51 -20.92 -23.84 60.08
CA ILE C 51 -22.36 -23.90 60.30
C ILE C 51 -22.65 -23.23 61.63
N GLY C 52 -23.58 -22.28 61.62
CA GLY C 52 -23.82 -21.46 62.80
C GLY C 52 -23.02 -20.18 62.77
N HIS C 53 -23.55 -19.17 63.46
CA HIS C 53 -22.98 -17.82 63.47
C HIS C 53 -22.37 -17.54 64.84
N GLN C 54 -21.05 -17.74 64.96
CA GLN C 54 -20.30 -17.38 66.16
C GLN C 54 -19.15 -16.47 65.77
N ALA C 55 -18.86 -15.49 66.63
CA ALA C 55 -17.85 -14.46 66.32
C ALA C 55 -16.52 -15.05 65.88
N GLU C 56 -16.20 -16.25 66.36
CA GLU C 56 -14.92 -16.87 66.01
C GLU C 56 -14.82 -17.20 64.52
N ASN C 57 -15.95 -17.25 63.82
CA ASN C 57 -15.93 -17.56 62.39
C ASN C 57 -15.30 -16.45 61.56
N ALA C 58 -15.30 -15.22 62.06
CA ALA C 58 -14.78 -14.07 61.34
C ALA C 58 -13.29 -13.84 61.59
N ASP C 59 -12.67 -14.65 62.43
CA ASP C 59 -11.25 -14.47 62.71
C ASP C 59 -10.43 -14.72 61.44
N GLY C 60 -9.38 -13.91 61.27
CA GLY C 60 -8.54 -14.00 60.10
C GLY C 60 -9.11 -13.37 58.85
N ALA C 61 -10.39 -13.02 58.84
CA ALA C 61 -11.00 -12.46 57.64
C ALA C 61 -10.54 -11.03 57.43
N ASP C 62 -10.13 -10.71 56.21
CA ASP C 62 -9.75 -9.36 55.83
C ASP C 62 -10.95 -8.50 55.41
N VAL C 63 -12.06 -9.13 55.05
CA VAL C 63 -13.28 -8.42 54.66
C VAL C 63 -14.44 -9.35 54.92
N LEU C 64 -15.59 -8.78 55.28
CA LEU C 64 -16.81 -9.55 55.41
C LEU C 64 -17.80 -9.14 54.33
N VAL C 65 -18.58 -10.11 53.86
CA VAL C 65 -19.67 -9.87 52.93
C VAL C 65 -20.95 -10.36 53.56
N VAL C 66 -22.00 -9.53 53.50
CA VAL C 66 -23.30 -9.83 54.09
C VAL C 66 -24.36 -9.68 53.01
N SER C 67 -25.50 -10.36 53.22
CA SER C 67 -26.56 -10.40 52.22
C SER C 67 -27.13 -9.02 51.92
N SER C 68 -27.35 -8.20 52.95
CA SER C 68 -27.99 -6.91 52.75
C SER C 68 -27.41 -5.81 53.63
N ALA C 69 -28.02 -5.59 54.80
CA ALA C 69 -27.70 -4.47 55.67
C ALA C 69 -27.10 -4.98 56.97
N ILE C 70 -25.97 -4.37 57.36
CA ILE C 70 -25.12 -4.70 58.51
C ILE C 70 -25.76 -5.70 59.48
N ASN C 71 -26.70 -5.23 60.31
CA ASN C 71 -27.35 -6.03 61.35
C ASN C 71 -26.33 -6.50 62.39
N ARG C 72 -26.05 -5.65 63.37
CA ARG C 72 -25.13 -5.98 64.45
C ARG C 72 -25.64 -7.10 65.35
N ALA C 73 -26.85 -7.61 65.12
CA ALA C 73 -27.32 -8.76 65.88
C ALA C 73 -26.44 -9.97 65.62
N ASN C 74 -25.98 -10.14 64.39
CA ASN C 74 -25.11 -11.25 64.05
C ASN C 74 -23.74 -11.05 64.68
N PRO C 75 -23.25 -12.01 65.47
CA PRO C 75 -21.98 -11.77 66.19
C PRO C 75 -20.77 -11.63 65.28
N GLU C 76 -20.68 -12.43 64.21
CA GLU C 76 -19.58 -12.30 63.26
C GLU C 76 -19.47 -10.86 62.75
N VAL C 77 -20.62 -10.26 62.41
CA VAL C 77 -20.64 -8.88 61.92
C VAL C 77 -20.21 -7.92 63.03
N ALA C 78 -20.75 -8.09 64.24
CA ALA C 78 -20.36 -7.22 65.34
C ALA C 78 -18.87 -7.37 65.67
N SER C 79 -18.37 -8.60 65.66
CA SER C 79 -16.94 -8.83 65.87
C SER C 79 -16.11 -8.11 64.80
N ALA C 80 -16.59 -8.07 63.56
CA ALA C 80 -15.78 -7.46 62.50
C ALA C 80 -15.75 -5.94 62.63
N LEU C 81 -16.89 -5.32 62.92
CA LEU C 81 -16.87 -3.87 63.12
C LEU C 81 -16.05 -3.48 64.34
N GLU C 82 -16.01 -4.35 65.36
CA GLU C 82 -15.22 -4.07 66.55
C GLU C 82 -13.72 -4.11 66.23
N ARG C 83 -13.29 -5.03 65.38
CA ARG C 83 -11.89 -5.13 65.00
C ARG C 83 -11.53 -4.29 63.79
N ARG C 84 -12.46 -3.46 63.30
CA ARG C 84 -12.22 -2.57 62.15
C ARG C 84 -12.03 -3.35 60.84
N ILE C 85 -12.68 -4.51 60.73
CA ILE C 85 -12.66 -5.30 59.50
C ILE C 85 -13.82 -4.82 58.62
N PRO C 86 -13.55 -4.36 57.40
CA PRO C 86 -14.64 -3.78 56.60
C PRO C 86 -15.71 -4.80 56.24
N VAL C 87 -16.95 -4.31 56.20
CA VAL C 87 -18.13 -5.11 55.94
C VAL C 87 -18.80 -4.51 54.70
N VAL C 88 -18.75 -5.23 53.58
CA VAL C 88 -19.31 -4.69 52.33
C VAL C 88 -20.59 -5.44 51.98
N PRO C 89 -21.57 -4.78 51.37
CA PRO C 89 -22.78 -5.50 50.94
C PRO C 89 -22.49 -6.40 49.76
N ARG C 90 -23.34 -7.43 49.64
CA ARG C 90 -23.23 -8.41 48.55
C ARG C 90 -23.12 -7.74 47.19
N ALA C 91 -23.95 -6.71 46.95
CA ALA C 91 -23.99 -6.10 45.63
C ALA C 91 -22.67 -5.44 45.27
N GLU C 92 -21.97 -4.88 46.26
CA GLU C 92 -20.68 -4.24 45.98
C GLU C 92 -19.60 -5.27 45.65
N MET C 93 -19.56 -6.39 46.38
CA MET C 93 -18.59 -7.43 46.05
C MET C 93 -18.91 -8.02 44.68
N LEU C 94 -20.20 -8.18 44.38
CA LEU C 94 -20.58 -8.66 43.07
C LEU C 94 -20.08 -7.71 41.97
N ALA C 95 -20.20 -6.40 42.18
CA ALA C 95 -19.81 -5.45 41.13
C ALA C 95 -18.31 -5.47 40.89
N GLU C 96 -17.51 -5.70 41.92
CA GLU C 96 -16.06 -5.62 41.77
C GLU C 96 -15.47 -6.81 41.02
N LEU C 97 -16.23 -7.90 40.87
CA LEU C 97 -15.75 -9.03 40.09
C LEU C 97 -15.36 -8.61 38.68
N MET C 98 -15.96 -7.53 38.17
CA MET C 98 -15.66 -7.07 36.82
C MET C 98 -14.25 -6.53 36.64
N ARG C 99 -13.60 -6.07 37.70
CA ARG C 99 -12.23 -5.59 37.58
C ARG C 99 -11.25 -6.71 37.21
N TYR C 100 -11.58 -7.97 37.46
CA TYR C 100 -10.65 -9.06 37.17
C TYR C 100 -10.87 -9.69 35.81
N ARG C 101 -11.90 -9.30 35.07
CA ARG C 101 -12.31 -9.98 33.86
C ARG C 101 -12.58 -8.94 32.78
N HIS C 102 -12.79 -9.42 31.55
CA HIS C 102 -13.29 -8.58 30.47
C HIS C 102 -14.79 -8.39 30.68
N GLY C 103 -15.17 -7.32 31.37
CA GLY C 103 -16.56 -7.15 31.78
C GLY C 103 -17.42 -6.50 30.69
N ILE C 104 -18.63 -7.03 30.53
CA ILE C 104 -19.64 -6.44 29.65
C ILE C 104 -20.83 -6.08 30.53
N ALA C 105 -21.09 -4.78 30.70
CA ALA C 105 -22.17 -4.31 31.56
C ALA C 105 -23.39 -3.98 30.71
N VAL C 106 -24.52 -4.60 31.02
CA VAL C 106 -25.74 -4.39 30.26
C VAL C 106 -26.60 -3.46 31.09
N ALA C 107 -26.61 -2.18 30.72
CA ALA C 107 -27.36 -1.18 31.45
C ALA C 107 -28.57 -0.76 30.64
N GLY C 108 -29.40 0.06 31.28
CA GLY C 108 -30.67 0.49 30.70
C GLY C 108 -31.82 0.05 31.59
N THR C 109 -32.98 0.69 31.47
CA THR C 109 -34.05 0.34 32.40
C THR C 109 -34.75 -0.96 32.01
N HIS C 110 -35.08 -1.14 30.74
CA HIS C 110 -35.79 -2.33 30.29
C HIS C 110 -34.92 -3.20 29.40
N GLY C 111 -35.00 -4.52 29.59
CA GLY C 111 -34.35 -5.47 28.70
C GLY C 111 -32.97 -5.94 29.12
N LYS C 112 -32.55 -5.66 30.36
CA LYS C 112 -31.19 -6.05 30.75
C LYS C 112 -31.08 -7.55 30.86
N THR C 113 -32.12 -8.21 31.37
CA THR C 113 -32.08 -9.66 31.56
C THR C 113 -31.96 -10.39 30.23
N THR C 114 -32.83 -10.04 29.28
CA THR C 114 -32.84 -10.77 28.02
C THR C 114 -31.56 -10.51 27.23
N THR C 115 -31.10 -9.25 27.19
CA THR C 115 -29.88 -8.93 26.47
C THR C 115 -28.66 -9.60 27.08
N THR C 116 -28.55 -9.62 28.42
CA THR C 116 -27.48 -10.37 29.08
C THR C 116 -27.51 -11.84 28.68
N SER C 117 -28.71 -12.42 28.66
CA SER C 117 -28.84 -13.83 28.31
C SER C 117 -28.46 -14.09 26.85
N LEU C 118 -28.84 -13.18 25.95
CA LEU C 118 -28.50 -13.36 24.54
C LEU C 118 -27.01 -13.17 24.31
N ILE C 119 -26.41 -12.20 24.98
CA ILE C 119 -24.96 -12.06 24.91
C ILE C 119 -24.30 -13.34 25.37
N ALA C 120 -24.73 -13.85 26.54
CA ALA C 120 -24.19 -15.11 27.07
C ALA C 120 -24.37 -16.23 26.06
N SER C 121 -25.52 -16.28 25.39
CA SER C 121 -25.77 -17.39 24.48
C SER C 121 -24.89 -17.31 23.23
N VAL C 122 -24.63 -16.10 22.74
CA VAL C 122 -23.78 -15.96 21.55
C VAL C 122 -22.33 -16.26 21.89
N PHE C 123 -21.84 -15.70 23.02
CA PHE C 123 -20.48 -15.99 23.44
C PHE C 123 -20.28 -17.47 23.69
N ALA C 124 -21.29 -18.15 24.27
CA ALA C 124 -21.19 -19.59 24.49
C ALA C 124 -21.09 -20.34 23.16
N ALA C 125 -21.87 -19.93 22.16
CA ALA C 125 -21.78 -20.56 20.84
C ALA C 125 -20.40 -20.38 20.21
N GLY C 126 -19.71 -19.31 20.58
CA GLY C 126 -18.35 -19.11 20.13
C GLY C 126 -17.31 -19.83 20.95
N GLY C 127 -17.72 -20.68 21.89
CA GLY C 127 -16.80 -21.43 22.72
C GLY C 127 -16.22 -20.67 23.88
N LEU C 128 -16.79 -19.50 24.22
CA LEU C 128 -16.18 -18.60 25.21
C LEU C 128 -16.70 -18.81 26.63
N ASP C 129 -17.71 -19.67 26.81
CA ASP C 129 -18.27 -20.08 28.10
C ASP C 129 -18.34 -18.97 29.14
N PRO C 130 -19.02 -17.85 28.87
CA PRO C 130 -18.93 -16.70 29.77
C PRO C 130 -19.69 -16.95 31.06
N THR C 131 -19.23 -16.28 32.13
CA THR C 131 -20.02 -16.18 33.36
C THR C 131 -20.92 -14.95 33.22
N PHE C 132 -22.18 -15.10 33.62
CA PHE C 132 -23.10 -13.99 33.46
C PHE C 132 -23.97 -13.85 34.71
N VAL C 133 -24.46 -12.63 34.92
CA VAL C 133 -25.19 -12.26 36.13
C VAL C 133 -26.54 -11.73 35.70
N ILE C 134 -27.61 -12.42 36.11
CA ILE C 134 -28.97 -11.94 35.93
C ILE C 134 -29.67 -12.04 37.28
N GLY C 135 -30.37 -10.98 37.67
CA GLY C 135 -31.05 -10.97 38.96
C GLY C 135 -30.13 -11.14 40.15
N GLY C 136 -28.89 -10.67 40.04
CA GLY C 136 -27.93 -10.86 41.12
C GLY C 136 -27.36 -12.25 41.26
N ARG C 137 -27.67 -13.18 40.35
CA ARG C 137 -27.20 -14.55 40.43
C ARG C 137 -26.21 -14.83 39.31
N LEU C 138 -25.05 -15.40 39.67
CA LEU C 138 -24.02 -15.76 38.70
C LEU C 138 -24.31 -17.11 38.06
N ASN C 139 -24.07 -17.20 36.75
CA ASN C 139 -24.43 -18.35 35.93
C ASN C 139 -23.32 -18.61 34.91
N ALA C 140 -23.33 -19.84 34.38
CA ALA C 140 -22.51 -20.24 33.25
C ALA C 140 -23.01 -21.61 32.80
N ALA C 141 -22.82 -21.91 31.52
CA ALA C 141 -23.28 -23.18 30.97
C ALA C 141 -22.37 -24.36 31.32
N GLY C 142 -21.19 -24.11 31.90
CA GLY C 142 -20.17 -25.12 32.08
C GLY C 142 -20.47 -26.19 33.13
N THR C 143 -21.41 -25.91 34.05
CA THR C 143 -21.86 -26.85 35.07
C THR C 143 -20.77 -27.27 36.07
N ASN C 144 -19.81 -28.09 35.63
CA ASN C 144 -18.77 -28.56 36.54
C ASN C 144 -17.65 -27.54 36.74
N ALA C 145 -17.43 -26.65 35.77
CA ALA C 145 -16.39 -25.62 35.89
C ALA C 145 -16.77 -24.55 36.91
N GLN C 146 -15.77 -24.03 37.61
CA GLN C 146 -16.02 -22.95 38.57
C GLN C 146 -16.52 -21.71 37.84
N LEU C 147 -17.51 -21.04 38.44
CA LEU C 147 -17.90 -19.71 38.00
C LEU C 147 -16.67 -18.81 37.92
N GLY C 148 -16.66 -17.92 36.94
CA GLY C 148 -15.53 -17.03 36.73
C GLY C 148 -14.40 -17.59 35.90
N ALA C 149 -14.45 -18.86 35.49
CA ALA C 149 -13.33 -19.42 34.74
C ALA C 149 -13.12 -18.70 33.41
N SER C 150 -14.18 -18.19 32.81
CA SER C 150 -14.08 -17.54 31.51
C SER C 150 -13.34 -16.21 31.64
N ARG C 151 -12.70 -15.79 30.54
CA ARG C 151 -12.21 -14.42 30.42
C ARG C 151 -13.34 -13.40 30.55
N TYR C 152 -14.58 -13.77 30.22
CA TYR C 152 -15.66 -12.80 30.06
C TYR C 152 -16.64 -12.84 31.22
N LEU C 153 -17.07 -11.64 31.67
CA LEU C 153 -18.12 -11.51 32.66
C LEU C 153 -19.19 -10.55 32.14
N VAL C 154 -20.39 -11.05 31.93
CA VAL C 154 -21.52 -10.30 31.39
C VAL C 154 -22.48 -10.06 32.54
N ALA C 155 -22.85 -8.80 32.79
CA ALA C 155 -23.67 -8.53 33.96
C ALA C 155 -24.70 -7.43 33.70
N GLU C 156 -25.89 -7.64 34.24
CA GLU C 156 -26.85 -6.56 34.38
C GLU C 156 -26.26 -5.44 35.22
N ALA C 157 -26.50 -4.21 34.79
CA ALA C 157 -26.13 -3.01 35.53
C ALA C 157 -27.40 -2.21 35.79
N ASP C 158 -27.84 -2.18 37.04
CA ASP C 158 -29.11 -1.57 37.40
C ASP C 158 -28.85 -0.20 38.02
N GLU C 159 -29.53 0.83 37.49
CA GLU C 159 -29.26 2.19 37.93
C GLU C 159 -29.82 2.50 39.31
N SER C 160 -30.68 1.64 39.85
CA SER C 160 -31.09 1.75 41.26
C SER C 160 -30.12 1.08 42.23
N ASP C 161 -29.13 0.34 41.74
CA ASP C 161 -28.19 -0.31 42.64
C ASP C 161 -27.15 0.69 43.14
N ALA C 162 -26.85 0.62 44.44
CA ALA C 162 -25.87 1.54 45.02
C ALA C 162 -24.50 1.39 44.35
N SER C 163 -24.18 0.22 43.82
CA SER C 163 -22.89 -0.02 43.20
C SER C 163 -22.87 0.29 41.70
N PHE C 164 -23.94 0.91 41.19
CA PHE C 164 -24.04 1.20 39.76
C PHE C 164 -22.78 1.87 39.23
N LEU C 165 -22.35 2.95 39.88
CA LEU C 165 -21.21 3.75 39.43
C LEU C 165 -19.85 3.14 39.83
N HIS C 166 -19.82 1.92 40.37
CA HIS C 166 -18.54 1.28 40.70
C HIS C 166 -18.23 0.11 39.78
N LEU C 167 -19.09 -0.20 38.82
CA LEU C 167 -18.73 -1.16 37.80
C LEU C 167 -17.59 -0.63 36.96
N GLN C 168 -16.68 -1.51 36.54
CA GLN C 168 -15.56 -1.14 35.69
C GLN C 168 -15.57 -2.03 34.45
N PRO C 169 -16.52 -1.84 33.55
CA PRO C 169 -16.58 -2.67 32.35
C PRO C 169 -15.58 -2.25 31.29
N MET C 170 -15.34 -3.18 30.36
CA MET C 170 -14.70 -2.90 29.08
C MET C 170 -15.72 -2.47 28.02
N VAL C 171 -16.95 -2.97 28.12
CA VAL C 171 -18.02 -2.67 27.20
C VAL C 171 -19.26 -2.37 28.01
N ALA C 172 -20.03 -1.37 27.59
CA ALA C 172 -21.28 -1.08 28.27
C ALA C 172 -22.37 -0.83 27.24
N VAL C 173 -23.53 -1.44 27.46
CA VAL C 173 -24.73 -1.22 26.66
C VAL C 173 -25.66 -0.33 27.46
N VAL C 174 -26.36 0.57 26.77
CA VAL C 174 -27.50 1.27 27.36
C VAL C 174 -28.70 0.99 26.46
N THR C 175 -29.64 0.17 26.94
CA THR C 175 -30.77 -0.22 26.13
C THR C 175 -31.76 0.96 25.99
N ASN C 176 -32.04 1.65 27.10
CA ASN C 176 -33.02 2.73 27.17
C ASN C 176 -32.86 3.41 28.51
N ILE C 177 -33.43 4.59 28.65
CA ILE C 177 -33.38 5.32 29.93
C ILE C 177 -34.80 5.76 30.28
N ASP C 178 -35.40 5.08 31.26
CA ASP C 178 -36.77 5.35 31.68
C ASP C 178 -36.74 5.92 33.10
N ALA C 179 -37.93 6.11 33.67
CA ALA C 179 -38.06 6.85 34.92
C ALA C 179 -38.43 5.98 36.10
N ASP C 180 -38.57 4.66 35.91
CA ASP C 180 -38.90 3.73 36.98
C ASP C 180 -38.17 4.01 38.29
N HIS C 181 -36.88 4.37 38.22
CA HIS C 181 -36.03 4.50 39.40
C HIS C 181 -35.67 5.95 39.73
N MET C 182 -36.54 6.90 39.35
CA MET C 182 -36.32 8.32 39.65
C MET C 182 -36.16 8.56 41.16
N ALA C 183 -36.73 7.69 42.01
CA ALA C 183 -36.64 7.89 43.46
C ALA C 183 -35.18 7.79 43.93
N THR C 184 -34.41 6.89 43.33
CA THR C 184 -32.98 6.79 43.65
C THR C 184 -32.27 8.11 43.43
N TYR C 185 -32.79 8.95 42.53
CA TYR C 185 -32.10 10.20 42.21
C TYR C 185 -32.95 11.42 42.55
N GLY C 186 -33.55 11.40 43.75
CA GLY C 186 -34.33 12.54 44.22
C GLY C 186 -35.61 12.77 43.47
N GLY C 187 -36.16 11.74 42.82
CA GLY C 187 -37.31 11.92 41.96
C GLY C 187 -37.10 12.91 40.84
N ASP C 188 -35.87 13.01 40.30
CA ASP C 188 -35.53 13.97 39.27
C ASP C 188 -34.98 13.23 38.06
N PHE C 189 -35.68 13.31 36.92
CA PHE C 189 -35.27 12.57 35.73
C PHE C 189 -33.96 13.11 35.16
N ASN C 190 -33.69 14.41 35.31
CA ASN C 190 -32.43 14.97 34.81
C ASN C 190 -31.22 14.44 35.57
N LYS C 191 -31.34 14.24 36.90
CA LYS C 191 -30.25 13.62 37.66
C LYS C 191 -30.06 12.18 37.25
N LEU C 192 -31.15 11.49 36.94
CA LEU C 192 -31.05 10.11 36.46
C LEU C 192 -30.31 10.04 35.12
N LYS C 193 -30.57 10.98 34.21
CA LYS C 193 -29.85 11.03 32.94
C LYS C 193 -28.36 11.28 33.16
N LYS C 194 -28.02 12.22 34.04
CA LYS C 194 -26.61 12.52 34.28
C LYS C 194 -25.88 11.31 34.86
N THR C 195 -26.60 10.44 35.57
CA THR C 195 -25.99 9.24 36.12
C THR C 195 -25.60 8.25 35.02
N PHE C 196 -26.40 8.16 33.95
CA PHE C 196 -26.03 7.26 32.84
C PHE C 196 -24.81 7.79 32.10
N VAL C 197 -24.67 9.11 32.01
CA VAL C 197 -23.45 9.68 31.44
C VAL C 197 -22.24 9.35 32.31
N GLU C 198 -22.37 9.56 33.63
CA GLU C 198 -21.25 9.24 34.53
C GLU C 198 -20.92 7.76 34.45
N PHE C 199 -21.95 6.91 34.39
CA PHE C 199 -21.75 5.49 34.18
C PHE C 199 -20.91 5.20 32.94
N LEU C 200 -21.30 5.76 31.79
CA LEU C 200 -20.53 5.44 30.57
C LEU C 200 -19.12 5.98 30.64
N HIS C 201 -18.90 7.03 31.44
CA HIS C 201 -17.56 7.57 31.60
C HIS C 201 -16.70 6.73 32.54
N ASN C 202 -17.25 5.67 33.13
CA ASN C 202 -16.39 4.68 33.79
C ASN C 202 -15.74 3.71 32.82
N LEU C 203 -16.11 3.76 31.53
CA LEU C 203 -15.35 3.01 30.55
C LEU C 203 -13.95 3.61 30.42
N PRO C 204 -12.95 2.81 30.09
CA PRO C 204 -11.66 3.36 29.70
C PRO C 204 -11.74 3.90 28.29
N PHE C 205 -10.75 4.72 27.94
CA PHE C 205 -10.74 5.31 26.61
C PHE C 205 -10.72 4.26 25.51
N TYR C 206 -10.29 3.03 25.81
CA TYR C 206 -10.29 1.96 24.82
C TYR C 206 -11.54 1.08 24.94
N GLY C 207 -12.49 1.46 25.79
CA GLY C 207 -13.73 0.74 25.93
C GLY C 207 -14.70 1.00 24.78
N LEU C 208 -15.90 0.46 24.92
CA LEU C 208 -16.94 0.63 23.91
C LEU C 208 -18.27 0.90 24.60
N ALA C 209 -18.95 1.97 24.19
CA ALA C 209 -20.33 2.22 24.56
C ALA C 209 -21.24 1.80 23.42
N VAL C 210 -22.26 1.02 23.74
CA VAL C 210 -23.21 0.48 22.77
C VAL C 210 -24.56 1.11 23.11
N MET C 211 -25.06 1.97 22.24
CA MET C 211 -26.12 2.90 22.59
C MET C 211 -27.32 2.68 21.69
N CYS C 212 -28.49 2.51 22.30
CA CYS C 212 -29.69 2.34 21.49
C CYS C 212 -30.23 3.72 21.13
N VAL C 213 -29.99 4.16 19.89
CA VAL C 213 -30.47 5.49 19.51
C VAL C 213 -31.95 5.52 19.18
N ASP C 214 -32.65 4.38 19.24
CA ASP C 214 -34.10 4.45 19.12
C ASP C 214 -34.73 4.99 20.39
N ASP C 215 -33.99 5.05 21.48
CA ASP C 215 -34.51 5.67 22.69
C ASP C 215 -34.17 7.16 22.67
N PRO C 216 -35.14 8.05 22.82
CA PRO C 216 -34.84 9.49 22.65
C PRO C 216 -33.90 10.06 23.71
N VAL C 217 -33.87 9.47 24.91
CA VAL C 217 -33.00 9.99 25.95
C VAL C 217 -31.58 9.53 25.73
N VAL C 218 -31.39 8.30 25.25
CA VAL C 218 -30.08 7.81 24.89
C VAL C 218 -29.49 8.66 23.77
N ARG C 219 -30.30 8.95 22.76
CA ARG C 219 -29.88 9.82 21.66
C ARG C 219 -29.51 11.21 22.18
N GLU C 220 -30.19 11.68 23.21
CA GLU C 220 -29.96 13.02 23.73
C GLU C 220 -28.60 13.14 24.42
N ILE C 221 -28.24 12.15 25.25
CA ILE C 221 -26.95 12.20 25.92
C ILE C 221 -25.80 11.75 25.04
N LEU C 222 -26.10 11.23 23.85
CA LEU C 222 -25.05 10.70 22.98
C LEU C 222 -23.87 11.65 22.79
N PRO C 223 -24.06 12.95 22.46
CA PRO C 223 -22.88 13.81 22.23
C PRO C 223 -22.02 14.07 23.48
N GLN C 224 -22.51 13.76 24.68
CA GLN C 224 -21.72 13.90 25.89
C GLN C 224 -20.75 12.76 26.12
N ILE C 225 -20.87 11.67 25.36
CA ILE C 225 -20.08 10.47 25.62
C ILE C 225 -18.74 10.66 24.93
N ALA C 226 -17.70 10.80 25.71
CA ALA C 226 -16.35 10.96 25.18
C ALA C 226 -15.62 9.61 25.19
N ARG C 227 -16.27 8.58 24.67
CA ARG C 227 -15.74 7.22 24.61
C ARG C 227 -16.12 6.65 23.25
N PRO C 228 -15.40 5.65 22.76
CA PRO C 228 -15.81 5.01 21.49
C PRO C 228 -17.20 4.43 21.62
N THR C 229 -18.02 4.66 20.60
CA THR C 229 -19.46 4.43 20.63
C THR C 229 -19.91 3.72 19.34
N VAL C 230 -20.80 2.75 19.47
CA VAL C 230 -21.51 2.18 18.31
C VAL C 230 -22.99 2.28 18.64
N THR C 231 -23.77 2.86 17.74
CA THR C 231 -25.20 3.03 17.95
C THR C 231 -25.95 1.91 17.23
N TYR C 232 -27.12 1.57 17.76
CA TYR C 232 -27.94 0.53 17.15
C TYR C 232 -29.41 0.87 17.33
N GLY C 233 -30.24 0.23 16.53
CA GLY C 233 -31.65 0.39 16.61
C GLY C 233 -32.30 0.17 15.26
N LEU C 234 -33.61 0.42 15.22
CA LEU C 234 -34.33 0.46 13.95
C LEU C 234 -34.12 1.77 13.20
N SER C 235 -33.75 2.85 13.90
CA SER C 235 -33.46 4.14 13.27
C SER C 235 -32.58 3.98 12.05
N GLU C 236 -32.87 4.82 11.03
CA GLU C 236 -32.15 4.74 9.77
C GLU C 236 -30.72 5.23 9.90
N ASP C 237 -30.43 6.07 10.89
CA ASP C 237 -29.08 6.60 11.09
C ASP C 237 -28.24 5.78 12.08
N ALA C 238 -28.77 4.70 12.65
CA ALA C 238 -27.97 3.88 13.56
C ALA C 238 -26.85 3.13 12.81
N ASP C 239 -25.70 2.95 13.48
CA ASP C 239 -24.59 2.22 12.87
C ASP C 239 -24.96 0.77 12.56
N VAL C 240 -25.70 0.13 13.46
CA VAL C 240 -26.08 -1.27 13.32
C VAL C 240 -27.59 -1.31 13.39
N ARG C 241 -28.24 -1.79 12.31
CA ARG C 241 -29.68 -1.66 12.12
C ARG C 241 -30.29 -2.98 11.70
N ALA C 242 -31.58 -3.12 11.97
CA ALA C 242 -32.40 -4.22 11.50
C ALA C 242 -33.36 -3.73 10.41
N ILE C 243 -33.44 -4.47 9.31
CA ILE C 243 -34.38 -4.21 8.23
C ILE C 243 -35.08 -5.51 7.86
N ASN C 244 -36.15 -5.39 7.08
CA ASN C 244 -36.91 -6.54 6.58
C ASN C 244 -37.32 -7.48 7.71
N ILE C 245 -37.94 -6.91 8.74
CA ILE C 245 -38.43 -7.73 9.85
C ILE C 245 -39.67 -8.47 9.38
N ARG C 246 -39.69 -9.78 9.61
CA ARG C 246 -40.82 -10.60 9.17
CA ARG C 246 -40.79 -10.61 9.15
C ARG C 246 -40.99 -11.75 10.16
N GLN C 247 -42.04 -12.53 9.95
CA GLN C 247 -42.40 -13.62 10.84
C GLN C 247 -42.42 -14.95 10.10
N GLU C 248 -42.16 -16.02 10.85
CA GLU C 248 -42.24 -17.42 10.43
C GLU C 248 -42.59 -18.22 11.69
N GLY C 249 -43.79 -17.99 12.21
CA GLY C 249 -44.23 -18.62 13.44
C GLY C 249 -43.99 -17.76 14.67
N MET C 250 -43.55 -18.38 15.77
CA MET C 250 -43.10 -17.63 16.94
C MET C 250 -41.68 -17.10 16.77
N ARG C 251 -41.10 -17.28 15.60
CA ARG C 251 -39.75 -16.86 15.29
C ARG C 251 -39.77 -15.54 14.51
N THR C 252 -38.92 -14.61 14.92
CA THR C 252 -38.76 -13.35 14.21
C THR C 252 -37.48 -13.39 13.38
N TRP C 253 -37.59 -13.02 12.11
CA TRP C 253 -36.48 -12.97 11.17
C TRP C 253 -36.20 -11.52 10.82
N PHE C 254 -34.93 -11.18 10.64
CA PHE C 254 -34.61 -9.85 10.14
C PHE C 254 -33.18 -9.86 9.62
N THR C 255 -32.85 -8.80 8.89
CA THR C 255 -31.54 -8.60 8.29
C THR C 255 -30.84 -7.49 9.07
N VAL C 256 -29.63 -7.75 9.55
CA VAL C 256 -28.88 -6.77 10.32
C VAL C 256 -27.76 -6.21 9.44
N LEU C 257 -27.67 -4.89 9.39
CA LEU C 257 -26.65 -4.18 8.63
C LEU C 257 -25.60 -3.69 9.61
N ARG C 258 -24.33 -3.93 9.29
CA ARG C 258 -23.21 -3.49 10.12
C ARG C 258 -22.19 -2.78 9.26
N PRO C 259 -21.54 -1.74 9.78
CA PRO C 259 -20.46 -1.09 9.04
C PRO C 259 -19.46 -2.10 8.50
N GLU C 260 -19.05 -1.92 7.24
CA GLU C 260 -17.99 -2.68 6.59
C GLU C 260 -18.25 -4.20 6.61
N ARG C 261 -19.51 -4.62 6.71
CA ARG C 261 -19.83 -6.04 6.64
C ARG C 261 -21.02 -6.24 5.71
N GLU C 262 -21.13 -7.45 5.15
CA GLU C 262 -22.27 -7.79 4.32
C GLU C 262 -23.52 -7.98 5.18
N PRO C 263 -24.70 -7.69 4.63
CA PRO C 263 -25.95 -7.91 5.38
C PRO C 263 -26.02 -9.35 5.89
N LEU C 264 -26.59 -9.54 7.08
CA LEU C 264 -26.59 -10.83 7.75
C LEU C 264 -28.02 -11.14 8.19
N ASP C 265 -28.56 -12.27 7.72
CA ASP C 265 -29.89 -12.68 8.10
C ASP C 265 -29.85 -13.44 9.41
N VAL C 266 -30.80 -13.13 10.28
CA VAL C 266 -30.72 -13.56 11.65
C VAL C 266 -32.15 -13.83 12.10
N SER C 267 -32.32 -14.79 12.99
CA SER C 267 -33.64 -15.07 13.53
C SER C 267 -33.51 -15.26 15.03
N VAL C 268 -34.61 -14.96 15.73
CA VAL C 268 -34.66 -15.12 17.18
C VAL C 268 -36.04 -15.66 17.55
N ASN C 269 -36.09 -16.45 18.63
CA ASN C 269 -37.28 -17.20 18.99
C ASN C 269 -38.20 -16.43 19.93
N MET C 270 -38.27 -15.12 19.82
CA MET C 270 -39.09 -14.30 20.71
C MET C 270 -39.70 -13.16 19.90
N PRO C 271 -40.97 -12.84 20.13
CA PRO C 271 -41.64 -11.83 19.30
C PRO C 271 -41.36 -10.43 19.83
N GLY C 272 -41.72 -9.44 19.00
CA GLY C 272 -41.64 -8.05 19.41
C GLY C 272 -40.39 -7.32 18.99
N LEU C 273 -40.52 -6.03 18.65
CA LEU C 273 -39.35 -5.23 18.29
C LEU C 273 -38.36 -5.12 19.44
N HIS C 274 -38.82 -5.21 20.67
CA HIS C 274 -37.92 -5.10 21.80
C HIS C 274 -36.95 -6.28 21.82
N ASN C 275 -37.37 -7.43 21.30
CA ASN C 275 -36.42 -8.51 21.14
C ASN C 275 -35.55 -8.34 19.89
N VAL C 276 -36.01 -7.62 18.87
CA VAL C 276 -35.09 -7.25 17.79
C VAL C 276 -33.98 -6.37 18.35
N LEU C 277 -34.36 -5.39 19.17
CA LEU C 277 -33.40 -4.49 19.80
C LEU C 277 -32.45 -5.25 20.74
N ASN C 278 -32.97 -6.17 21.55
CA ASN C 278 -32.12 -7.00 22.39
C ASN C 278 -31.07 -7.73 21.55
N SER C 279 -31.49 -8.20 20.37
CA SER C 279 -30.57 -8.93 19.50
C SER C 279 -29.56 -8.01 18.85
N LEU C 280 -29.99 -6.79 18.46
CA LEU C 280 -29.05 -5.85 17.85
C LEU C 280 -27.95 -5.50 18.84
N ALA C 281 -28.32 -5.25 20.10
CA ALA C 281 -27.33 -5.02 21.15
C ALA C 281 -26.31 -6.15 21.20
N THR C 282 -26.80 -7.39 21.28
CA THR C 282 -25.94 -8.57 21.28
C THR C 282 -25.06 -8.61 20.03
N ILE C 283 -25.65 -8.33 18.87
CA ILE C 283 -24.89 -8.40 17.63
C ILE C 283 -23.75 -7.37 17.65
N VAL C 284 -23.98 -6.19 18.22
CA VAL C 284 -22.90 -5.21 18.29
C VAL C 284 -21.75 -5.72 19.17
N ILE C 285 -22.09 -6.27 20.35
CA ILE C 285 -21.05 -6.74 21.26
C ILE C 285 -20.26 -7.86 20.63
N ALA C 286 -20.96 -8.84 20.04
CA ALA C 286 -20.29 -10.01 19.48
C ALA C 286 -19.41 -9.62 18.30
N THR C 287 -19.90 -8.70 17.46
CA THR C 287 -19.13 -8.25 16.30
C THR C 287 -17.85 -7.57 16.75
N ASP C 288 -17.95 -6.68 17.73
CA ASP C 288 -16.79 -5.94 18.19
C ASP C 288 -15.77 -6.86 18.84
N GLU C 289 -16.23 -7.94 19.47
CA GLU C 289 -15.37 -8.92 20.10
C GLU C 289 -14.70 -9.86 19.10
N GLY C 290 -15.11 -9.85 17.84
CA GLY C 290 -14.51 -10.73 16.84
C GLY C 290 -15.20 -12.06 16.66
N ILE C 291 -16.39 -12.25 17.23
CA ILE C 291 -17.09 -13.53 17.14
C ILE C 291 -17.63 -13.71 15.72
N SER C 292 -17.67 -14.95 15.26
CA SER C 292 -18.00 -15.19 13.87
C SER C 292 -19.50 -15.09 13.63
N ASP C 293 -19.87 -14.95 12.36
CA ASP C 293 -21.28 -14.90 11.98
C ASP C 293 -22.01 -16.17 12.38
N GLU C 294 -21.35 -17.31 12.26
CA GLU C 294 -22.00 -18.59 12.56
CA GLU C 294 -22.02 -18.57 12.56
C GLU C 294 -22.37 -18.68 14.04
N ALA C 295 -21.47 -18.24 14.92
CA ALA C 295 -21.79 -18.24 16.34
C ALA C 295 -22.85 -17.20 16.69
N ILE C 296 -22.86 -16.05 15.99
CA ILE C 296 -23.92 -15.07 16.23
C ILE C 296 -25.27 -15.66 15.85
N VAL C 297 -25.36 -16.23 14.64
CA VAL C 297 -26.58 -16.86 14.17
C VAL C 297 -26.99 -17.98 15.12
N GLN C 298 -26.04 -18.79 15.57
CA GLN C 298 -26.37 -19.95 16.39
C GLN C 298 -26.81 -19.53 17.80
N GLY C 299 -26.09 -18.59 18.42
CA GLY C 299 -26.50 -18.14 19.75
C GLY C 299 -27.87 -17.47 19.76
N LEU C 300 -28.14 -16.62 18.76
CA LEU C 300 -29.43 -15.95 18.67
C LEU C 300 -30.55 -16.95 18.45
N SER C 301 -30.31 -17.88 17.52
CA SER C 301 -31.34 -18.81 17.07
C SER C 301 -31.62 -19.88 18.12
N GLY C 302 -30.60 -20.30 18.86
CA GLY C 302 -30.81 -21.33 19.84
C GLY C 302 -31.28 -20.86 21.19
N PHE C 303 -31.51 -19.56 21.35
CA PHE C 303 -31.92 -19.05 22.64
C PHE C 303 -33.39 -19.35 22.88
N GLN C 304 -33.71 -19.90 24.05
CA GLN C 304 -35.06 -20.37 24.34
C GLN C 304 -35.97 -19.21 24.74
N GLY C 305 -35.68 -18.58 25.86
CA GLY C 305 -36.49 -17.47 26.35
C GLY C 305 -36.51 -17.37 27.87
N HIS D 1 -9.37 0.16 20.77
CA HIS D 1 -8.74 1.43 20.43
C HIS D 1 -7.22 1.36 20.67
N ARG D 2 -6.43 1.78 19.67
CA ARG D 2 -4.99 1.55 19.69
C ARG D 2 -4.12 2.74 19.31
N ARG D 3 -4.65 3.78 18.66
CA ARG D 3 -3.85 4.94 18.28
C ARG D 3 -4.41 6.21 18.92
N ILE D 4 -3.57 6.88 19.71
CA ILE D 4 -3.96 8.09 20.43
C ILE D 4 -3.26 9.28 19.80
N HIS D 5 -4.02 10.33 19.51
CA HIS D 5 -3.48 11.52 18.87
C HIS D 5 -3.61 12.72 19.79
N PHE D 6 -2.48 13.35 20.12
CA PHE D 6 -2.43 14.50 21.01
C PHE D 6 -2.38 15.78 20.19
N VAL D 7 -3.34 16.67 20.41
CA VAL D 7 -3.32 17.99 19.79
C VAL D 7 -2.55 18.93 20.71
N GLY D 8 -1.38 19.39 20.25
CA GLY D 8 -0.48 20.12 21.13
C GLY D 8 0.36 19.21 22.00
N ILE D 9 0.98 18.19 21.40
CA ILE D 9 1.72 17.16 22.16
C ILE D 9 2.98 17.69 22.83
N GLY D 10 3.53 18.82 22.36
CA GLY D 10 4.67 19.40 23.07
C GLY D 10 4.31 20.13 24.35
N GLY D 11 3.03 20.40 24.57
CA GLY D 11 2.60 21.10 25.76
C GLY D 11 2.99 20.38 27.05
N ALA D 12 3.06 21.18 28.13
CA ALA D 12 3.79 20.74 29.33
C ALA D 12 3.14 19.54 29.99
N GLY D 13 1.80 19.53 30.09
CA GLY D 13 1.15 18.37 30.66
C GLY D 13 0.79 17.27 29.66
N MET D 14 1.15 17.45 28.40
CA MET D 14 0.78 16.52 27.34
C MET D 14 1.87 15.50 27.04
N CYS D 15 3.13 15.95 26.95
CA CYS D 15 4.21 15.06 26.51
C CYS D 15 4.38 13.88 27.45
N GLY D 16 4.19 14.11 28.75
CA GLY D 16 4.37 13.04 29.72
C GLY D 16 3.34 11.94 29.55
N ILE D 17 2.08 12.32 29.32
CA ILE D 17 1.02 11.33 29.10
C ILE D 17 1.32 10.52 27.85
N ALA D 18 1.71 11.21 26.78
CA ALA D 18 2.05 10.52 25.54
C ALA D 18 3.20 9.55 25.75
N GLU D 19 4.18 9.93 26.59
CA GLU D 19 5.31 9.05 26.84
C GLU D 19 4.86 7.77 27.57
N VAL D 20 4.00 7.93 28.58
CA VAL D 20 3.52 6.76 29.31
C VAL D 20 2.74 5.83 28.39
N LEU D 21 1.94 6.41 27.48
CA LEU D 21 1.17 5.58 26.55
C LEU D 21 2.10 4.85 25.59
N LEU D 22 3.19 5.48 25.15
CA LEU D 22 4.20 4.74 24.40
C LEU D 22 4.72 3.58 25.23
N ASN D 23 5.05 3.83 26.50
CA ASN D 23 5.57 2.78 27.37
C ASN D 23 4.57 1.66 27.53
N LEU D 24 3.28 1.96 27.46
CA LEU D 24 2.25 0.95 27.58
C LEU D 24 2.02 0.18 26.28
N GLY D 25 2.73 0.51 25.20
CA GLY D 25 2.64 -0.22 23.95
C GLY D 25 1.64 0.33 22.94
N TYR D 26 1.05 1.50 23.18
CA TYR D 26 0.11 2.10 22.24
C TYR D 26 0.84 2.81 21.10
N GLU D 27 0.12 3.02 19.99
CA GLU D 27 0.62 3.91 18.94
C GLU D 27 0.25 5.34 19.30
N VAL D 28 1.23 6.24 19.28
CA VAL D 28 1.03 7.61 19.73
C VAL D 28 1.42 8.57 18.60
N SER D 29 0.51 9.48 18.27
CA SER D 29 0.79 10.58 17.38
C SER D 29 0.46 11.90 18.08
N GLY D 30 1.13 12.97 17.65
CA GLY D 30 0.81 14.28 18.16
C GLY D 30 1.13 15.38 17.16
N SER D 31 0.45 16.51 17.32
CA SER D 31 0.73 17.69 16.52
C SER D 31 1.20 18.82 17.41
N ASP D 32 1.97 19.75 16.85
CA ASP D 32 2.37 20.96 17.57
C ASP D 32 2.79 22.02 16.57
N LEU D 33 2.77 23.27 17.03
CA LEU D 33 3.11 24.39 16.16
C LEU D 33 4.59 24.46 15.90
N LYS D 34 5.41 24.11 16.89
CA LYS D 34 6.87 24.22 16.81
C LYS D 34 7.51 22.91 17.27
N ALA D 35 8.41 22.37 16.45
CA ALA D 35 9.22 21.24 16.90
C ALA D 35 10.09 21.65 18.08
N SER D 36 10.42 20.67 18.92
CA SER D 36 11.06 20.95 20.20
C SER D 36 11.93 19.77 20.60
N ALA D 37 12.73 19.96 21.66
CA ALA D 37 13.44 18.83 22.23
C ALA D 37 12.46 17.84 22.86
N VAL D 38 11.30 18.34 23.29
CA VAL D 38 10.25 17.49 23.83
C VAL D 38 9.69 16.58 22.74
N THR D 39 9.43 17.14 21.56
CA THR D 39 8.88 16.34 20.47
C THR D 39 9.93 15.42 19.85
N GLU D 40 11.21 15.79 19.95
CA GLU D 40 12.26 14.91 19.44
C GLU D 40 12.43 13.69 20.34
N ARG D 41 12.43 13.91 21.66
CA ARG D 41 12.42 12.78 22.59
C ARG D 41 11.25 11.85 22.30
N LEU D 42 10.06 12.43 22.15
CA LEU D 42 8.88 11.62 21.85
C LEU D 42 9.05 10.85 20.54
N GLU D 43 9.65 11.47 19.53
CA GLU D 43 9.88 10.80 18.26
C GLU D 43 10.85 9.64 18.41
N LYS D 44 11.96 9.87 19.12
CA LYS D 44 12.92 8.81 19.43
C LYS D 44 12.27 7.61 20.11
N PHE D 45 11.24 7.86 20.92
CA PHE D 45 10.54 6.80 21.64
C PHE D 45 9.41 6.17 20.84
N GLY D 46 9.18 6.62 19.60
CA GLY D 46 8.18 6.00 18.72
C GLY D 46 6.95 6.85 18.39
N ALA D 47 6.83 8.08 18.90
CA ALA D 47 5.68 8.89 18.52
C ALA D 47 5.83 9.41 17.10
N GLN D 48 4.71 9.50 16.38
CA GLN D 48 4.66 10.17 15.08
C GLN D 48 4.27 11.62 15.31
N ILE D 49 5.19 12.55 15.01
CA ILE D 49 4.98 13.97 15.27
C ILE D 49 4.64 14.70 13.98
N PHE D 50 3.60 15.53 14.04
CA PHE D 50 3.22 16.43 12.96
C PHE D 50 3.45 17.86 13.41
N ILE D 51 4.07 18.67 12.56
CA ILE D 51 4.25 20.10 12.83
C ILE D 51 3.17 20.87 12.09
N GLY D 52 2.45 21.72 12.82
CA GLY D 52 1.31 22.41 12.26
C GLY D 52 0.03 21.60 12.39
N HIS D 53 -1.09 22.31 12.39
CA HIS D 53 -2.41 21.71 12.64
C HIS D 53 -3.18 21.60 11.34
N GLN D 54 -3.28 20.38 10.82
CA GLN D 54 -4.04 20.07 9.62
C GLN D 54 -4.89 18.85 9.90
N ALA D 55 -6.14 18.88 9.41
CA ALA D 55 -7.11 17.84 9.77
C ALA D 55 -6.60 16.45 9.44
N GLU D 56 -5.72 16.34 8.44
CA GLU D 56 -5.14 15.04 8.11
C GLU D 56 -4.35 14.44 9.27
N ASN D 57 -3.94 15.26 10.25
CA ASN D 57 -3.09 14.73 11.31
C ASN D 57 -3.84 13.77 12.22
N ALA D 58 -5.16 13.87 12.27
CA ALA D 58 -5.99 13.03 13.12
C ALA D 58 -6.43 11.72 12.46
N ASP D 59 -6.09 11.49 11.19
CA ASP D 59 -6.58 10.28 10.54
C ASP D 59 -5.91 9.05 11.13
N GLY D 60 -6.71 7.98 11.26
CA GLY D 60 -6.25 6.77 11.88
C GLY D 60 -6.28 6.77 13.39
N ALA D 61 -6.56 7.91 14.01
CA ALA D 61 -6.56 8.01 15.46
C ALA D 61 -7.83 7.41 16.04
N ASP D 62 -7.68 6.68 17.14
CA ASP D 62 -8.85 6.13 17.80
C ASP D 62 -9.40 7.06 18.87
N VAL D 63 -8.57 7.99 19.35
CA VAL D 63 -8.99 8.96 20.35
C VAL D 63 -8.07 10.17 20.19
N LEU D 64 -8.60 11.35 20.51
CA LEU D 64 -7.84 12.60 20.51
C LEU D 64 -7.73 13.14 21.92
N VAL D 65 -6.57 13.66 22.27
CA VAL D 65 -6.34 14.33 23.55
C VAL D 65 -6.03 15.78 23.27
N VAL D 66 -6.74 16.69 23.94
CA VAL D 66 -6.59 18.12 23.69
C VAL D 66 -6.15 18.81 24.97
N SER D 67 -5.30 19.83 24.82
CA SER D 67 -4.70 20.52 25.96
C SER D 67 -5.76 21.09 26.89
N SER D 68 -6.57 22.02 26.37
CA SER D 68 -7.58 22.66 27.21
C SER D 68 -8.94 22.02 26.99
N ALA D 69 -9.69 22.50 26.00
CA ALA D 69 -11.04 22.05 25.74
C ALA D 69 -11.24 21.86 24.25
N ILE D 70 -12.37 21.27 23.88
CA ILE D 70 -12.73 21.01 22.48
C ILE D 70 -12.95 22.33 21.76
N ASN D 71 -11.86 22.91 21.24
CA ASN D 71 -11.90 24.11 20.41
C ASN D 71 -12.10 23.67 18.97
N ARG D 72 -13.36 23.70 18.51
CA ARG D 72 -13.70 23.18 17.18
C ARG D 72 -13.09 24.02 16.06
N ALA D 73 -12.47 25.15 16.36
CA ALA D 73 -11.71 25.87 15.36
C ALA D 73 -10.60 24.99 14.80
N ASN D 74 -9.84 24.35 15.70
CA ASN D 74 -8.74 23.48 15.29
C ASN D 74 -9.25 22.40 14.35
N PRO D 75 -8.69 22.30 13.15
CA PRO D 75 -9.21 21.32 12.18
C PRO D 75 -9.08 19.86 12.63
N GLU D 76 -8.04 19.51 13.40
CA GLU D 76 -7.90 18.13 13.86
C GLU D 76 -9.07 17.74 14.76
N VAL D 77 -9.43 18.63 15.68
CA VAL D 77 -10.58 18.40 16.56
C VAL D 77 -11.86 18.31 15.73
N ALA D 78 -12.08 19.30 14.85
CA ALA D 78 -13.31 19.33 14.08
C ALA D 78 -13.43 18.11 13.19
N SER D 79 -12.32 17.64 12.63
CA SER D 79 -12.34 16.40 11.85
C SER D 79 -12.72 15.20 12.73
N ALA D 80 -12.15 15.13 13.95
CA ALA D 80 -12.44 14.00 14.82
C ALA D 80 -13.89 14.00 15.27
N LEU D 81 -14.48 15.18 15.48
CA LEU D 81 -15.88 15.21 15.89
C LEU D 81 -16.78 14.79 14.74
N GLU D 82 -16.47 15.23 13.52
CA GLU D 82 -17.27 14.86 12.36
C GLU D 82 -17.25 13.36 12.14
N ARG D 83 -16.15 12.69 12.48
CA ARG D 83 -16.00 11.26 12.29
C ARG D 83 -16.33 10.46 13.54
N ARG D 84 -16.90 11.10 14.57
CA ARG D 84 -17.30 10.44 15.82
C ARG D 84 -16.10 9.83 16.55
N ILE D 85 -14.93 10.43 16.40
CA ILE D 85 -13.74 10.02 17.16
C ILE D 85 -13.78 10.74 18.51
N PRO D 86 -13.80 10.02 19.63
CA PRO D 86 -13.90 10.69 20.92
C PRO D 86 -12.73 11.62 21.18
N VAL D 87 -13.03 12.75 21.80
CA VAL D 87 -12.06 13.77 22.15
C VAL D 87 -12.09 13.89 23.67
N VAL D 88 -10.98 13.54 24.32
CA VAL D 88 -10.94 13.50 25.78
C VAL D 88 -10.02 14.61 26.28
N PRO D 89 -10.39 15.28 27.38
CA PRO D 89 -9.49 16.28 27.95
C PRO D 89 -8.23 15.64 28.52
N ARG D 90 -7.14 16.42 28.48
CA ARG D 90 -5.86 15.98 28.99
C ARG D 90 -5.98 15.39 30.39
N ALA D 91 -6.76 16.02 31.26
CA ALA D 91 -6.82 15.57 32.64
C ALA D 91 -7.46 14.20 32.77
N GLU D 92 -8.38 13.85 31.86
CA GLU D 92 -9.01 12.52 31.94
C GLU D 92 -8.04 11.43 31.50
N MET D 93 -7.29 11.66 30.43
CA MET D 93 -6.31 10.67 30.00
C MET D 93 -5.26 10.49 31.07
N LEU D 94 -4.86 11.58 31.71
CA LEU D 94 -3.94 11.49 32.84
C LEU D 94 -4.47 10.54 33.91
N ALA D 95 -5.73 10.71 34.31
CA ALA D 95 -6.28 9.91 35.40
C ALA D 95 -6.32 8.43 35.04
N GLU D 96 -6.57 8.09 33.78
CA GLU D 96 -6.73 6.70 33.36
C GLU D 96 -5.43 5.91 33.35
N LEU D 97 -4.28 6.60 33.38
CA LEU D 97 -3.00 5.89 33.46
C LEU D 97 -2.93 4.99 34.68
N MET D 98 -3.69 5.33 35.75
CA MET D 98 -3.66 4.53 36.97
C MET D 98 -4.24 3.14 36.78
N ARG D 99 -5.11 2.94 35.78
CA ARG D 99 -5.65 1.63 35.50
C ARG D 99 -4.60 0.61 35.10
N TYR D 100 -3.42 1.05 34.66
CA TYR D 100 -2.39 0.15 34.17
C TYR D 100 -1.29 -0.08 35.18
N ARG D 101 -1.37 0.54 36.35
CA ARG D 101 -0.24 0.54 37.26
C ARG D 101 -0.78 0.29 38.66
N HIS D 102 0.12 0.05 39.61
CA HIS D 102 -0.26 0.05 41.02
C HIS D 102 -0.37 1.51 41.44
N GLY D 103 -1.60 2.04 41.44
CA GLY D 103 -1.80 3.47 41.59
C GLY D 103 -1.92 3.84 43.06
N ILE D 104 -1.20 4.90 43.44
CA ILE D 104 -1.31 5.53 44.76
C ILE D 104 -1.84 6.94 44.56
N ALA D 105 -3.08 7.18 45.01
CA ALA D 105 -3.75 8.47 44.88
C ALA D 105 -3.62 9.26 46.18
N VAL D 106 -3.05 10.45 46.09
CA VAL D 106 -2.87 11.32 47.25
C VAL D 106 -3.94 12.40 47.16
N ALA D 107 -5.02 12.21 47.91
CA ALA D 107 -6.11 13.17 47.98
C ALA D 107 -6.07 13.95 49.28
N GLY D 108 -6.92 14.96 49.36
CA GLY D 108 -6.87 15.92 50.44
C GLY D 108 -6.78 17.33 49.88
N THR D 109 -7.26 18.32 50.63
CA THR D 109 -7.21 19.67 50.08
C THR D 109 -5.80 20.25 50.16
N HIS D 110 -5.10 20.06 51.29
CA HIS D 110 -3.79 20.64 51.50
C HIS D 110 -2.73 19.55 51.64
N GLY D 111 -1.57 19.77 51.04
CA GLY D 111 -0.44 18.89 51.22
C GLY D 111 -0.27 17.81 50.18
N LYS D 112 -1.06 17.83 49.10
CA LYS D 112 -1.00 16.74 48.14
C LYS D 112 0.35 16.70 47.48
N THR D 113 0.89 17.86 47.11
CA THR D 113 2.13 17.93 46.37
C THR D 113 3.31 17.39 47.18
N THR D 114 3.42 17.82 48.44
CA THR D 114 4.56 17.41 49.25
C THR D 114 4.49 15.92 49.58
N THR D 115 3.30 15.42 49.94
CA THR D 115 3.11 14.01 50.26
C THR D 115 3.43 13.13 49.06
N THR D 116 2.91 13.48 47.88
CA THR D 116 3.25 12.77 46.65
C THR D 116 4.77 12.74 46.43
N SER D 117 5.45 13.87 46.66
CA SER D 117 6.89 13.90 46.45
C SER D 117 7.61 13.06 47.50
N LEU D 118 7.11 13.07 48.73
CA LEU D 118 7.74 12.27 49.78
C LEU D 118 7.58 10.79 49.48
N ILE D 119 6.40 10.39 49.02
CA ILE D 119 6.15 9.01 48.66
C ILE D 119 7.10 8.57 47.55
N ALA D 120 7.20 9.40 46.50
CA ALA D 120 8.14 9.10 45.42
C ALA D 120 9.56 9.00 45.96
N SER D 121 9.91 9.87 46.90
CA SER D 121 11.27 9.86 47.42
C SER D 121 11.56 8.56 48.16
N VAL D 122 10.61 8.07 48.95
CA VAL D 122 10.82 6.85 49.71
C VAL D 122 10.81 5.64 48.78
N PHE D 123 9.84 5.57 47.87
CA PHE D 123 9.82 4.46 46.91
C PHE D 123 11.08 4.45 46.05
N ALA D 124 11.58 5.63 45.67
CA ALA D 124 12.84 5.67 44.91
C ALA D 124 13.99 5.14 45.74
N ALA D 125 14.09 5.55 47.01
CA ALA D 125 15.11 5.00 47.89
C ALA D 125 14.98 3.49 48.02
N GLY D 126 13.76 2.95 47.88
CA GLY D 126 13.59 1.52 47.86
C GLY D 126 13.92 0.85 46.56
N GLY D 127 14.46 1.58 45.58
CA GLY D 127 14.80 1.05 44.28
C GLY D 127 13.64 0.88 43.32
N LEU D 128 12.48 1.49 43.60
CA LEU D 128 11.27 1.25 42.80
C LEU D 128 11.02 2.28 41.71
N ASP D 129 11.79 3.37 41.67
CA ASP D 129 11.77 4.38 40.62
C ASP D 129 10.35 4.78 40.13
N PRO D 130 9.48 5.20 41.06
CA PRO D 130 8.07 5.41 40.65
C PRO D 130 7.93 6.57 39.70
N THR D 131 6.87 6.52 38.89
CA THR D 131 6.41 7.69 38.16
C THR D 131 5.42 8.43 39.05
N PHE D 132 5.51 9.76 39.07
CA PHE D 132 4.64 10.51 39.95
C PHE D 132 4.15 11.79 39.28
N VAL D 133 2.97 12.24 39.71
CA VAL D 133 2.26 13.35 39.08
C VAL D 133 2.07 14.42 40.13
N ILE D 134 2.72 15.56 39.93
CA ILE D 134 2.47 16.76 40.72
C ILE D 134 2.17 17.91 39.75
N GLY D 135 1.12 18.67 40.04
CA GLY D 135 0.71 19.77 39.16
C GLY D 135 0.38 19.32 37.75
N GLY D 136 -0.23 18.15 37.60
CA GLY D 136 -0.50 17.63 36.27
C GLY D 136 0.71 17.24 35.44
N ARG D 137 1.92 17.27 36.00
CA ARG D 137 3.13 16.98 35.27
C ARG D 137 3.70 15.65 35.74
N LEU D 138 3.95 14.73 34.80
CA LEU D 138 4.49 13.43 35.11
C LEU D 138 6.00 13.50 35.30
N ASN D 139 6.50 12.79 36.31
CA ASN D 139 7.89 12.85 36.71
C ASN D 139 8.37 11.47 37.12
N ALA D 140 9.69 11.31 37.11
CA ALA D 140 10.38 10.17 37.66
C ALA D 140 11.82 10.60 37.86
N ALA D 141 12.60 9.80 38.59
CA ALA D 141 13.98 10.16 38.89
C ALA D 141 14.98 9.69 37.84
N GLY D 142 14.68 8.61 37.12
CA GLY D 142 15.66 7.96 36.26
C GLY D 142 15.77 8.47 34.84
N THR D 143 15.53 9.77 34.66
CA THR D 143 15.47 10.57 33.43
C THR D 143 15.59 9.87 32.06
N ASN D 144 16.48 8.89 31.88
CA ASN D 144 16.56 8.30 30.56
C ASN D 144 15.48 7.25 30.31
N ALA D 145 15.09 6.51 31.34
CA ALA D 145 14.00 5.54 31.24
C ALA D 145 12.68 6.25 30.94
N GLN D 146 11.80 5.56 30.19
CA GLN D 146 10.51 6.15 29.83
C GLN D 146 9.63 6.34 31.06
N LEU D 147 8.94 7.48 31.13
CA LEU D 147 7.91 7.65 32.14
C LEU D 147 6.95 6.47 32.09
N GLY D 148 6.49 6.03 33.26
CA GLY D 148 5.62 4.88 33.36
C GLY D 148 6.30 3.53 33.42
N ALA D 149 7.62 3.48 33.44
CA ALA D 149 8.27 2.17 33.42
C ALA D 149 8.06 1.43 34.72
N SER D 150 7.93 2.15 35.83
CA SER D 150 7.84 1.48 37.12
C SER D 150 6.47 0.80 37.26
N ARG D 151 6.38 -0.13 38.20
CA ARG D 151 5.04 -0.67 38.52
C ARG D 151 4.17 0.37 39.20
N TYR D 152 4.76 1.42 39.76
CA TYR D 152 4.06 2.33 40.66
C TYR D 152 3.74 3.66 39.97
N LEU D 153 2.52 4.15 40.16
CA LEU D 153 2.18 5.50 39.74
C LEU D 153 1.56 6.23 40.93
N VAL D 154 2.25 7.27 41.41
CA VAL D 154 1.81 8.07 42.55
C VAL D 154 1.28 9.39 42.01
N ALA D 155 0.03 9.72 42.32
CA ALA D 155 -0.57 10.90 41.75
C ALA D 155 -1.39 11.67 42.78
N GLU D 156 -1.33 12.99 42.70
CA GLU D 156 -2.24 13.77 43.52
C GLU D 156 -3.63 13.70 42.91
N ALA D 157 -4.63 13.67 43.80
CA ALA D 157 -6.03 13.56 43.42
C ALA D 157 -6.77 14.80 43.91
N ASP D 158 -7.15 15.67 42.99
CA ASP D 158 -7.74 16.95 43.32
C ASP D 158 -9.26 16.83 43.25
N GLU D 159 -9.94 17.17 44.35
CA GLU D 159 -11.39 17.07 44.42
C GLU D 159 -12.10 18.12 43.58
N SER D 160 -11.37 19.06 42.99
CA SER D 160 -11.98 20.01 42.07
C SER D 160 -11.77 19.61 40.62
N ASP D 161 -11.15 18.46 40.38
CA ASP D 161 -10.90 17.98 39.03
C ASP D 161 -12.06 17.11 38.56
N ALA D 162 -12.53 17.37 37.34
CA ALA D 162 -13.65 16.59 36.79
C ALA D 162 -13.38 15.09 36.79
N SER D 163 -12.12 14.66 36.84
CA SER D 163 -11.82 13.25 36.79
C SER D 163 -11.60 12.66 38.18
N PHE D 164 -11.87 13.43 39.24
CA PHE D 164 -11.64 12.98 40.61
C PHE D 164 -12.25 11.60 40.87
N LEU D 165 -13.51 11.41 40.51
CA LEU D 165 -14.21 10.16 40.79
C LEU D 165 -13.98 9.10 39.72
N HIS D 166 -13.00 9.29 38.82
CA HIS D 166 -12.65 8.26 37.84
C HIS D 166 -11.23 7.73 38.03
N LEU D 167 -10.56 8.08 39.12
CA LEU D 167 -9.30 7.44 39.43
C LEU D 167 -9.55 6.04 39.97
N GLN D 168 -8.68 5.09 39.62
CA GLN D 168 -8.75 3.71 40.09
C GLN D 168 -7.46 3.36 40.82
N PRO D 169 -7.25 3.93 42.01
CA PRO D 169 -6.04 3.62 42.76
C PRO D 169 -6.14 2.27 43.48
N MET D 170 -4.96 1.76 43.85
CA MET D 170 -4.82 0.68 44.80
C MET D 170 -4.83 1.17 46.24
N VAL D 171 -4.21 2.34 46.46
CA VAL D 171 -4.13 2.96 47.76
C VAL D 171 -4.53 4.42 47.59
N ALA D 172 -5.22 4.96 48.60
CA ALA D 172 -5.67 6.35 48.54
C ALA D 172 -5.44 7.02 49.90
N VAL D 173 -4.76 8.17 49.89
CA VAL D 173 -4.58 9.01 51.07
C VAL D 173 -5.63 10.10 51.04
N VAL D 174 -6.18 10.44 52.20
CA VAL D 174 -6.94 11.66 52.39
C VAL D 174 -6.25 12.45 53.50
N THR D 175 -5.51 13.50 53.13
CA THR D 175 -4.76 14.28 54.11
C THR D 175 -5.69 15.14 54.98
N ASN D 176 -6.73 15.73 54.38
CA ASN D 176 -7.63 16.63 55.07
C ASN D 176 -8.74 16.99 54.09
N ILE D 177 -9.85 17.49 54.63
CA ILE D 177 -10.99 17.90 53.80
C ILE D 177 -11.35 19.33 54.19
N ASP D 178 -11.05 20.27 53.30
CA ASP D 178 -11.34 21.67 53.54
C ASP D 178 -12.39 22.17 52.55
N ALA D 179 -12.82 23.40 52.74
CA ALA D 179 -13.93 23.99 51.97
C ALA D 179 -13.46 24.77 50.74
N ASP D 180 -12.16 24.73 50.42
CA ASP D 180 -11.65 25.46 49.27
C ASP D 180 -12.47 25.27 48.00
N HIS D 181 -12.95 24.04 47.74
CA HIS D 181 -13.63 23.73 46.49
C HIS D 181 -15.11 23.39 46.68
N MET D 182 -15.74 24.05 47.65
CA MET D 182 -17.19 23.98 47.79
C MET D 182 -17.91 24.34 46.50
N ALA D 183 -17.35 25.27 45.70
CA ALA D 183 -18.04 25.73 44.50
C ALA D 183 -18.17 24.60 43.47
N THR D 184 -17.15 23.75 43.36
CA THR D 184 -17.26 22.54 42.55
C THR D 184 -18.49 21.72 42.91
N TYR D 185 -18.95 21.82 44.15
CA TYR D 185 -20.02 20.95 44.62
C TYR D 185 -21.24 21.76 45.07
N GLY D 186 -21.63 22.74 44.26
CA GLY D 186 -22.82 23.52 44.54
C GLY D 186 -22.69 24.37 45.78
N GLY D 187 -21.47 24.75 46.14
CA GLY D 187 -21.23 25.54 47.34
C GLY D 187 -21.66 24.89 48.63
N ASP D 188 -21.75 23.55 48.70
CA ASP D 188 -22.20 22.89 49.93
C ASP D 188 -21.11 21.97 50.46
N PHE D 189 -20.75 22.15 51.74
CA PHE D 189 -19.65 21.38 52.31
C PHE D 189 -20.03 19.93 52.58
N ASN D 190 -21.31 19.67 52.92
CA ASN D 190 -21.74 18.28 53.10
C ASN D 190 -21.68 17.48 51.80
N LYS D 191 -22.01 18.13 50.67
CA LYS D 191 -21.88 17.44 49.38
C LYS D 191 -20.42 17.17 49.06
N LEU D 192 -19.55 18.09 49.46
CA LEU D 192 -18.12 17.90 49.27
C LEU D 192 -17.61 16.71 50.09
N LYS D 193 -18.03 16.63 51.36
CA LYS D 193 -17.65 15.49 52.20
C LYS D 193 -18.11 14.18 51.59
N LYS D 194 -19.32 14.16 51.02
CA LYS D 194 -19.85 12.93 50.43
C LYS D 194 -19.04 12.51 49.21
N THR D 195 -18.47 13.47 48.48
CA THR D 195 -17.58 13.14 47.38
C THR D 195 -16.33 12.41 47.85
N PHE D 196 -15.79 12.78 49.01
CA PHE D 196 -14.61 12.07 49.50
C PHE D 196 -14.95 10.64 49.88
N VAL D 197 -16.16 10.39 50.38
CA VAL D 197 -16.60 9.03 50.63
C VAL D 197 -16.70 8.25 49.31
N GLU D 198 -17.29 8.86 48.29
CA GLU D 198 -17.40 8.21 47.00
C GLU D 198 -16.03 7.92 46.41
N PHE D 199 -15.10 8.86 46.58
CA PHE D 199 -13.74 8.65 46.12
C PHE D 199 -13.11 7.42 46.78
N LEU D 200 -13.19 7.35 48.10
CA LEU D 200 -12.61 6.22 48.81
C LEU D 200 -13.26 4.91 48.41
N HIS D 201 -14.54 4.94 48.04
CA HIS D 201 -15.25 3.74 47.63
C HIS D 201 -14.88 3.27 46.23
N ASN D 202 -14.03 4.00 45.49
CA ASN D 202 -13.48 3.50 44.24
C ASN D 202 -12.26 2.61 44.45
N LEU D 203 -11.78 2.51 45.69
CA LEU D 203 -10.83 1.47 46.01
C LEU D 203 -11.48 0.10 45.88
N PRO D 204 -10.72 -0.92 45.50
CA PRO D 204 -11.23 -2.28 45.60
C PRO D 204 -11.20 -2.74 47.05
N PHE D 205 -12.01 -3.78 47.33
CA PHE D 205 -12.07 -4.35 48.68
C PHE D 205 -10.70 -4.74 49.21
N TYR D 206 -9.72 -5.00 48.34
CA TYR D 206 -8.35 -5.26 48.73
C TYR D 206 -7.48 -4.00 48.70
N GLY D 207 -8.06 -2.84 48.43
CA GLY D 207 -7.30 -1.61 48.47
C GLY D 207 -6.94 -1.21 49.89
N LEU D 208 -6.43 0.01 50.01
CA LEU D 208 -6.14 0.57 51.33
C LEU D 208 -6.46 2.05 51.32
N ALA D 209 -7.15 2.52 52.37
CA ALA D 209 -7.42 3.93 52.58
C ALA D 209 -6.56 4.39 53.76
N VAL D 210 -5.76 5.42 53.52
CA VAL D 210 -4.86 6.01 54.52
C VAL D 210 -5.48 7.36 54.91
N MET D 211 -5.95 7.46 56.16
CA MET D 211 -6.80 8.56 56.63
C MET D 211 -6.15 9.34 57.74
N CYS D 212 -6.12 10.66 57.62
CA CYS D 212 -5.54 11.50 58.67
C CYS D 212 -6.64 11.83 59.68
N VAL D 213 -6.61 11.21 60.85
CA VAL D 213 -7.66 11.43 61.85
C VAL D 213 -7.35 12.64 62.72
N ASP D 214 -6.28 13.37 62.41
CA ASP D 214 -6.09 14.68 63.02
C ASP D 214 -7.01 15.73 62.41
N ASP D 215 -7.54 15.45 61.21
CA ASP D 215 -8.57 16.28 60.59
C ASP D 215 -9.94 15.84 61.10
N PRO D 216 -10.77 16.75 61.62
CA PRO D 216 -12.06 16.31 62.20
C PRO D 216 -13.05 15.84 61.14
N VAL D 217 -12.93 16.33 59.90
CA VAL D 217 -13.86 15.91 58.86
C VAL D 217 -13.50 14.52 58.34
N VAL D 218 -12.20 14.23 58.17
CA VAL D 218 -11.77 12.87 57.87
C VAL D 218 -12.24 11.92 58.96
N ARG D 219 -12.08 12.32 60.23
CA ARG D 219 -12.48 11.46 61.34
C ARG D 219 -13.99 11.24 61.36
N GLU D 220 -14.76 12.23 60.91
CA GLU D 220 -16.22 12.12 60.91
C GLU D 220 -16.70 11.10 59.86
N ILE D 221 -16.06 11.06 58.69
CA ILE D 221 -16.50 10.16 57.64
C ILE D 221 -15.87 8.77 57.72
N LEU D 222 -14.89 8.59 58.59
CA LEU D 222 -14.22 7.30 58.73
C LEU D 222 -15.19 6.12 58.87
N PRO D 223 -16.26 6.18 59.69
CA PRO D 223 -17.14 5.01 59.80
C PRO D 223 -17.88 4.65 58.52
N GLN D 224 -17.96 5.56 57.54
CA GLN D 224 -18.61 5.29 56.26
C GLN D 224 -17.72 4.50 55.31
N ILE D 225 -16.44 4.33 55.65
CA ILE D 225 -15.49 3.76 54.71
C ILE D 225 -15.53 2.25 54.94
N ALA D 226 -16.00 1.54 53.93
CA ALA D 226 -16.11 0.09 53.98
C ALA D 226 -14.97 -0.56 53.21
N ARG D 227 -13.76 -0.08 53.45
CA ARG D 227 -12.53 -0.58 52.84
C ARG D 227 -11.48 -0.67 53.93
N PRO D 228 -10.44 -1.48 53.74
CA PRO D 228 -9.36 -1.52 54.73
C PRO D 228 -8.78 -0.13 54.95
N THR D 229 -8.58 0.23 56.21
CA THR D 229 -8.18 1.59 56.59
C THR D 229 -7.03 1.54 57.58
N VAL D 230 -6.06 2.45 57.40
CA VAL D 230 -5.06 2.74 58.42
C VAL D 230 -5.12 4.23 58.72
N THR D 231 -5.25 4.58 59.99
CA THR D 231 -5.32 5.99 60.39
C THR D 231 -3.94 6.48 60.78
N TYR D 232 -3.72 7.78 60.65
CA TYR D 232 -2.45 8.36 61.06
C TYR D 232 -2.68 9.78 61.56
N GLY D 233 -1.71 10.25 62.32
CA GLY D 233 -1.75 11.60 62.83
C GLY D 233 -0.96 11.73 64.12
N LEU D 234 -1.11 12.89 64.75
CA LEU D 234 -0.61 13.09 66.10
C LEU D 234 -1.58 12.58 67.16
N SER D 235 -2.85 12.36 66.81
CA SER D 235 -3.83 11.83 67.75
C SER D 235 -3.31 10.54 68.40
N GLU D 236 -3.60 10.40 69.70
CA GLU D 236 -3.14 9.25 70.45
C GLU D 236 -3.86 7.97 70.03
N ASP D 237 -5.04 8.09 69.40
CA ASP D 237 -5.76 6.91 68.96
C ASP D 237 -5.50 6.52 67.50
N ALA D 238 -4.56 7.17 66.82
CA ALA D 238 -4.27 6.83 65.43
C ALA D 238 -3.38 5.59 65.34
N ASP D 239 -3.53 4.82 64.24
CA ASP D 239 -2.76 3.59 64.08
C ASP D 239 -1.27 3.89 63.98
N VAL D 240 -0.91 4.86 63.15
CA VAL D 240 0.48 5.26 62.93
C VAL D 240 0.62 6.69 63.47
N ARG D 241 1.47 6.86 64.49
CA ARG D 241 1.54 8.11 65.24
C ARG D 241 2.97 8.63 65.32
N ALA D 242 3.08 9.94 65.51
CA ALA D 242 4.35 10.58 65.77
C ALA D 242 4.39 11.10 67.20
N ILE D 243 5.48 10.79 67.91
CA ILE D 243 5.73 11.29 69.25
C ILE D 243 7.15 11.86 69.31
N ASN D 244 7.47 12.51 70.42
CA ASN D 244 8.81 13.04 70.69
C ASN D 244 9.35 13.85 69.52
N ILE D 245 8.53 14.79 69.06
CA ILE D 245 8.93 15.68 67.98
C ILE D 245 9.94 16.68 68.52
N ARG D 246 11.04 16.88 67.80
CA ARG D 246 12.03 17.85 68.22
CA ARG D 246 12.12 17.75 68.21
C ARG D 246 12.71 18.41 66.97
N GLN D 247 13.68 19.29 67.19
CA GLN D 247 14.36 20.00 66.11
C GLN D 247 15.87 19.96 66.32
N GLU D 248 16.59 19.98 65.20
CA GLU D 248 18.05 20.13 65.17
C GLU D 248 18.32 20.94 63.89
N GLY D 249 18.11 22.25 63.99
CA GLY D 249 18.23 23.13 62.85
C GLY D 249 16.95 23.23 62.05
N MET D 250 17.06 23.18 60.72
CA MET D 250 15.91 23.14 59.83
C MET D 250 15.38 21.71 59.64
N ARG D 251 15.91 20.76 60.40
CA ARG D 251 15.48 19.37 60.34
C ARG D 251 14.57 19.05 61.53
N THR D 252 13.48 18.33 61.25
CA THR D 252 12.58 17.87 62.29
C THR D 252 12.77 16.38 62.50
N TRP D 253 12.94 15.99 63.76
CA TRP D 253 13.07 14.59 64.15
C TRP D 253 11.80 14.16 64.88
N PHE D 254 11.41 12.91 64.67
CA PHE D 254 10.36 12.35 65.50
C PHE D 254 10.46 10.83 65.45
N THR D 255 9.78 10.20 66.39
CA THR D 255 9.62 8.76 66.46
C THR D 255 8.24 8.36 65.95
N VAL D 256 8.20 7.44 64.99
CA VAL D 256 6.92 6.97 64.45
C VAL D 256 6.60 5.62 65.06
N LEU D 257 5.37 5.49 65.55
CA LEU D 257 4.86 4.26 66.14
C LEU D 257 3.93 3.58 65.13
N ARG D 258 4.11 2.28 64.95
CA ARG D 258 3.33 1.53 63.98
C ARG D 258 2.84 0.25 64.63
N PRO D 259 1.67 -0.24 64.22
CA PRO D 259 1.17 -1.51 64.78
C PRO D 259 2.14 -2.65 64.52
N GLU D 260 2.45 -3.40 65.57
CA GLU D 260 3.27 -4.61 65.46
C GLU D 260 4.67 -4.31 64.92
N ARG D 261 5.20 -3.11 65.19
CA ARG D 261 6.56 -2.78 64.80
C ARG D 261 7.21 -2.00 65.94
N GLU D 262 8.54 -2.04 65.99
CA GLU D 262 9.25 -1.28 67.02
C GLU D 262 9.21 0.21 66.68
N PRO D 263 9.37 1.07 67.67
CA PRO D 263 9.44 2.51 67.35
C PRO D 263 10.61 2.81 66.42
N LEU D 264 10.38 3.71 65.47
CA LEU D 264 11.34 4.03 64.43
C LEU D 264 11.60 5.53 64.45
N ASP D 265 12.87 5.92 64.61
CA ASP D 265 13.26 7.31 64.63
C ASP D 265 13.50 7.80 63.21
N VAL D 266 12.86 8.91 62.86
CA VAL D 266 12.91 9.44 61.50
C VAL D 266 13.15 10.93 61.57
N SER D 267 13.65 11.50 60.46
CA SER D 267 13.85 12.94 60.39
C SER D 267 13.45 13.41 59.00
N VAL D 268 12.88 14.62 58.93
CA VAL D 268 12.53 15.24 57.66
C VAL D 268 13.14 16.64 57.63
N ASN D 269 13.62 17.06 56.46
CA ASN D 269 14.38 18.29 56.31
C ASN D 269 13.47 19.46 55.97
N MET D 270 12.32 19.53 56.62
CA MET D 270 11.36 20.61 56.44
C MET D 270 10.69 20.83 57.79
N PRO D 271 10.30 22.07 58.09
CA PRO D 271 9.67 22.36 59.39
C PRO D 271 8.15 22.21 59.34
N GLY D 272 7.55 22.29 60.53
CA GLY D 272 6.11 22.33 60.68
C GLY D 272 5.46 20.98 60.90
N LEU D 273 4.44 20.94 61.77
CA LEU D 273 3.68 19.71 61.97
C LEU D 273 3.07 19.22 60.67
N HIS D 274 2.79 20.11 59.73
CA HIS D 274 2.17 19.68 58.48
C HIS D 274 3.11 18.77 57.71
N ASN D 275 4.43 18.94 57.89
CA ASN D 275 5.38 18.03 57.28
C ASN D 275 5.60 16.76 58.09
N VAL D 276 5.38 16.78 59.41
CA VAL D 276 5.30 15.52 60.15
C VAL D 276 4.12 14.69 59.66
N LEU D 277 3.00 15.33 59.35
CA LEU D 277 1.84 14.60 58.83
C LEU D 277 2.09 14.08 57.41
N ASN D 278 2.77 14.88 56.56
CA ASN D 278 3.16 14.39 55.23
C ASN D 278 4.05 13.16 55.32
N SER D 279 4.94 13.12 56.31
CA SER D 279 5.79 11.95 56.47
C SER D 279 5.01 10.77 57.05
N LEU D 280 4.07 11.01 57.96
CA LEU D 280 3.30 9.89 58.50
C LEU D 280 2.50 9.20 57.39
N ALA D 281 1.91 9.99 56.49
CA ALA D 281 1.17 9.42 55.37
C ALA D 281 2.09 8.57 54.48
N THR D 282 3.27 9.10 54.17
CA THR D 282 4.29 8.35 53.42
C THR D 282 4.69 7.07 54.14
N ILE D 283 4.95 7.15 55.45
CA ILE D 283 5.36 5.99 56.22
C ILE D 283 4.26 4.93 56.21
N VAL D 284 2.99 5.33 56.30
CA VAL D 284 1.91 4.33 56.23
C VAL D 284 1.98 3.57 54.91
N ILE D 285 2.11 4.30 53.80
CA ILE D 285 2.05 3.67 52.47
C ILE D 285 3.27 2.80 52.21
N ALA D 286 4.45 3.26 52.65
CA ALA D 286 5.68 2.49 52.45
C ALA D 286 5.65 1.24 53.30
N THR D 287 5.15 1.33 54.53
CA THR D 287 5.05 0.15 55.39
C THR D 287 4.12 -0.90 54.78
N ASP D 288 2.91 -0.50 54.41
CA ASP D 288 1.95 -1.46 53.87
C ASP D 288 2.46 -2.09 52.58
N GLU D 289 3.29 -1.37 51.83
CA GLU D 289 3.88 -1.87 50.59
C GLU D 289 5.07 -2.79 50.84
N GLY D 290 5.58 -2.84 52.06
CA GLY D 290 6.68 -3.72 52.41
C GLY D 290 8.06 -3.13 52.31
N ILE D 291 8.18 -1.82 52.20
CA ILE D 291 9.48 -1.18 52.01
C ILE D 291 10.23 -1.15 53.34
N SER D 292 11.56 -1.32 53.27
CA SER D 292 12.36 -1.47 54.49
C SER D 292 12.44 -0.16 55.28
N ASP D 293 12.77 -0.29 56.57
CA ASP D 293 12.97 0.86 57.43
C ASP D 293 14.08 1.77 56.89
N GLU D 294 15.14 1.19 56.34
CA GLU D 294 16.27 1.98 55.87
CA GLU D 294 16.26 2.01 55.88
C GLU D 294 15.89 2.83 54.66
N ALA D 295 15.08 2.27 53.76
CA ALA D 295 14.61 3.04 52.62
C ALA D 295 13.64 4.15 53.05
N ILE D 296 12.82 3.88 54.07
CA ILE D 296 11.95 4.92 54.61
C ILE D 296 12.79 6.04 55.22
N VAL D 297 13.77 5.67 56.04
CA VAL D 297 14.62 6.67 56.67
C VAL D 297 15.35 7.48 55.63
N GLN D 298 15.93 6.80 54.62
CA GLN D 298 16.72 7.51 53.61
C GLN D 298 15.86 8.41 52.74
N GLY D 299 14.70 7.93 52.28
CA GLY D 299 13.86 8.73 51.40
C GLY D 299 13.27 9.97 52.08
N LEU D 300 12.91 9.86 53.37
CA LEU D 300 12.39 11.03 54.08
C LEU D 300 13.48 12.01 54.44
N SER D 301 14.62 11.49 54.92
CA SER D 301 15.75 12.33 55.30
C SER D 301 16.38 13.03 54.11
N GLY D 302 16.39 12.38 52.96
CA GLY D 302 17.06 12.93 51.80
C GLY D 302 16.22 13.86 50.96
N PHE D 303 14.95 14.02 51.31
CA PHE D 303 14.06 14.86 50.52
C PHE D 303 14.41 16.33 50.77
N GLN D 304 14.89 17.00 49.72
CA GLN D 304 15.31 18.39 49.85
C GLN D 304 14.10 19.31 50.01
N GLY D 305 13.14 19.19 49.11
CA GLY D 305 11.94 20.02 49.11
C GLY D 305 11.29 20.02 47.74
N HIS E 1 5.30 -13.12 15.53
CA HIS E 1 4.63 -14.09 14.68
C HIS E 1 3.18 -14.28 15.16
N ARG E 2 2.23 -14.09 14.25
CA ARG E 2 0.83 -14.00 14.65
CA ARG E 2 0.81 -13.94 14.59
C ARG E 2 -0.13 -14.92 13.91
N ARG E 3 0.24 -15.44 12.74
CA ARG E 3 -0.66 -16.30 11.96
C ARG E 3 -0.05 -17.67 11.74
N ILE E 4 -0.77 -18.71 12.15
CA ILE E 4 -0.32 -20.10 12.09
C ILE E 4 -1.20 -20.84 11.09
N HIS E 5 -0.56 -21.49 10.12
CA HIS E 5 -1.27 -22.20 9.06
C HIS E 5 -1.05 -23.70 9.21
N PHE E 6 -2.14 -24.46 9.20
CA PHE E 6 -2.11 -25.90 9.43
C PHE E 6 -2.36 -26.61 8.11
N VAL E 7 -1.38 -27.39 7.65
CA VAL E 7 -1.56 -28.24 6.47
C VAL E 7 -2.17 -29.56 6.91
N GLY E 8 -3.43 -29.80 6.53
CA GLY E 8 -4.15 -30.96 7.01
C GLY E 8 -4.82 -30.70 8.35
N ILE E 9 -5.54 -29.59 8.46
CA ILE E 9 -6.03 -29.10 9.75
C ILE E 9 -7.17 -29.93 10.29
N GLY E 10 -7.91 -30.64 9.43
CA GLY E 10 -9.02 -31.43 9.92
C GLY E 10 -8.62 -32.72 10.58
N GLY E 11 -7.46 -33.25 10.22
CA GLY E 11 -7.10 -34.59 10.66
C GLY E 11 -6.47 -34.61 12.04
N ALA E 12 -5.79 -35.74 12.30
CA ALA E 12 -4.83 -35.97 13.36
C ALA E 12 -5.19 -35.34 14.70
N GLY E 13 -4.16 -34.96 15.44
CA GLY E 13 -4.30 -34.02 16.52
C GLY E 13 -3.84 -32.67 16.00
N MET E 14 -4.28 -32.32 14.78
CA MET E 14 -4.12 -30.97 14.23
C MET E 14 -5.20 -30.04 14.79
N CYS E 15 -6.46 -30.47 14.70
CA CYS E 15 -7.58 -29.60 15.03
C CYS E 15 -7.53 -29.11 16.47
N GLY E 16 -7.16 -30.00 17.41
CA GLY E 16 -7.07 -29.58 18.80
C GLY E 16 -6.03 -28.51 19.02
N ILE E 17 -4.87 -28.65 18.37
CA ILE E 17 -3.83 -27.64 18.49
C ILE E 17 -4.31 -26.34 17.89
N ALA E 18 -4.98 -26.40 16.74
CA ALA E 18 -5.48 -25.19 16.12
C ALA E 18 -6.49 -24.48 17.03
N GLU E 19 -7.37 -25.25 17.70
CA GLU E 19 -8.37 -24.67 18.58
C GLU E 19 -7.73 -23.98 19.78
N VAL E 20 -6.68 -24.58 20.34
CA VAL E 20 -6.01 -23.94 21.48
C VAL E 20 -5.34 -22.65 21.03
N LEU E 21 -4.73 -22.64 19.84
CA LEU E 21 -4.08 -21.41 19.36
C LEU E 21 -5.11 -20.31 19.11
N LEU E 22 -6.31 -20.67 18.66
CA LEU E 22 -7.37 -19.68 18.59
C LEU E 22 -7.67 -19.12 19.97
N ASN E 23 -7.78 -20.00 20.97
CA ASN E 23 -8.11 -19.58 22.33
C ASN E 23 -7.07 -18.64 22.90
N LEU E 24 -5.81 -18.81 22.51
CA LEU E 24 -4.71 -17.94 22.90
C LEU E 24 -4.71 -16.61 22.15
N GLY E 25 -5.60 -16.44 21.17
CA GLY E 25 -5.71 -15.18 20.45
C GLY E 25 -4.90 -15.06 19.18
N TYR E 26 -4.40 -16.18 18.62
CA TYR E 26 -3.66 -16.13 17.35
C TYR E 26 -4.62 -16.21 16.17
N GLU E 27 -4.17 -15.68 15.04
CA GLU E 27 -4.83 -15.95 13.76
C GLU E 27 -4.48 -17.36 13.32
N VAL E 28 -5.49 -18.15 12.98
CA VAL E 28 -5.24 -19.53 12.60
C VAL E 28 -5.90 -19.79 11.26
N SER E 29 -5.14 -20.38 10.34
CA SER E 29 -5.65 -20.84 9.06
C SER E 29 -5.28 -22.31 8.87
N GLY E 30 -6.04 -23.00 8.03
CA GLY E 30 -5.73 -24.38 7.74
C GLY E 30 -6.24 -24.77 6.37
N SER E 31 -5.66 -25.85 5.84
CA SER E 31 -6.12 -26.43 4.59
C SER E 31 -6.51 -27.88 4.83
N ASP E 32 -7.44 -28.37 4.01
CA ASP E 32 -7.79 -29.79 4.05
C ASP E 32 -8.44 -30.21 2.75
N LEU E 33 -8.39 -31.51 2.47
CA LEU E 33 -8.96 -32.03 1.24
C LEU E 33 -10.48 -31.97 1.24
N LYS E 34 -11.11 -32.15 2.40
CA LYS E 34 -12.56 -32.19 2.51
C LYS E 34 -13.02 -31.41 3.74
N ALA E 35 -14.08 -30.62 3.57
CA ALA E 35 -14.74 -30.01 4.71
C ALA E 35 -15.39 -31.08 5.58
N SER E 36 -15.53 -30.78 6.87
CA SER E 36 -16.10 -31.72 7.83
C SER E 36 -16.67 -30.93 9.00
N ALA E 37 -17.24 -31.66 9.97
CA ALA E 37 -17.71 -31.01 11.17
C ALA E 37 -16.56 -30.38 11.95
N VAL E 38 -15.38 -31.01 11.89
CA VAL E 38 -14.18 -30.50 12.55
C VAL E 38 -13.78 -29.15 11.95
N THR E 39 -13.72 -29.07 10.63
CA THR E 39 -13.39 -27.82 9.97
C THR E 39 -14.44 -26.73 10.24
N GLU E 40 -15.71 -27.11 10.42
CA GLU E 40 -16.75 -26.12 10.62
C GLU E 40 -16.73 -25.55 12.03
N ARG E 41 -16.47 -26.39 13.04
CA ARG E 41 -16.24 -25.90 14.39
C ARG E 41 -15.11 -24.88 14.41
N LEU E 42 -13.98 -25.23 13.78
CA LEU E 42 -12.84 -24.31 13.76
C LEU E 42 -13.22 -23.00 13.08
N GLU E 43 -13.99 -23.07 11.99
CA GLU E 43 -14.42 -21.85 11.32
C GLU E 43 -15.31 -21.02 12.22
N LYS E 44 -16.25 -21.68 12.91
CA LYS E 44 -17.08 -20.99 13.90
C LYS E 44 -16.24 -20.31 14.97
N PHE E 45 -15.10 -20.92 15.36
CA PHE E 45 -14.22 -20.32 16.35
C PHE E 45 -13.26 -19.29 15.77
N GLY E 46 -13.33 -18.97 14.47
CA GLY E 46 -12.48 -17.93 13.93
C GLY E 46 -11.39 -18.39 12.97
N ALA E 47 -11.27 -19.68 12.69
CA ALA E 47 -10.22 -20.16 11.79
C ALA E 47 -10.62 -19.92 10.33
N GLN E 48 -9.65 -19.52 9.52
CA GLN E 48 -9.84 -19.47 8.08
C GLN E 48 -9.48 -20.83 7.48
N ILE E 49 -10.44 -21.44 6.78
CA ILE E 49 -10.28 -22.79 6.25
C ILE E 49 -10.18 -22.71 4.74
N PHE E 50 -9.23 -23.43 4.17
CA PHE E 50 -9.08 -23.60 2.73
C PHE E 50 -9.30 -25.06 2.38
N ILE E 51 -10.10 -25.31 1.34
CA ILE E 51 -10.32 -26.66 0.86
C ILE E 51 -9.43 -26.87 -0.35
N GLY E 52 -8.60 -27.90 -0.32
CA GLY E 52 -7.62 -28.11 -1.36
C GLY E 52 -6.26 -27.56 -0.97
N HIS E 53 -5.22 -28.13 -1.57
CA HIS E 53 -3.84 -27.72 -1.30
C HIS E 53 -3.34 -26.91 -2.48
N GLN E 54 -3.20 -25.60 -2.27
CA GLN E 54 -2.64 -24.72 -3.28
C GLN E 54 -1.72 -23.74 -2.55
N ALA E 55 -0.66 -23.33 -3.25
CA ALA E 55 0.41 -22.56 -2.61
C ALA E 55 -0.12 -21.32 -1.89
N GLU E 56 -1.21 -20.74 -2.39
CA GLU E 56 -1.70 -19.46 -1.86
C GLU E 56 -2.29 -19.59 -0.46
N ASN E 57 -2.73 -20.79 -0.08
CA ASN E 57 -3.24 -21.01 1.26
C ASN E 57 -2.22 -20.61 2.33
N ALA E 58 -0.92 -20.62 2.01
CA ALA E 58 0.13 -20.30 2.96
C ALA E 58 0.51 -18.82 3.01
N ASP E 59 -0.04 -17.97 2.13
CA ASP E 59 0.33 -16.55 2.16
C ASP E 59 -0.14 -15.90 3.46
N GLY E 60 0.70 -15.04 4.01
CA GLY E 60 0.43 -14.42 5.28
C GLY E 60 0.90 -15.20 6.48
N ALA E 61 1.14 -16.50 6.35
CA ALA E 61 1.46 -17.33 7.51
C ALA E 61 2.85 -17.00 8.02
N ASP E 62 2.98 -16.94 9.35
CA ASP E 62 4.29 -16.80 9.98
C ASP E 62 4.93 -18.14 10.29
N VAL E 63 4.15 -19.20 10.38
CA VAL E 63 4.66 -20.56 10.58
C VAL E 63 3.64 -21.49 9.98
N LEU E 64 4.12 -22.62 9.42
CA LEU E 64 3.26 -23.69 8.98
C LEU E 64 3.42 -24.87 9.92
N VAL E 65 2.32 -25.59 10.15
CA VAL E 65 2.33 -26.82 10.92
C VAL E 65 1.89 -27.95 10.02
N VAL E 66 2.69 -29.01 10.00
CA VAL E 66 2.44 -30.20 9.18
C VAL E 66 2.34 -31.39 10.13
N SER E 67 1.56 -32.39 9.74
CA SER E 67 1.32 -33.53 10.62
C SER E 67 2.50 -34.49 10.62
N SER E 68 2.91 -34.96 9.45
CA SER E 68 3.97 -35.95 9.30
C SER E 68 5.27 -35.25 9.01
N ALA E 69 6.04 -35.64 7.98
CA ALA E 69 7.30 -34.98 7.65
C ALA E 69 7.07 -33.88 6.63
N ILE E 70 8.13 -33.11 6.37
CA ILE E 70 8.06 -32.09 5.33
C ILE E 70 7.85 -32.79 4.00
N ASN E 71 6.75 -32.43 3.32
CA ASN E 71 6.41 -33.11 2.08
C ASN E 71 7.24 -32.58 0.92
N ARG E 72 7.33 -31.26 0.78
CA ARG E 72 7.96 -30.56 -0.35
C ARG E 72 7.18 -30.83 -1.65
N ALA E 73 6.54 -32.00 -1.76
CA ALA E 73 5.53 -32.19 -2.79
C ALA E 73 4.33 -31.29 -2.53
N ASN E 74 3.97 -31.10 -1.26
CA ASN E 74 2.84 -30.25 -0.96
C ASN E 74 3.16 -28.82 -1.39
N PRO E 75 2.33 -28.21 -2.24
CA PRO E 75 2.63 -26.84 -2.68
C PRO E 75 2.63 -25.81 -1.57
N GLU E 76 1.82 -26.00 -0.51
CA GLU E 76 1.84 -25.06 0.61
C GLU E 76 3.17 -25.13 1.33
N VAL E 77 3.65 -26.35 1.58
CA VAL E 77 4.93 -26.52 2.25
C VAL E 77 6.06 -25.97 1.38
N ALA E 78 6.08 -26.32 0.09
CA ALA E 78 7.15 -25.86 -0.78
C ALA E 78 7.15 -24.34 -0.90
N SER E 79 5.96 -23.73 -0.92
CA SER E 79 5.90 -22.28 -0.95
C SER E 79 6.52 -21.69 0.32
N ALA E 80 6.17 -22.25 1.48
CA ALA E 80 6.70 -21.75 2.75
C ALA E 80 8.22 -21.90 2.82
N LEU E 81 8.75 -23.05 2.37
CA LEU E 81 10.19 -23.25 2.39
C LEU E 81 10.89 -22.23 1.48
N GLU E 82 10.33 -22.00 0.28
CA GLU E 82 10.87 -20.99 -0.62
C GLU E 82 10.98 -19.63 0.04
N ARG E 83 10.04 -19.29 0.91
CA ARG E 83 9.96 -17.94 1.47
C ARG E 83 10.52 -17.85 2.88
N ARG E 84 11.25 -18.87 3.32
CA ARG E 84 11.90 -18.88 4.63
CA ARG E 84 11.91 -18.86 4.64
C ARG E 84 10.89 -18.73 5.76
N ILE E 85 9.75 -19.37 5.61
CA ILE E 85 8.73 -19.46 6.65
C ILE E 85 8.90 -20.80 7.36
N PRO E 86 9.11 -20.83 8.66
CA PRO E 86 9.39 -22.11 9.32
C PRO E 86 8.22 -23.07 9.20
N VAL E 87 8.57 -24.34 9.09
CA VAL E 87 7.61 -25.44 9.00
C VAL E 87 7.90 -26.34 10.19
N VAL E 88 6.96 -26.37 11.14
CA VAL E 88 7.20 -27.12 12.37
C VAL E 88 6.32 -28.36 12.34
N PRO E 89 6.80 -29.49 12.85
CA PRO E 89 5.92 -30.66 12.91
C PRO E 89 4.92 -30.51 14.04
N ARG E 90 3.81 -31.24 13.90
CA ARG E 90 2.69 -31.15 14.83
C ARG E 90 3.13 -31.34 16.28
N ALA E 91 4.05 -32.29 16.52
CA ALA E 91 4.39 -32.61 17.90
C ALA E 91 5.16 -31.48 18.57
N GLU E 92 5.89 -30.69 17.79
CA GLU E 92 6.58 -29.54 18.37
C GLU E 92 5.61 -28.43 18.76
N MET E 93 4.63 -28.15 17.90
CA MET E 93 3.62 -27.14 18.21
C MET E 93 2.82 -27.56 19.43
N LEU E 94 2.42 -28.84 19.47
CA LEU E 94 1.73 -29.38 20.62
C LEU E 94 2.54 -29.17 21.90
N ALA E 95 3.83 -29.50 21.85
CA ALA E 95 4.68 -29.36 23.02
C ALA E 95 4.77 -27.93 23.51
N GLU E 96 4.71 -26.95 22.59
CA GLU E 96 4.86 -25.55 22.97
C GLU E 96 3.61 -24.95 23.61
N LEU E 97 2.44 -25.58 23.44
CA LEU E 97 1.26 -25.07 24.12
C LEU E 97 1.49 -24.92 25.63
N MET E 98 2.36 -25.77 26.22
CA MET E 98 2.62 -25.68 27.65
C MET E 98 3.24 -24.35 28.10
N ARG E 99 3.92 -23.62 27.22
CA ARG E 99 4.49 -22.33 27.61
C ARG E 99 3.44 -21.29 27.96
N TYR E 100 2.18 -21.51 27.61
CA TYR E 100 1.11 -20.55 27.85
C TYR E 100 0.25 -20.90 29.03
N ARG E 101 0.49 -22.05 29.69
CA ARG E 101 -0.43 -22.55 30.69
C ARG E 101 0.37 -23.10 31.87
N HIS E 102 -0.33 -23.39 32.96
CA HIS E 102 0.27 -24.15 34.04
C HIS E 102 0.40 -25.60 33.56
N GLY E 103 1.58 -25.95 33.03
CA GLY E 103 1.76 -27.26 32.42
C GLY E 103 2.12 -28.33 33.45
N ILE E 104 1.49 -29.50 33.30
CA ILE E 104 1.80 -30.70 34.07
C ILE E 104 2.19 -31.79 33.07
N ALA E 105 3.46 -32.19 33.10
CA ALA E 105 3.97 -33.18 32.15
C ALA E 105 4.04 -34.53 32.87
N VAL E 106 3.40 -35.54 32.30
CA VAL E 106 3.38 -36.88 32.88
C VAL E 106 4.35 -37.70 32.06
N ALA E 107 5.56 -37.89 32.60
CA ALA E 107 6.60 -38.66 31.95
C ALA E 107 6.72 -40.03 32.62
N GLY E 108 7.50 -40.90 31.99
CA GLY E 108 7.62 -42.27 32.41
C GLY E 108 7.28 -43.21 31.28
N THR E 109 7.86 -44.41 31.25
CA THR E 109 7.65 -45.28 30.11
C THR E 109 6.25 -45.86 30.10
N HIS E 110 5.74 -46.30 31.25
CA HIS E 110 4.41 -46.91 31.36
C HIS E 110 3.52 -46.08 32.28
N GLY E 111 2.23 -46.02 31.93
CA GLY E 111 1.23 -45.44 32.80
C GLY E 111 0.94 -43.98 32.57
N LYS E 112 1.50 -43.38 31.51
CA LYS E 112 1.29 -41.96 31.25
C LYS E 112 -0.18 -41.69 30.95
N THR E 113 -0.77 -42.52 30.08
CA THR E 113 -2.15 -42.30 29.65
C THR E 113 -3.10 -42.32 30.83
N THR E 114 -2.98 -43.33 31.68
CA THR E 114 -3.91 -43.44 32.80
C THR E 114 -3.66 -42.36 33.83
N THR E 115 -2.40 -42.04 34.11
CA THR E 115 -2.10 -41.00 35.10
C THR E 115 -2.56 -39.64 34.61
N THR E 116 -2.32 -39.31 33.33
CA THR E 116 -2.85 -38.07 32.78
C THR E 116 -4.36 -38.00 32.91
N SER E 117 -5.04 -39.10 32.63
CA SER E 117 -6.50 -39.13 32.72
C SER E 117 -6.98 -38.98 34.14
N LEU E 118 -6.23 -39.53 35.11
CA LEU E 118 -6.63 -39.42 36.51
C LEU E 118 -6.43 -38.01 37.02
N ILE E 119 -5.32 -37.37 36.64
CA ILE E 119 -5.08 -35.97 36.97
C ILE E 119 -6.20 -35.10 36.42
N ALA E 120 -6.52 -35.27 35.14
CA ALA E 120 -7.64 -34.56 34.54
C ALA E 120 -8.92 -34.80 35.31
N SER E 121 -9.18 -36.05 35.69
CA SER E 121 -10.43 -36.36 36.38
C SER E 121 -10.50 -35.68 37.76
N VAL E 122 -9.38 -35.63 38.48
CA VAL E 122 -9.36 -35.00 39.80
C VAL E 122 -9.43 -33.47 39.67
N PHE E 123 -8.69 -32.89 38.71
CA PHE E 123 -8.76 -31.45 38.47
C PHE E 123 -10.14 -31.02 38.01
N ALA E 124 -10.80 -31.84 37.18
CA ALA E 124 -12.16 -31.51 36.79
C ALA E 124 -13.11 -31.57 37.98
N ALA E 125 -12.94 -32.56 38.86
CA ALA E 125 -13.76 -32.64 40.06
C ALA E 125 -13.59 -31.42 40.96
N GLY E 126 -12.40 -30.81 40.94
CA GLY E 126 -12.23 -29.56 41.65
C GLY E 126 -12.66 -28.33 40.88
N GLY E 127 -13.35 -28.49 39.76
CA GLY E 127 -13.88 -27.38 38.99
C GLY E 127 -12.89 -26.67 38.10
N LEU E 128 -11.74 -27.27 37.81
CA LEU E 128 -10.70 -26.59 37.06
C LEU E 128 -10.72 -26.88 35.56
N ASP E 129 -11.62 -27.75 35.08
CA ASP E 129 -11.87 -28.10 33.68
C ASP E 129 -10.59 -28.15 32.85
N PRO E 130 -9.60 -28.98 33.21
CA PRO E 130 -8.31 -28.92 32.51
C PRO E 130 -8.40 -29.42 31.08
N THR E 131 -7.54 -28.86 30.23
CA THR E 131 -7.25 -29.45 28.94
C THR E 131 -6.15 -30.50 29.11
N PHE E 132 -6.33 -31.66 28.46
CA PHE E 132 -5.32 -32.71 28.60
C PHE E 132 -5.05 -33.39 27.26
N VAL E 133 -3.86 -33.97 27.17
CA VAL E 133 -3.31 -34.55 25.95
C VAL E 133 -3.00 -36.01 26.23
N ILE E 134 -3.74 -36.92 25.60
CA ILE E 134 -3.39 -38.34 25.60
C ILE E 134 -3.30 -38.78 24.14
N GLY E 135 -2.21 -39.45 23.79
CA GLY E 135 -2.04 -39.95 22.44
C GLY E 135 -1.98 -38.88 21.37
N GLY E 136 -1.35 -37.75 21.67
CA GLY E 136 -1.33 -36.64 20.73
C GLY E 136 -2.65 -35.93 20.51
N ARG E 137 -3.68 -36.22 21.29
CA ARG E 137 -5.01 -35.66 21.10
C ARG E 137 -5.41 -34.80 22.29
N LEU E 138 -5.82 -33.55 22.01
CA LEU E 138 -6.26 -32.64 23.06
C LEU E 138 -7.71 -32.90 23.43
N ASN E 139 -7.99 -32.87 24.73
CA ASN E 139 -9.30 -33.21 25.28
C ASN E 139 -9.65 -32.24 26.41
N ALA E 140 -10.96 -32.08 26.64
CA ALA E 140 -11.47 -31.46 27.86
C ALA E 140 -12.92 -31.89 28.02
N ALA E 141 -13.40 -31.84 29.26
CA ALA E 141 -14.76 -32.32 29.54
C ALA E 141 -15.85 -31.33 29.13
N GLY E 142 -15.53 -30.03 29.06
CA GLY E 142 -16.43 -28.93 28.77
C GLY E 142 -17.02 -28.84 27.39
N THR E 143 -16.62 -29.71 26.46
CA THR E 143 -17.18 -29.92 25.12
C THR E 143 -17.59 -28.67 24.32
N ASN E 144 -18.30 -27.72 24.94
CA ASN E 144 -18.61 -26.50 24.22
C ASN E 144 -17.50 -25.45 24.32
N ALA E 145 -16.88 -25.33 25.49
CA ALA E 145 -15.78 -24.40 25.68
C ALA E 145 -14.59 -24.78 24.78
N GLN E 146 -13.84 -23.77 24.36
CA GLN E 146 -12.66 -24.00 23.53
C GLN E 146 -11.60 -24.76 24.31
N LEU E 147 -10.98 -25.73 23.65
CA LEU E 147 -9.78 -26.34 24.21
C LEU E 147 -8.81 -25.24 24.60
N GLY E 148 -8.15 -25.43 25.75
CA GLY E 148 -7.18 -24.48 26.24
C GLY E 148 -7.72 -23.40 27.16
N ALA E 149 -9.03 -23.38 27.40
CA ALA E 149 -9.61 -22.32 28.23
C ALA E 149 -9.13 -22.40 29.67
N SER E 150 -8.94 -23.61 30.20
CA SER E 150 -8.44 -23.78 31.55
C SER E 150 -7.05 -23.18 31.69
N ARG E 151 -6.71 -22.78 32.92
CA ARG E 151 -5.32 -22.44 33.24
C ARG E 151 -4.39 -23.65 33.13
N TYR E 152 -4.92 -24.86 33.21
CA TYR E 152 -4.08 -26.05 33.33
C TYR E 152 -3.99 -26.80 32.02
N LEU E 153 -2.80 -27.32 31.74
CA LEU E 153 -2.61 -28.22 30.61
C LEU E 153 -1.84 -29.44 31.09
N VAL E 154 -2.50 -30.61 31.03
CA VAL E 154 -1.95 -31.88 31.51
C VAL E 154 -1.59 -32.72 30.29
N ALA E 155 -0.32 -33.09 30.15
CA ALA E 155 0.11 -33.76 28.93
C ALA E 155 1.03 -34.92 29.24
N GLU E 156 0.87 -36.00 28.49
CA GLU E 156 1.86 -37.07 28.61
C GLU E 156 3.10 -36.65 27.87
N ALA E 157 4.26 -37.00 28.43
CA ALA E 157 5.55 -36.64 27.84
C ALA E 157 6.28 -37.92 27.50
N ASP E 158 6.46 -38.16 26.21
CA ASP E 158 7.00 -39.41 25.68
C ASP E 158 8.48 -39.25 25.40
N GLU E 159 9.32 -40.05 26.08
CA GLU E 159 10.77 -39.90 25.90
C GLU E 159 11.23 -40.27 24.49
N SER E 160 10.41 -40.94 23.69
CA SER E 160 10.75 -41.22 22.30
C SER E 160 10.33 -40.11 21.37
N ASP E 161 9.74 -39.04 21.89
CA ASP E 161 9.28 -37.92 21.08
C ASP E 161 10.40 -36.90 20.91
N ALA E 162 10.61 -36.46 19.67
CA ALA E 162 11.63 -35.45 19.39
C ALA E 162 11.46 -34.16 20.20
N SER E 163 10.27 -33.84 20.68
CA SER E 163 10.09 -32.63 21.47
C SER E 163 10.19 -32.84 22.99
N PHE E 164 10.62 -34.03 23.44
CA PHE E 164 10.67 -34.34 24.86
C PHE E 164 11.42 -33.28 25.67
N LEU E 165 12.63 -32.93 25.23
CA LEU E 165 13.42 -31.93 25.94
C LEU E 165 13.01 -30.46 25.61
N HIS E 166 11.87 -30.22 24.97
CA HIS E 166 11.39 -28.86 24.73
C HIS E 166 10.07 -28.56 25.43
N LEU E 167 9.61 -29.46 26.29
CA LEU E 167 8.50 -29.13 27.16
C LEU E 167 8.97 -28.18 28.26
N GLN E 168 8.10 -27.23 28.61
CA GLN E 168 8.36 -26.33 29.73
C GLN E 168 7.22 -26.46 30.74
N PRO E 169 7.13 -27.59 31.43
CA PRO E 169 6.10 -27.72 32.46
C PRO E 169 6.47 -26.98 33.73
N MET E 170 5.45 -26.77 34.56
CA MET E 170 5.62 -26.38 35.95
C MET E 170 5.79 -27.58 36.88
N VAL E 171 5.14 -28.68 36.56
CA VAL E 171 5.17 -29.91 37.35
C VAL E 171 5.47 -31.05 36.40
N ALA E 172 6.32 -31.98 36.83
CA ALA E 172 6.72 -33.11 36.00
C ALA E 172 6.68 -34.38 36.81
N VAL E 173 5.94 -35.39 36.32
CA VAL E 173 5.90 -36.72 36.93
C VAL E 173 6.83 -37.64 36.16
N VAL E 174 7.56 -38.49 36.88
CA VAL E 174 8.25 -39.64 36.28
C VAL E 174 7.72 -40.89 36.97
N THR E 175 6.88 -41.65 36.25
CA THR E 175 6.25 -42.85 36.81
C THR E 175 7.23 -44.01 36.89
N ASN E 176 8.12 -44.14 35.90
CA ASN E 176 9.10 -45.22 35.82
C ASN E 176 9.96 -44.99 34.59
N ILE E 177 11.13 -45.61 34.55
CA ILE E 177 12.03 -45.51 33.41
C ILE E 177 12.38 -46.92 32.94
N ASP E 178 11.82 -47.34 31.82
CA ASP E 178 12.04 -48.65 31.21
C ASP E 178 12.83 -48.48 29.92
N ALA E 179 13.14 -49.62 29.28
CA ALA E 179 14.03 -49.66 28.15
C ALA E 179 13.31 -49.77 26.81
N ASP E 180 11.98 -49.59 26.77
CA ASP E 180 11.24 -49.70 25.51
C ASP E 180 11.85 -48.84 24.40
N HIS E 181 12.29 -47.62 24.72
CA HIS E 181 12.71 -46.66 23.72
C HIS E 181 14.22 -46.41 23.74
N MET E 182 15.00 -47.43 24.12
CA MET E 182 16.44 -47.36 23.97
C MET E 182 16.88 -47.06 22.53
N ALA E 183 16.09 -47.48 21.54
CA ALA E 183 16.45 -47.23 20.14
C ALA E 183 16.60 -45.74 19.86
N THR E 184 15.79 -44.90 20.53
CA THR E 184 15.88 -43.46 20.35
C THR E 184 17.21 -42.92 20.86
N TYR E 185 17.84 -43.60 21.80
CA TYR E 185 19.06 -43.10 22.43
C TYR E 185 20.26 -43.99 22.10
N GLY E 186 20.32 -44.45 20.86
CA GLY E 186 21.46 -45.21 20.39
C GLY E 186 21.57 -46.55 21.05
N GLY E 187 20.43 -47.20 21.31
CA GLY E 187 20.38 -48.45 22.04
C GLY E 187 21.14 -48.47 23.35
N ASP E 188 21.21 -47.35 24.06
CA ASP E 188 21.96 -47.28 25.32
C ASP E 188 21.05 -46.83 26.45
N PHE E 189 20.83 -47.71 27.43
CA PHE E 189 19.94 -47.39 28.54
C PHE E 189 20.49 -46.25 29.41
N ASN E 190 21.81 -46.17 29.58
CA ASN E 190 22.41 -45.08 30.35
C ASN E 190 22.15 -43.71 29.71
N LYS E 191 22.13 -43.62 28.37
CA LYS E 191 21.79 -42.35 27.73
C LYS E 191 20.32 -42.02 27.94
N LEU E 192 19.47 -43.04 27.95
CA LEU E 192 18.06 -42.81 28.23
C LEU E 192 17.89 -42.22 29.62
N LYS E 193 18.60 -42.79 30.62
CA LYS E 193 18.57 -42.28 31.98
C LYS E 193 18.99 -40.82 32.04
N LYS E 194 20.09 -40.48 31.37
CA LYS E 194 20.58 -39.10 31.37
C LYS E 194 19.52 -38.17 30.79
N THR E 195 18.78 -38.63 29.78
CA THR E 195 17.73 -37.80 29.18
C THR E 195 16.60 -37.51 30.17
N PHE E 196 16.28 -38.45 31.07
CA PHE E 196 15.26 -38.15 32.07
C PHE E 196 15.75 -37.11 33.07
N VAL E 197 17.05 -37.11 33.36
CA VAL E 197 17.62 -36.07 34.21
C VAL E 197 17.54 -34.72 33.52
N GLU E 198 17.88 -34.67 32.22
CA GLU E 198 17.79 -33.43 31.46
C GLU E 198 16.35 -32.93 31.40
N PHE E 199 15.41 -33.87 31.27
CA PHE E 199 13.99 -33.51 31.23
C PHE E 199 13.59 -32.83 32.53
N LEU E 200 13.98 -33.41 33.67
CA LEU E 200 13.58 -32.82 34.94
C LEU E 200 14.25 -31.46 35.15
N HIS E 201 15.47 -31.27 34.64
CA HIS E 201 16.17 -30.01 34.78
C HIS E 201 15.65 -28.92 33.85
N ASN E 202 14.62 -29.22 33.04
CA ASN E 202 13.86 -28.19 32.36
C ASN E 202 12.77 -27.58 33.25
N LEU E 203 12.54 -28.14 34.42
CA LEU E 203 11.69 -27.48 35.38
C LEU E 203 12.38 -26.22 35.89
N PRO E 204 11.62 -25.18 36.21
CA PRO E 204 12.20 -24.04 36.92
C PRO E 204 12.41 -24.38 38.39
N PHE E 205 13.32 -23.60 39.02
CA PHE E 205 13.59 -23.78 40.45
C PHE E 205 12.32 -23.74 41.30
N TYR E 206 11.23 -23.12 40.84
CA TYR E 206 9.97 -23.16 41.56
C TYR E 206 9.03 -24.26 41.04
N GLY E 207 9.48 -25.10 40.11
CA GLY E 207 8.70 -26.22 39.65
C GLY E 207 8.65 -27.35 40.68
N LEU E 208 8.05 -28.46 40.26
CA LEU E 208 7.97 -29.65 41.12
C LEU E 208 8.22 -30.91 40.29
N ALA E 209 9.13 -31.75 40.76
CA ALA E 209 9.33 -33.07 40.20
C ALA E 209 8.67 -34.10 41.10
N VAL E 210 7.85 -34.98 40.50
CA VAL E 210 7.08 -35.99 41.24
C VAL E 210 7.62 -37.35 40.79
N MET E 211 8.24 -38.08 41.72
CA MET E 211 9.12 -39.19 41.39
C MET E 211 8.64 -40.47 42.05
N CYS E 212 8.49 -41.51 41.27
CA CYS E 212 8.08 -42.81 41.81
C CYS E 212 9.32 -43.57 42.27
N VAL E 213 9.57 -43.57 43.58
CA VAL E 213 10.76 -44.23 44.10
C VAL E 213 10.56 -45.73 44.27
N ASP E 214 9.41 -46.26 43.87
CA ASP E 214 9.28 -47.71 43.73
C ASP E 214 9.99 -48.23 42.49
N ASP E 215 10.30 -47.37 41.54
CA ASP E 215 11.10 -47.74 40.38
C ASP E 215 12.57 -47.55 40.72
N PRO E 216 13.41 -48.59 40.59
CA PRO E 216 14.81 -48.46 41.04
C PRO E 216 15.61 -47.47 40.22
N VAL E 217 15.29 -47.30 38.94
CA VAL E 217 16.04 -46.33 38.13
C VAL E 217 15.66 -44.90 38.51
N VAL E 218 14.38 -44.65 38.78
CA VAL E 218 13.97 -43.33 39.27
C VAL E 218 14.66 -43.04 40.60
N ARG E 219 14.68 -44.02 41.50
CA ARG E 219 15.37 -43.85 42.78
C ARG E 219 16.86 -43.59 42.59
N GLU E 220 17.45 -44.17 41.54
CA GLU E 220 18.87 -44.03 41.29
C GLU E 220 19.22 -42.61 40.84
N ILE E 221 18.40 -41.99 40.00
CA ILE E 221 18.72 -40.65 39.50
C ILE E 221 18.22 -39.54 40.43
N LEU E 222 17.45 -39.88 41.45
CA LEU E 222 16.90 -38.88 42.36
C LEU E 222 17.95 -37.91 42.92
N PRO E 223 19.13 -38.35 43.40
CA PRO E 223 20.11 -37.39 43.94
C PRO E 223 20.63 -36.37 42.91
N GLN E 224 20.48 -36.62 41.61
CA GLN E 224 20.91 -35.63 40.63
C GLN E 224 19.89 -34.52 40.42
N ILE E 225 18.68 -34.63 40.94
CA ILE E 225 17.64 -33.67 40.60
C ILE E 225 17.82 -32.47 41.52
N ALA E 226 18.15 -31.33 40.94
CA ALA E 226 18.33 -30.11 41.72
C ALA E 226 17.12 -29.21 41.60
N ARG E 227 15.95 -29.79 41.86
CA ARG E 227 14.65 -29.14 41.79
C ARG E 227 13.81 -29.68 42.94
N PRO E 228 12.82 -28.92 43.41
CA PRO E 228 11.93 -29.44 44.46
C PRO E 228 11.29 -30.75 44.01
N THR E 229 11.25 -31.70 44.93
CA THR E 229 10.93 -33.09 44.65
C THR E 229 10.00 -33.61 45.72
N VAL E 230 8.95 -34.34 45.31
CA VAL E 230 8.14 -35.15 46.21
C VAL E 230 8.15 -36.57 45.66
N THR E 231 8.47 -37.54 46.49
CA THR E 231 8.54 -38.92 46.06
C THR E 231 7.27 -39.65 46.47
N TYR E 232 6.95 -40.73 45.74
CA TYR E 232 5.78 -41.51 46.09
C TYR E 232 6.00 -42.98 45.74
N GLY E 233 5.21 -43.82 46.39
CA GLY E 233 5.21 -45.23 46.06
C GLY E 233 4.66 -46.03 47.23
N LEU E 234 4.81 -47.35 47.11
CA LEU E 234 4.58 -48.24 48.23
C LEU E 234 5.78 -48.30 49.16
N SER E 235 6.98 -47.97 48.69
CA SER E 235 8.16 -47.85 49.55
C SER E 235 7.86 -47.08 50.82
N GLU E 236 8.32 -47.61 51.96
CA GLU E 236 8.01 -46.96 53.22
C GLU E 236 8.80 -45.69 53.44
N ASP E 237 9.87 -45.45 52.67
CA ASP E 237 10.59 -44.18 52.75
C ASP E 237 10.06 -43.11 51.78
N ALA E 238 9.00 -43.38 51.02
CA ALA E 238 8.43 -42.39 50.10
C ALA E 238 7.67 -41.28 50.86
N ASP E 239 7.69 -40.05 50.31
CA ASP E 239 6.98 -38.94 50.97
C ASP E 239 5.48 -39.22 51.03
N VAL E 240 4.91 -39.69 49.92
CA VAL E 240 3.48 -39.98 49.80
C VAL E 240 3.34 -41.47 49.49
N ARG E 241 2.66 -42.19 50.37
CA ARG E 241 2.64 -43.64 50.36
C ARG E 241 1.21 -44.13 50.45
N ALA E 242 0.99 -45.34 49.96
CA ALA E 242 -0.24 -46.08 50.18
C ALA E 242 0.00 -47.22 51.15
N ILE E 243 -0.91 -47.38 52.10
CA ILE E 243 -0.92 -48.49 53.03
C ILE E 243 -2.34 -49.08 53.03
N ASN E 244 -2.48 -50.25 53.66
CA ASN E 244 -3.78 -50.89 53.88
C ASN E 244 -4.57 -51.03 52.58
N ILE E 245 -3.89 -51.49 51.54
CA ILE E 245 -4.51 -51.75 50.25
C ILE E 245 -5.47 -52.93 50.40
N ARG E 246 -6.69 -52.78 49.87
CA ARG E 246 -7.67 -53.84 49.98
CA ARG E 246 -7.72 -53.78 50.02
C ARG E 246 -8.61 -53.77 48.78
N GLN E 247 -9.50 -54.75 48.70
CA GLN E 247 -10.37 -54.93 47.56
C GLN E 247 -11.80 -55.12 48.00
N GLU E 248 -12.71 -54.52 47.24
CA GLU E 248 -14.16 -54.72 47.39
C GLU E 248 -14.75 -54.66 45.99
N GLY E 249 -15.10 -55.82 45.44
CA GLY E 249 -15.48 -55.86 44.04
C GLY E 249 -14.29 -55.51 43.16
N MET E 250 -14.56 -54.81 42.05
CA MET E 250 -13.53 -54.29 41.18
C MET E 250 -12.91 -52.98 41.67
N ARG E 251 -13.20 -52.60 42.91
CA ARG E 251 -12.70 -51.36 43.47
C ARG E 251 -11.50 -51.65 44.37
N THR E 252 -10.48 -50.81 44.26
CA THR E 252 -9.32 -50.88 45.13
C THR E 252 -9.38 -49.73 46.12
N TRP E 253 -9.28 -50.06 47.41
CA TRP E 253 -9.22 -49.11 48.51
C TRP E 253 -7.80 -49.02 49.04
N PHE E 254 -7.41 -47.83 49.46
CA PHE E 254 -6.17 -47.72 50.23
C PHE E 254 -6.15 -46.40 50.98
N THR E 255 -5.26 -46.33 51.95
CA THR E 255 -5.04 -45.13 52.76
C THR E 255 -3.77 -44.44 52.25
N VAL E 256 -3.88 -43.16 51.88
CA VAL E 256 -2.74 -42.39 51.42
C VAL E 256 -2.21 -41.55 52.57
N LEU E 257 -0.91 -41.63 52.81
CA LEU E 257 -0.22 -40.84 53.82
C LEU E 257 0.54 -39.73 53.14
N ARG E 258 0.40 -38.51 53.64
CA ARG E 258 1.01 -37.31 53.07
C ARG E 258 1.68 -36.50 54.18
N PRO E 259 2.81 -35.86 53.90
CA PRO E 259 3.47 -35.06 54.94
C PRO E 259 2.51 -33.99 55.47
N GLU E 260 2.49 -33.85 56.79
CA GLU E 260 1.73 -32.79 57.46
C GLU E 260 0.23 -32.84 57.15
N ARG E 261 -0.30 -34.01 56.76
CA ARG E 261 -1.73 -34.20 56.58
C ARG E 261 -2.18 -35.46 57.30
N GLU E 262 -3.46 -35.52 57.62
CA GLU E 262 -4.05 -36.72 58.20
C GLU E 262 -4.18 -37.81 57.14
N PRO E 263 -4.20 -39.09 57.55
CA PRO E 263 -4.42 -40.16 56.58
C PRO E 263 -5.74 -40.00 55.85
N LEU E 264 -5.76 -40.38 54.58
CA LEU E 264 -6.93 -40.17 53.74
C LEU E 264 -7.25 -41.47 53.01
N ASP E 265 -8.45 -41.99 53.20
CA ASP E 265 -8.91 -43.17 52.50
C ASP E 265 -9.39 -42.79 51.12
N VAL E 266 -8.91 -43.50 50.10
CA VAL E 266 -9.36 -43.26 48.74
C VAL E 266 -9.67 -44.61 48.12
N SER E 267 -10.34 -44.56 46.97
CA SER E 267 -10.63 -45.78 46.23
C SER E 267 -10.57 -45.47 44.75
N VAL E 268 -10.16 -46.45 43.97
CA VAL E 268 -10.12 -46.31 42.53
C VAL E 268 -10.80 -47.54 41.93
N ASN E 269 -11.55 -47.32 40.86
CA ASN E 269 -12.33 -48.40 40.25
C ASN E 269 -11.54 -49.15 39.19
N MET E 270 -10.28 -49.44 39.47
CA MET E 270 -9.39 -50.17 38.59
C MET E 270 -8.48 -51.02 39.48
N PRO E 271 -8.07 -52.20 39.01
CA PRO E 271 -7.27 -53.07 39.86
C PRO E 271 -5.77 -52.97 39.61
N GLY E 272 -4.97 -53.48 40.54
CA GLY E 272 -3.54 -53.60 40.36
C GLY E 272 -2.76 -52.50 41.04
N LEU E 273 -1.56 -52.85 41.52
CA LEU E 273 -0.73 -51.85 42.19
C LEU E 273 -0.38 -50.70 41.26
N HIS E 274 -0.28 -50.97 39.95
CA HIS E 274 0.08 -49.89 39.04
C HIS E 274 -0.99 -48.81 39.01
N ASN E 275 -2.25 -49.13 39.31
CA ASN E 275 -3.26 -48.10 39.42
C ASN E 275 -3.29 -47.44 40.80
N VAL E 276 -2.82 -48.14 41.84
CA VAL E 276 -2.51 -47.47 43.10
C VAL E 276 -1.41 -46.43 42.89
N LEU E 277 -0.39 -46.77 42.09
CA LEU E 277 0.68 -45.84 41.79
C LEU E 277 0.21 -44.68 40.92
N ASN E 278 -0.62 -44.96 39.90
CA ASN E 278 -1.18 -43.87 39.10
C ASN E 278 -1.96 -42.91 39.98
N SER E 279 -2.65 -43.45 40.99
CA SER E 279 -3.42 -42.62 41.92
C SER E 279 -2.51 -41.83 42.84
N LEU E 280 -1.42 -42.45 43.31
CA LEU E 280 -0.50 -41.73 44.20
C LEU E 280 0.12 -40.55 43.47
N ALA E 281 0.51 -40.73 42.21
CA ALA E 281 1.07 -39.60 41.45
C ALA E 281 0.03 -38.49 41.30
N THR E 282 -1.21 -38.86 41.01
CA THR E 282 -2.30 -37.90 40.93
C THR E 282 -2.47 -37.15 42.25
N ILE E 283 -2.44 -37.88 43.36
CA ILE E 283 -2.65 -37.28 44.66
C ILE E 283 -1.52 -36.31 45.01
N VAL E 284 -0.28 -36.64 44.65
CA VAL E 284 0.82 -35.68 44.86
C VAL E 284 0.53 -34.38 44.10
N ILE E 285 0.20 -34.50 42.80
CA ILE E 285 -0.03 -33.32 41.98
C ILE E 285 -1.17 -32.48 42.56
N ALA E 286 -2.29 -33.12 42.87
CA ALA E 286 -3.48 -32.42 43.31
C ALA E 286 -3.28 -31.78 44.68
N THR E 287 -2.54 -32.45 45.55
CA THR E 287 -2.26 -31.93 46.89
C THR E 287 -1.42 -30.67 46.81
N ASP E 288 -0.33 -30.74 46.03
CA ASP E 288 0.56 -29.61 45.85
C ASP E 288 -0.16 -28.43 45.20
N GLU E 289 -1.12 -28.70 44.33
CA GLU E 289 -1.92 -27.64 43.72
C GLU E 289 -2.98 -27.06 44.65
N GLY E 290 -3.21 -27.65 45.83
CA GLY E 290 -4.20 -27.11 46.77
C GLY E 290 -5.62 -27.65 46.60
N ILE E 291 -5.81 -28.71 45.84
CA ILE E 291 -7.15 -29.24 45.59
C ILE E 291 -7.66 -29.95 46.84
N SER E 292 -8.95 -29.80 47.11
CA SER E 292 -9.57 -30.37 48.30
C SER E 292 -9.49 -31.90 48.32
N ASP E 293 -9.57 -32.46 49.53
CA ASP E 293 -9.66 -33.91 49.71
C ASP E 293 -10.91 -34.48 49.06
N GLU E 294 -12.05 -33.75 49.14
CA GLU E 294 -13.27 -34.24 48.53
CA GLU E 294 -13.26 -34.28 48.54
C GLU E 294 -13.18 -34.32 47.02
N ALA E 295 -12.44 -33.39 46.40
CA ALA E 295 -12.29 -33.46 44.95
C ALA E 295 -11.33 -34.56 44.53
N ILE E 296 -10.27 -34.77 45.32
CA ILE E 296 -9.38 -35.91 45.10
C ILE E 296 -10.16 -37.22 45.19
N VAL E 297 -10.94 -37.40 46.27
CA VAL E 297 -11.73 -38.61 46.47
C VAL E 297 -12.72 -38.80 45.32
N GLN E 298 -13.39 -37.73 44.91
CA GLN E 298 -14.39 -37.84 43.83
C GLN E 298 -13.73 -38.10 42.49
N GLY E 299 -12.65 -37.37 42.17
CA GLY E 299 -11.98 -37.59 40.91
C GLY E 299 -11.43 -38.99 40.76
N LEU E 300 -10.88 -39.56 41.84
CA LEU E 300 -10.32 -40.91 41.79
C LEU E 300 -11.45 -41.95 41.73
N SER E 301 -12.48 -41.76 42.55
CA SER E 301 -13.51 -42.78 42.70
C SER E 301 -14.39 -42.90 41.45
N GLY E 302 -14.66 -41.79 40.78
CA GLY E 302 -15.55 -41.79 39.66
C GLY E 302 -14.89 -41.98 38.31
N PHE E 303 -13.58 -42.23 38.29
CA PHE E 303 -12.89 -42.44 37.02
C PHE E 303 -13.22 -43.83 36.50
N GLN E 304 -13.86 -43.89 35.32
CA GLN E 304 -14.30 -45.18 34.79
C GLN E 304 -13.12 -45.95 34.19
N GLY E 305 -12.61 -45.46 33.05
CA GLY E 305 -11.46 -46.04 32.39
C GLY E 305 -10.87 -45.09 31.36
N HIS F 1 8.60 -1.35 -21.02
CA HIS F 1 9.86 -0.86 -20.47
C HIS F 1 9.89 0.66 -20.42
N ARG F 2 10.07 1.24 -19.23
CA ARG F 2 9.97 2.69 -19.07
C ARG F 2 11.11 3.34 -18.31
N ARG F 3 11.99 2.57 -17.65
CA ARG F 3 13.13 3.15 -16.96
C ARG F 3 14.42 2.55 -17.49
N ILE F 4 15.27 3.39 -18.09
CA ILE F 4 16.54 2.98 -18.67
C ILE F 4 17.65 3.43 -17.72
N HIS F 5 18.59 2.53 -17.43
CA HIS F 5 19.69 2.81 -16.52
C HIS F 5 21.03 2.73 -17.24
N PHE F 6 21.79 3.83 -17.23
CA PHE F 6 23.08 3.91 -17.91
C PHE F 6 24.20 3.67 -16.90
N VAL F 7 25.01 2.65 -17.13
CA VAL F 7 26.20 2.42 -16.31
C VAL F 7 27.34 3.24 -16.89
N GLY F 8 27.73 4.32 -16.20
CA GLY F 8 28.70 5.24 -16.77
C GLY F 8 28.05 6.32 -17.61
N ILE F 9 27.01 6.95 -17.06
CA ILE F 9 26.18 7.89 -17.82
C ILE F 9 26.94 9.17 -18.15
N GLY F 10 28.00 9.49 -17.41
CA GLY F 10 28.78 10.68 -17.74
C GLY F 10 29.76 10.52 -18.87
N GLY F 11 30.03 9.27 -19.26
CA GLY F 11 30.99 9.02 -20.32
C GLY F 11 30.57 9.58 -21.67
N ALA F 12 31.54 9.54 -22.58
CA ALA F 12 31.55 10.23 -23.86
C ALA F 12 30.27 10.12 -24.70
N GLY F 13 29.92 8.91 -25.12
CA GLY F 13 28.77 8.77 -25.99
C GLY F 13 27.52 8.29 -25.28
N MET F 14 27.47 8.45 -23.97
CA MET F 14 26.35 7.98 -23.16
C MET F 14 25.39 9.10 -22.80
N CYS F 15 25.92 10.26 -22.42
CA CYS F 15 25.07 11.36 -21.93
C CYS F 15 24.12 11.85 -23.01
N GLY F 16 24.57 11.90 -24.27
CA GLY F 16 23.67 12.29 -25.35
C GLY F 16 22.48 11.35 -25.50
N ILE F 17 22.73 10.04 -25.43
CA ILE F 17 21.65 9.08 -25.57
C ILE F 17 20.66 9.23 -24.41
N ALA F 18 21.18 9.39 -23.20
CA ALA F 18 20.30 9.59 -22.05
C ALA F 18 19.46 10.85 -22.22
N GLU F 19 20.07 11.92 -22.74
CA GLU F 19 19.32 13.16 -22.93
C GLU F 19 18.18 12.98 -23.93
N VAL F 20 18.43 12.24 -25.01
CA VAL F 20 17.38 12.01 -26.01
C VAL F 20 16.25 11.19 -25.39
N LEU F 21 16.59 10.16 -24.61
CA LEU F 21 15.55 9.35 -23.99
C LEU F 21 14.70 10.18 -23.03
N LEU F 22 15.33 11.13 -22.34
CA LEU F 22 14.54 12.06 -21.52
C LEU F 22 13.59 12.86 -22.39
N ASN F 23 14.09 13.35 -23.51
CA ASN F 23 13.27 14.14 -24.41
C ASN F 23 12.08 13.34 -24.93
N LEU F 24 12.26 12.04 -25.12
CA LEU F 24 11.19 11.15 -25.56
C LEU F 24 10.23 10.77 -24.42
N GLY F 25 10.48 11.21 -23.20
CA GLY F 25 9.55 10.95 -22.10
C GLY F 25 9.86 9.74 -21.23
N TYR F 26 11.05 9.17 -21.34
CA TYR F 26 11.40 8.01 -20.52
C TYR F 26 11.94 8.45 -19.17
N GLU F 27 11.81 7.55 -18.19
CA GLU F 27 12.52 7.64 -16.92
C GLU F 27 13.96 7.18 -17.13
N VAL F 28 14.91 8.06 -16.83
CA VAL F 28 16.32 7.78 -17.08
C VAL F 28 17.08 7.91 -15.78
N SER F 29 17.85 6.87 -15.44
CA SER F 29 18.80 6.91 -14.35
C SER F 29 20.17 6.51 -14.88
N GLY F 30 21.19 6.88 -14.12
CA GLY F 30 22.56 6.60 -14.54
C GLY F 30 23.51 6.69 -13.36
N SER F 31 24.56 5.88 -13.40
CA SER F 31 25.59 5.90 -12.39
C SER F 31 26.89 6.40 -13.00
N ASP F 32 27.75 6.99 -12.17
CA ASP F 32 29.10 7.35 -12.60
C ASP F 32 29.99 7.49 -11.37
N LEU F 33 31.31 7.55 -11.62
CA LEU F 33 32.28 7.58 -10.54
C LEU F 33 32.33 8.96 -9.88
N LYS F 34 32.18 10.02 -10.67
CA LYS F 34 32.23 11.38 -10.15
C LYS F 34 31.08 12.21 -10.74
N ALA F 35 30.60 13.15 -9.95
CA ALA F 35 29.68 14.16 -10.47
C ALA F 35 30.41 15.07 -11.43
N SER F 36 29.68 15.60 -12.40
CA SER F 36 30.28 16.48 -13.40
C SER F 36 29.20 17.44 -13.90
N ALA F 37 29.63 18.41 -14.71
CA ALA F 37 28.65 19.25 -15.40
C ALA F 37 27.75 18.41 -16.30
N VAL F 38 28.29 17.33 -16.87
CA VAL F 38 27.49 16.42 -17.69
C VAL F 38 26.36 15.80 -16.88
N THR F 39 26.68 15.23 -15.70
CA THR F 39 25.63 14.64 -14.87
C THR F 39 24.70 15.71 -14.29
N GLU F 40 25.17 16.95 -14.14
CA GLU F 40 24.33 18.00 -13.60
C GLU F 40 23.29 18.47 -14.62
N ARG F 41 23.69 18.54 -15.90
CA ARG F 41 22.73 18.85 -16.96
C ARG F 41 21.66 17.77 -17.05
N LEU F 42 22.07 16.50 -17.02
CA LEU F 42 21.09 15.41 -17.07
C LEU F 42 20.15 15.46 -15.89
N GLU F 43 20.67 15.77 -14.70
CA GLU F 43 19.82 15.91 -13.51
C GLU F 43 18.86 17.07 -13.67
N LYS F 44 19.34 18.20 -14.18
CA LYS F 44 18.44 19.32 -14.47
C LYS F 44 17.31 18.91 -15.43
N PHE F 45 17.58 17.99 -16.35
CA PHE F 45 16.59 17.56 -17.32
C PHE F 45 15.73 16.40 -16.83
N GLY F 46 15.95 15.91 -15.61
CA GLY F 46 15.07 14.91 -15.02
C GLY F 46 15.71 13.58 -14.74
N ALA F 47 17.01 13.39 -14.99
CA ALA F 47 17.64 12.10 -14.73
C ALA F 47 18.02 11.95 -13.26
N GLN F 48 17.92 10.72 -12.77
CA GLN F 48 18.40 10.38 -11.43
C GLN F 48 19.84 9.88 -11.53
N ILE F 49 20.75 10.56 -10.83
CA ILE F 49 22.17 10.28 -10.93
C ILE F 49 22.65 9.58 -9.66
N PHE F 50 23.43 8.53 -9.82
CA PHE F 50 24.10 7.81 -8.74
C PHE F 50 25.60 7.99 -8.88
N ILE F 51 26.27 8.34 -7.79
CA ILE F 51 27.72 8.39 -7.74
C ILE F 51 28.21 7.10 -7.10
N GLY F 52 29.04 6.36 -7.81
CA GLY F 52 29.47 5.05 -7.39
C GLY F 52 28.69 3.94 -8.07
N HIS F 53 29.35 2.80 -8.26
CA HIS F 53 28.74 1.64 -8.91
C HIS F 53 28.42 0.60 -7.85
N GLN F 54 27.18 0.55 -7.42
CA GLN F 54 26.70 -0.48 -6.52
C GLN F 54 25.40 -1.07 -7.07
N ALA F 55 25.18 -2.35 -6.75
CA ALA F 55 24.14 -3.13 -7.41
C ALA F 55 22.75 -2.52 -7.23
N GLU F 56 22.49 -1.82 -6.13
CA GLU F 56 21.16 -1.25 -5.90
C GLU F 56 20.85 -0.11 -6.86
N ASN F 57 21.87 0.52 -7.45
CA ASN F 57 21.62 1.56 -8.43
C ASN F 57 20.73 1.08 -9.57
N ALA F 58 20.79 -0.21 -9.90
CA ALA F 58 20.08 -0.78 -11.04
C ALA F 58 18.63 -1.17 -10.72
N ASP F 59 18.21 -1.09 -9.47
CA ASP F 59 16.89 -1.57 -9.12
C ASP F 59 15.83 -0.63 -9.68
N GLY F 60 14.74 -1.21 -10.18
CA GLY F 60 13.72 -0.47 -10.87
C GLY F 60 13.90 -0.39 -12.36
N ALA F 61 15.12 -0.62 -12.86
CA ALA F 61 15.42 -0.39 -14.26
C ALA F 61 14.87 -1.52 -15.14
N ASP F 62 14.25 -1.14 -16.24
CA ASP F 62 13.79 -2.14 -17.20
C ASP F 62 14.85 -2.53 -18.22
N VAL F 63 15.86 -1.67 -18.44
CA VAL F 63 16.98 -1.98 -19.32
C VAL F 63 18.21 -1.26 -18.80
N LEU F 64 19.38 -1.89 -18.97
CA LEU F 64 20.66 -1.26 -18.69
C LEU F 64 21.36 -0.93 -19.99
N VAL F 65 22.03 0.22 -20.03
CA VAL F 65 22.91 0.56 -21.13
C VAL F 65 24.32 0.68 -20.57
N VAL F 66 25.28 0.03 -21.23
CA VAL F 66 26.65 -0.01 -20.76
C VAL F 66 27.56 0.47 -21.88
N SER F 67 28.65 1.14 -21.49
CA SER F 67 29.61 1.67 -22.44
C SER F 67 30.70 0.63 -22.69
N SER F 68 31.70 1.03 -23.48
CA SER F 68 32.86 0.16 -23.68
C SER F 68 33.72 0.04 -22.43
N ALA F 69 33.61 1.01 -21.51
CA ALA F 69 34.50 1.10 -20.36
C ALA F 69 34.06 0.25 -19.17
N ILE F 70 32.84 -0.29 -19.18
CA ILE F 70 32.27 -0.95 -18.01
C ILE F 70 32.63 -2.43 -18.03
N ASN F 71 33.22 -2.91 -16.93
CA ASN F 71 33.51 -4.33 -16.78
C ASN F 71 32.23 -5.12 -16.56
N ARG F 72 32.25 -6.40 -16.96
CA ARG F 72 31.15 -7.29 -16.65
C ARG F 72 31.11 -7.70 -15.18
N ALA F 73 32.20 -7.45 -14.44
CA ALA F 73 32.21 -7.60 -12.99
C ALA F 73 31.55 -6.42 -12.28
N ASN F 74 31.18 -5.37 -13.02
CA ASN F 74 30.47 -4.26 -12.42
C ASN F 74 29.24 -4.78 -11.68
N PRO F 75 28.98 -4.30 -10.46
CA PRO F 75 27.82 -4.81 -9.71
C PRO F 75 26.50 -4.60 -10.41
N GLU F 76 26.27 -3.41 -10.98
CA GLU F 76 24.98 -3.12 -11.60
C GLU F 76 24.71 -4.05 -12.78
N VAL F 77 25.74 -4.32 -13.58
CA VAL F 77 25.58 -5.26 -14.68
C VAL F 77 25.27 -6.65 -14.15
N ALA F 78 26.09 -7.15 -13.21
CA ALA F 78 25.91 -8.50 -12.69
C ALA F 78 24.56 -8.65 -12.00
N SER F 79 24.11 -7.62 -11.29
CA SER F 79 22.79 -7.65 -10.67
C SER F 79 21.69 -7.73 -11.72
N ALA F 80 21.80 -6.94 -12.79
CA ALA F 80 20.80 -6.96 -13.85
C ALA F 80 20.80 -8.30 -14.58
N LEU F 81 21.98 -8.85 -14.87
CA LEU F 81 22.04 -10.17 -15.50
C LEU F 81 21.34 -11.20 -14.64
N GLU F 82 21.51 -11.13 -13.31
CA GLU F 82 20.90 -12.12 -12.42
C GLU F 82 19.39 -12.01 -12.43
N ARG F 83 18.85 -10.83 -12.69
CA ARG F 83 17.40 -10.63 -12.70
C ARG F 83 16.82 -10.74 -14.11
N ARG F 84 17.61 -11.17 -15.07
CA ARG F 84 17.21 -11.21 -16.49
C ARG F 84 16.70 -9.85 -16.97
N ILE F 85 17.40 -8.79 -16.56
CA ILE F 85 17.17 -7.45 -17.08
C ILE F 85 18.11 -7.24 -18.26
N PRO F 86 17.61 -6.91 -19.45
CA PRO F 86 18.48 -6.87 -20.62
C PRO F 86 19.54 -5.79 -20.47
N VAL F 87 20.73 -6.11 -20.97
CA VAL F 87 21.89 -5.24 -20.91
C VAL F 87 22.26 -4.98 -22.35
N VAL F 88 22.01 -3.77 -22.84
CA VAL F 88 22.22 -3.46 -24.25
C VAL F 88 23.48 -2.60 -24.37
N PRO F 89 24.29 -2.81 -25.40
CA PRO F 89 25.46 -1.95 -25.57
C PRO F 89 25.05 -0.56 -26.03
N ARG F 90 25.91 0.42 -25.72
CA ARG F 90 25.67 1.81 -26.06
C ARG F 90 25.28 1.98 -27.53
N ALA F 91 25.98 1.28 -28.43
CA ALA F 91 25.77 1.48 -29.86
C ALA F 91 24.39 1.01 -30.31
N GLU F 92 23.85 -0.04 -29.70
CA GLU F 92 22.50 -0.47 -30.07
C GLU F 92 21.45 0.53 -29.61
N MET F 93 21.61 1.07 -28.40
CA MET F 93 20.64 2.05 -27.92
C MET F 93 20.66 3.31 -28.80
N LEU F 94 21.86 3.73 -29.21
CA LEU F 94 21.96 4.86 -30.14
C LEU F 94 21.23 4.57 -31.44
N ALA F 95 21.38 3.36 -31.98
CA ALA F 95 20.76 3.03 -33.26
C ALA F 95 19.25 3.06 -33.20
N GLU F 96 18.66 2.72 -32.04
CA GLU F 96 17.21 2.68 -31.89
C GLU F 96 16.57 4.06 -31.76
N LEU F 97 17.36 5.11 -31.47
CA LEU F 97 16.75 6.42 -31.38
C LEU F 97 16.04 6.79 -32.68
N MET F 98 16.52 6.27 -33.81
CA MET F 98 15.90 6.55 -35.11
C MET F 98 14.47 6.06 -35.23
N ARG F 99 14.06 5.09 -34.41
CA ARG F 99 12.69 4.61 -34.45
C ARG F 99 11.68 5.68 -34.06
N TYR F 100 12.11 6.70 -33.32
CA TYR F 100 11.24 7.75 -32.79
C TYR F 100 11.20 9.01 -33.62
N ARG F 101 12.02 9.09 -34.69
CA ARG F 101 12.24 10.35 -35.38
C ARG F 101 12.23 10.07 -36.88
N HIS F 102 12.24 11.15 -37.67
CA HIS F 102 12.44 11.02 -39.12
C HIS F 102 13.94 10.79 -39.35
N GLY F 103 14.34 9.52 -39.44
CA GLY F 103 15.76 9.18 -39.44
C GLY F 103 16.37 9.22 -40.83
N ILE F 104 17.50 9.91 -40.94
CA ILE F 104 18.31 9.95 -42.16
C ILE F 104 19.65 9.26 -41.87
N ALA F 105 19.86 8.10 -42.47
CA ALA F 105 21.07 7.33 -42.23
C ALA F 105 22.06 7.57 -43.38
N VAL F 106 23.28 7.98 -43.03
CA VAL F 106 24.32 8.24 -44.01
C VAL F 106 25.27 7.06 -43.95
N ALA F 107 25.09 6.13 -44.88
CA ALA F 107 25.95 4.96 -44.99
C ALA F 107 26.94 5.15 -46.13
N GLY F 108 27.89 4.22 -46.19
CA GLY F 108 28.99 4.27 -47.13
C GLY F 108 30.31 4.24 -46.38
N THR F 109 31.37 3.77 -47.03
CA THR F 109 32.63 3.59 -46.33
C THR F 109 33.30 4.92 -46.03
N HIS F 110 33.39 5.80 -47.03
CA HIS F 110 34.07 7.09 -46.91
C HIS F 110 33.09 8.24 -47.09
N GLY F 111 33.27 9.30 -46.31
CA GLY F 111 32.48 10.51 -46.44
C GLY F 111 31.30 10.63 -45.52
N LYS F 112 31.10 9.69 -44.60
CA LYS F 112 29.89 9.69 -43.77
C LYS F 112 29.88 10.91 -42.87
N THR F 113 31.03 11.23 -42.26
CA THR F 113 31.11 12.31 -41.29
C THR F 113 30.80 13.65 -41.95
N THR F 114 31.43 13.91 -43.09
CA THR F 114 31.24 15.20 -43.75
C THR F 114 29.84 15.31 -44.34
N THR F 115 29.33 14.24 -44.95
CA THR F 115 27.98 14.27 -45.50
C THR F 115 26.94 14.46 -44.40
N THR F 116 27.07 13.75 -43.28
CA THR F 116 26.16 13.96 -42.16
C THR F 116 26.19 15.42 -41.71
N SER F 117 27.40 15.99 -41.54
CA SER F 117 27.50 17.39 -41.10
C SER F 117 26.86 18.34 -42.12
N LEU F 118 27.05 18.06 -43.41
CA LEU F 118 26.47 18.93 -44.44
C LEU F 118 24.95 18.87 -44.41
N ILE F 119 24.38 17.68 -44.24
CA ILE F 119 22.94 17.53 -44.14
C ILE F 119 22.41 18.33 -42.95
N ALA F 120 23.04 18.14 -41.79
CA ALA F 120 22.68 18.91 -40.60
C ALA F 120 22.79 20.40 -40.88
N SER F 121 23.82 20.80 -41.62
CA SER F 121 24.01 22.24 -41.86
C SER F 121 22.90 22.79 -42.75
N VAL F 122 22.47 22.04 -43.76
CA VAL F 122 21.39 22.50 -44.64
C VAL F 122 20.05 22.50 -43.89
N PHE F 123 19.75 21.42 -43.18
CA PHE F 123 18.52 21.34 -42.40
C PHE F 123 18.44 22.45 -41.38
N ALA F 124 19.57 22.77 -40.71
CA ALA F 124 19.56 23.88 -39.76
C ALA F 124 19.31 25.21 -40.45
N ALA F 125 19.87 25.42 -41.65
CA ALA F 125 19.54 26.63 -42.41
C ALA F 125 18.06 26.66 -42.79
N GLY F 126 17.44 25.52 -42.95
CA GLY F 126 16.01 25.53 -43.16
C GLY F 126 15.20 25.68 -41.89
N GLY F 127 15.85 25.93 -40.75
CA GLY F 127 15.16 26.08 -39.48
C GLY F 127 14.69 24.80 -38.83
N LEU F 128 15.26 23.65 -39.19
CA LEU F 128 14.79 22.36 -38.66
C LEU F 128 15.62 21.84 -37.48
N ASP F 129 16.73 22.52 -37.10
CA ASP F 129 17.53 22.21 -35.91
C ASP F 129 17.71 20.71 -35.68
N PRO F 130 18.25 19.95 -36.65
CA PRO F 130 18.30 18.50 -36.49
C PRO F 130 19.28 18.09 -35.42
N THR F 131 19.00 16.96 -34.80
CA THR F 131 19.98 16.24 -34.01
C THR F 131 20.75 15.32 -34.95
N PHE F 132 22.08 15.23 -34.76
CA PHE F 132 22.90 14.40 -35.63
C PHE F 132 23.97 13.69 -34.84
N VAL F 133 24.43 12.56 -35.38
CA VAL F 133 25.39 11.68 -34.75
C VAL F 133 26.59 11.57 -35.67
N ILE F 134 27.74 12.04 -35.20
CA ILE F 134 29.03 11.74 -35.83
C ILE F 134 29.96 11.19 -34.77
N GLY F 135 30.64 10.09 -35.08
CA GLY F 135 31.57 9.48 -34.14
C GLY F 135 30.89 8.90 -32.92
N GLY F 136 29.64 8.49 -33.05
CA GLY F 136 28.91 8.01 -31.89
C GLY F 136 28.49 9.10 -30.91
N ARG F 137 28.62 10.37 -31.27
CA ARG F 137 28.26 11.46 -30.38
C ARG F 137 27.06 12.20 -30.96
N LEU F 138 26.05 12.45 -30.12
CA LEU F 138 24.86 13.18 -30.54
C LEU F 138 25.12 14.67 -30.42
N ASN F 139 24.72 15.42 -31.46
CA ASN F 139 24.96 16.85 -31.55
C ASN F 139 23.68 17.55 -32.03
N ALA F 140 23.59 18.83 -31.70
CA ALA F 140 22.63 19.74 -32.31
C ALA F 140 23.15 21.16 -32.08
N ALA F 141 22.73 22.07 -32.96
CA ALA F 141 23.26 23.44 -32.87
C ALA F 141 22.66 24.22 -31.71
N GLY F 142 21.47 23.84 -31.25
CA GLY F 142 20.66 24.64 -30.34
C GLY F 142 21.12 24.80 -28.90
N THR F 143 22.30 24.27 -28.55
CA THR F 143 22.96 24.49 -27.26
C THR F 143 22.07 24.23 -26.02
N ASN F 144 21.02 25.01 -25.84
CA ASN F 144 20.20 24.88 -24.62
C ASN F 144 19.09 23.84 -24.76
N ALA F 145 18.45 23.76 -25.93
CA ALA F 145 17.38 22.78 -26.14
C ALA F 145 17.90 21.35 -26.00
N GLN F 146 17.01 20.44 -25.60
CA GLN F 146 17.40 19.05 -25.39
C GLN F 146 17.71 18.38 -26.73
N LEU F 147 18.74 17.55 -26.75
CA LEU F 147 18.99 16.70 -27.90
C LEU F 147 17.73 15.90 -28.21
N GLY F 148 17.48 15.68 -29.50
CA GLY F 148 16.32 14.91 -29.91
C GLY F 148 15.03 15.70 -30.08
N ALA F 149 15.03 17.00 -29.80
CA ALA F 149 13.78 17.76 -29.88
C ALA F 149 13.28 17.88 -31.32
N SER F 150 14.19 17.93 -32.28
CA SER F 150 13.81 18.05 -33.68
C SER F 150 13.07 16.81 -34.16
N ARG F 151 12.25 16.98 -35.19
CA ARG F 151 11.69 15.81 -35.85
C ARG F 151 12.78 14.95 -36.48
N TYR F 152 13.94 15.52 -36.77
CA TYR F 152 14.93 14.92 -37.65
C TYR F 152 16.10 14.38 -36.85
N LEU F 153 16.53 13.16 -37.20
CA LEU F 153 17.74 12.57 -36.66
C LEU F 153 18.60 12.09 -37.82
N VAL F 154 19.74 12.74 -38.05
CA VAL F 154 20.69 12.38 -39.09
C VAL F 154 21.84 11.62 -38.45
N ALA F 155 22.11 10.39 -38.88
CA ALA F 155 23.15 9.62 -38.22
C ALA F 155 24.05 8.91 -39.23
N GLU F 156 25.35 8.86 -38.94
CA GLU F 156 26.16 8.02 -39.80
C GLU F 156 25.83 6.56 -39.52
N ALA F 157 25.94 5.75 -40.57
CA ALA F 157 25.64 4.32 -40.49
C ALA F 157 26.88 3.55 -40.93
N ASP F 158 27.53 2.89 -39.98
CA ASP F 158 28.82 2.26 -40.18
C ASP F 158 28.63 0.76 -40.40
N GLU F 159 29.04 0.25 -41.56
CA GLU F 159 28.89 -1.17 -41.87
C GLU F 159 29.65 -2.09 -40.90
N SER F 160 30.62 -1.57 -40.15
CA SER F 160 31.33 -2.41 -39.19
C SER F 160 30.65 -2.40 -37.83
N ASP F 161 29.55 -1.67 -37.65
CA ASP F 161 28.85 -1.63 -36.38
C ASP F 161 27.85 -2.78 -36.31
N ALA F 162 27.87 -3.49 -35.17
CA ALA F 162 26.92 -4.57 -34.95
C ALA F 162 25.45 -4.17 -35.19
N SER F 163 25.10 -2.91 -34.95
CA SER F 163 23.70 -2.50 -35.10
C SER F 163 23.33 -2.08 -36.52
N PHE F 164 24.24 -2.23 -37.48
CA PHE F 164 24.04 -1.71 -38.85
C PHE F 164 22.69 -2.12 -39.41
N LEU F 165 22.37 -3.42 -39.37
CA LEU F 165 21.13 -3.95 -39.91
C LEU F 165 19.92 -3.76 -38.97
N HIS F 166 20.02 -2.92 -37.95
CA HIS F 166 18.89 -2.64 -37.08
C HIS F 166 18.50 -1.17 -37.11
N LEU F 167 19.18 -0.35 -37.90
CA LEU F 167 18.72 1.00 -38.12
C LEU F 167 17.38 0.97 -38.86
N GLN F 168 16.48 1.89 -38.49
CA GLN F 168 15.19 2.04 -39.14
C GLN F 168 15.06 3.46 -39.68
N PRO F 169 15.85 3.80 -40.70
CA PRO F 169 15.74 5.14 -41.29
C PRO F 169 14.55 5.26 -42.21
N MET F 170 14.16 6.52 -42.43
CA MET F 170 13.25 6.90 -43.51
C MET F 170 13.99 7.15 -44.83
N VAL F 171 15.19 7.70 -44.74
CA VAL F 171 16.06 7.97 -45.88
C VAL F 171 17.42 7.37 -45.58
N ALA F 172 18.05 6.81 -46.60
CA ALA F 172 19.36 6.18 -46.45
C ALA F 172 20.22 6.57 -47.63
N VAL F 173 21.41 7.12 -47.35
CA VAL F 173 22.41 7.40 -48.37
C VAL F 173 23.42 6.27 -48.38
N VAL F 174 23.91 5.90 -49.58
CA VAL F 174 25.10 5.08 -49.72
C VAL F 174 26.10 5.88 -50.56
N THR F 175 27.16 6.38 -49.91
CA THR F 175 28.15 7.19 -50.61
C THR F 175 29.07 6.35 -51.48
N ASN F 176 29.46 5.17 -51.00
CA ASN F 176 30.39 4.28 -51.69
C ASN F 176 30.53 3.02 -50.86
N ILE F 177 30.99 1.94 -51.49
CA ILE F 177 31.16 0.66 -50.82
C ILE F 177 32.61 0.21 -51.02
N ASP F 178 33.43 0.35 -49.99
CA ASP F 178 34.85 -0.03 -50.03
C ASP F 178 35.06 -1.28 -49.17
N ALA F 179 36.30 -1.76 -49.16
CA ALA F 179 36.64 -3.03 -48.53
C ALA F 179 37.32 -2.87 -47.17
N ASP F 180 37.35 -1.65 -46.64
CA ASP F 180 37.96 -1.40 -45.33
C ASP F 180 37.50 -2.38 -44.25
N HIS F 181 36.22 -2.77 -44.27
CA HIS F 181 35.65 -3.58 -43.19
C HIS F 181 35.24 -4.97 -43.66
N MET F 182 36.01 -5.54 -44.59
CA MET F 182 35.78 -6.93 -45.00
C MET F 182 35.90 -7.89 -43.83
N ALA F 183 36.72 -7.57 -42.82
CA ALA F 183 36.91 -8.48 -41.69
C ALA F 183 35.61 -8.68 -40.90
N THR F 184 34.77 -7.65 -40.84
CA THR F 184 33.45 -7.80 -40.22
C THR F 184 32.63 -8.86 -40.94
N TYR F 185 32.92 -9.12 -42.22
CA TYR F 185 32.11 -10.01 -43.02
C TYR F 185 32.92 -11.20 -43.52
N GLY F 186 33.77 -11.72 -42.64
CA GLY F 186 34.56 -12.91 -42.94
C GLY F 186 35.58 -12.70 -44.02
N GLY F 187 36.15 -11.50 -44.11
CA GLY F 187 37.07 -11.15 -45.17
C GLY F 187 36.54 -11.38 -46.57
N ASP F 188 35.24 -11.16 -46.80
CA ASP F 188 34.63 -11.45 -48.09
C ASP F 188 33.88 -10.24 -48.60
N PHE F 189 34.32 -9.71 -49.76
CA PHE F 189 33.74 -8.46 -50.25
C PHE F 189 32.29 -8.66 -50.71
N ASN F 190 32.03 -9.82 -51.33
CA ASN F 190 30.68 -10.14 -51.80
C ASN F 190 29.67 -10.16 -50.66
N LYS F 191 30.06 -10.71 -49.51
CA LYS F 191 29.22 -10.64 -48.31
C LYS F 191 29.01 -9.20 -47.86
N LEU F 192 30.06 -8.37 -47.91
CA LEU F 192 29.93 -6.96 -47.57
C LEU F 192 28.92 -6.28 -48.49
N LYS F 193 28.99 -6.57 -49.79
CA LYS F 193 28.04 -6.00 -50.76
C LYS F 193 26.61 -6.38 -50.43
N LYS F 194 26.38 -7.66 -50.08
CA LYS F 194 25.04 -8.14 -49.79
C LYS F 194 24.48 -7.48 -48.53
N THR F 195 25.35 -7.16 -47.57
CA THR F 195 24.91 -6.45 -46.39
C THR F 195 24.41 -5.04 -46.71
N PHE F 196 24.99 -4.36 -47.71
CA PHE F 196 24.48 -3.04 -48.07
C PHE F 196 23.10 -3.15 -48.71
N VAL F 197 22.87 -4.21 -49.47
CA VAL F 197 21.55 -4.46 -50.04
C VAL F 197 20.54 -4.70 -48.93
N GLU F 198 20.89 -5.57 -47.97
CA GLU F 198 19.98 -5.85 -46.85
C GLU F 198 19.75 -4.59 -46.03
N PHE F 199 20.77 -3.76 -45.87
CA PHE F 199 20.59 -2.49 -45.19
C PHE F 199 19.58 -1.61 -45.92
N LEU F 200 19.71 -1.49 -47.24
CA LEU F 200 18.78 -0.66 -47.98
C LEU F 200 17.36 -1.24 -47.93
N HIS F 201 17.24 -2.56 -47.83
CA HIS F 201 15.93 -3.18 -47.75
C HIS F 201 15.27 -3.02 -46.38
N ASN F 202 15.95 -2.41 -45.41
CA ASN F 202 15.29 -2.04 -44.16
C ASN F 202 14.58 -0.70 -44.26
N LEU F 203 14.67 -0.04 -45.41
CA LEU F 203 13.84 1.11 -45.67
C LEU F 203 12.40 0.66 -45.88
N PRO F 204 11.42 1.45 -45.44
CA PRO F 204 10.03 1.15 -45.80
C PRO F 204 9.77 1.49 -47.25
N PHE F 205 8.67 0.93 -47.78
CA PHE F 205 8.35 1.12 -49.20
C PHE F 205 8.15 2.59 -49.54
N TYR F 206 7.80 3.41 -48.55
CA TYR F 206 7.70 4.86 -48.71
C TYR F 206 9.01 5.57 -48.35
N GLY F 207 10.10 4.82 -48.14
CA GLY F 207 11.40 5.41 -47.86
C GLY F 207 12.09 5.93 -49.11
N LEU F 208 13.35 6.33 -48.94
CA LEU F 208 14.17 6.82 -50.06
C LEU F 208 15.59 6.31 -49.89
N ALA F 209 16.12 5.68 -50.95
CA ALA F 209 17.52 5.29 -51.01
C ALA F 209 18.24 6.25 -51.95
N VAL F 210 19.30 6.89 -51.44
CA VAL F 210 20.07 7.90 -52.16
C VAL F 210 21.43 7.28 -52.48
N MET F 211 21.72 7.09 -53.76
CA MET F 211 22.77 6.18 -54.21
C MET F 211 23.76 6.92 -55.09
N CYS F 212 25.04 6.81 -54.75
CA CYS F 212 26.09 7.42 -55.55
C CYS F 212 26.45 6.47 -56.69
N VAL F 213 25.98 6.77 -57.91
CA VAL F 213 26.30 5.89 -59.03
C VAL F 213 27.69 6.14 -59.61
N ASP F 214 28.44 7.09 -59.05
CA ASP F 214 29.85 7.21 -59.43
C ASP F 214 30.69 6.07 -58.85
N ASP F 215 30.20 5.42 -57.84
CA ASP F 215 30.82 4.24 -57.27
C ASP F 215 30.39 3.01 -58.05
N PRO F 216 31.34 2.24 -58.60
CA PRO F 216 30.96 1.08 -59.42
C PRO F 216 30.24 0.01 -58.62
N VAL F 217 30.53 -0.13 -57.34
CA VAL F 217 29.86 -1.16 -56.56
C VAL F 217 28.44 -0.73 -56.19
N VAL F 218 28.24 0.56 -55.87
CA VAL F 218 26.87 1.07 -55.68
C VAL F 218 26.07 0.86 -56.95
N ARG F 219 26.65 1.20 -58.11
CA ARG F 219 25.97 1.04 -59.39
C ARG F 219 25.63 -0.41 -59.66
N GLU F 220 26.48 -1.34 -59.19
CA GLU F 220 26.26 -2.75 -59.45
C GLU F 220 25.03 -3.29 -58.71
N ILE F 221 24.86 -2.88 -57.43
CA ILE F 221 23.75 -3.39 -56.63
C ILE F 221 22.46 -2.63 -56.86
N LEU F 222 22.50 -1.53 -57.61
CA LEU F 222 21.33 -0.69 -57.81
C LEU F 222 20.11 -1.47 -58.29
N PRO F 223 20.20 -2.36 -59.29
CA PRO F 223 19.00 -3.09 -59.74
C PRO F 223 18.40 -4.03 -58.71
N GLN F 224 19.07 -4.27 -57.58
CA GLN F 224 18.49 -5.09 -56.53
C GLN F 224 17.64 -4.31 -55.55
N ILE F 225 17.68 -2.98 -55.59
CA ILE F 225 17.05 -2.19 -54.55
C ILE F 225 15.58 -2.03 -54.93
N ALA F 226 14.71 -2.66 -54.16
CA ALA F 226 13.28 -2.59 -54.46
C ALA F 226 12.60 -1.52 -53.62
N ARG F 227 13.21 -0.34 -53.59
CA ARG F 227 12.74 0.80 -52.83
C ARG F 227 12.88 2.03 -53.72
N PRO F 228 12.12 3.09 -53.45
CA PRO F 228 12.30 4.32 -54.24
C PRO F 228 13.75 4.79 -54.13
N THR F 229 14.32 5.19 -55.28
CA THR F 229 15.74 5.48 -55.40
C THR F 229 15.97 6.79 -56.15
N VAL F 230 16.93 7.59 -55.68
CA VAL F 230 17.48 8.70 -56.45
C VAL F 230 19.00 8.53 -56.50
N THR F 231 19.55 8.60 -57.71
CA THR F 231 20.97 8.43 -57.93
C THR F 231 21.65 9.79 -58.06
N TYR F 232 22.92 9.87 -57.69
CA TYR F 232 23.63 11.13 -57.84
C TYR F 232 25.09 10.87 -58.20
N GLY F 233 25.74 11.90 -58.70
CA GLY F 233 27.15 11.80 -59.02
C GLY F 233 27.52 12.71 -60.16
N LEU F 234 28.79 12.62 -60.55
CA LEU F 234 29.27 13.25 -61.78
C LEU F 234 28.84 12.48 -63.03
N SER F 235 28.55 11.19 -62.91
CA SER F 235 28.05 10.40 -64.04
C SER F 235 26.90 11.11 -64.75
N GLU F 236 26.98 11.10 -66.09
CA GLU F 236 26.01 11.79 -66.94
C GLU F 236 24.61 11.21 -66.83
N ASP F 237 24.46 9.95 -66.40
CA ASP F 237 23.15 9.32 -66.27
C ASP F 237 22.58 9.36 -64.85
N ALA F 238 23.25 10.04 -63.92
CA ALA F 238 22.70 10.17 -62.57
C ALA F 238 21.50 11.13 -62.55
N ASP F 239 20.55 10.87 -61.63
CA ASP F 239 19.37 11.75 -61.50
C ASP F 239 19.77 13.16 -61.08
N VAL F 240 20.63 13.27 -60.06
CA VAL F 240 21.12 14.55 -59.57
C VAL F 240 22.61 14.60 -59.87
N ARG F 241 23.02 15.57 -60.69
CA ARG F 241 24.36 15.66 -61.24
C ARG F 241 24.97 17.03 -60.96
N ALA F 242 26.30 17.08 -60.92
CA ALA F 242 27.06 18.33 -60.91
C ALA F 242 27.76 18.54 -62.24
N ILE F 243 27.70 19.77 -62.75
CA ILE F 243 28.43 20.17 -63.95
C ILE F 243 29.10 21.50 -63.67
N ASN F 244 29.90 21.95 -64.65
CA ASN F 244 30.63 23.23 -64.63
C ASN F 244 31.31 23.47 -63.28
N ILE F 245 32.13 22.49 -62.88
CA ILE F 245 32.87 22.58 -61.63
C ILE F 245 34.01 23.56 -61.80
N ARG F 246 34.10 24.54 -60.89
CA ARG F 246 35.15 25.53 -60.98
CA ARG F 246 34.97 25.70 -60.94
C ARG F 246 35.67 25.83 -59.59
N GLN F 247 36.68 26.68 -59.54
CA GLN F 247 37.29 27.08 -58.29
C GLN F 247 37.39 28.59 -58.23
N GLU F 248 37.28 29.11 -57.00
CA GLU F 248 37.55 30.51 -56.66
C GLU F 248 38.19 30.46 -55.27
N GLY F 249 39.49 30.20 -55.26
CA GLY F 249 40.20 30.07 -53.99
C GLY F 249 40.07 28.67 -53.43
N MET F 250 39.72 28.57 -52.15
CA MET F 250 39.43 27.29 -51.51
C MET F 250 37.95 26.92 -51.61
N ARG F 251 37.18 27.71 -52.36
CA ARG F 251 35.76 27.48 -52.58
C ARG F 251 35.53 26.79 -53.92
N THR F 252 34.76 25.72 -53.90
CA THR F 252 34.39 25.00 -55.12
C THR F 252 32.97 25.39 -55.54
N TRP F 253 32.82 25.82 -56.78
CA TRP F 253 31.54 26.20 -57.34
C TRP F 253 31.09 25.12 -58.32
N PHE F 254 29.79 24.84 -58.34
CA PHE F 254 29.26 23.97 -59.39
C PHE F 254 27.76 24.20 -59.52
N THR F 255 27.24 23.73 -60.65
CA THR F 255 25.82 23.79 -60.99
C THR F 255 25.24 22.39 -60.77
N VAL F 256 24.21 22.28 -59.94
CA VAL F 256 23.55 21.01 -59.69
C VAL F 256 22.29 20.94 -60.54
N LEU F 257 22.14 19.83 -61.26
CA LEU F 257 20.98 19.55 -62.10
C LEU F 257 20.07 18.56 -61.37
N ARG F 258 18.77 18.86 -61.33
CA ARG F 258 17.79 18.04 -60.63
C ARG F 258 16.57 17.82 -61.52
N PRO F 259 15.93 16.66 -61.44
CA PRO F 259 14.74 16.43 -62.27
C PRO F 259 13.67 17.47 -61.95
N GLU F 260 13.06 18.02 -63.01
CA GLU F 260 11.95 18.96 -62.92
C GLU F 260 12.29 20.23 -62.17
N ARG F 261 13.58 20.56 -62.04
CA ARG F 261 13.99 21.83 -61.46
C ARG F 261 14.96 22.54 -62.40
N GLU F 262 15.03 23.86 -62.25
CA GLU F 262 16.00 24.61 -63.00
C GLU F 262 17.40 24.36 -62.42
N PRO F 263 18.45 24.56 -63.22
CA PRO F 263 19.80 24.39 -62.69
C PRO F 263 20.08 25.39 -61.57
N LEU F 264 20.81 24.93 -60.57
CA LEU F 264 21.07 25.72 -59.37
C LEU F 264 22.57 25.78 -59.10
N ASP F 265 23.11 27.00 -59.02
CA ASP F 265 24.52 27.18 -58.73
C ASP F 265 24.74 27.14 -57.23
N VAL F 266 25.69 26.30 -56.81
CA VAL F 266 26.01 26.19 -55.39
C VAL F 266 27.51 26.30 -55.22
N SER F 267 27.93 26.52 -53.99
CA SER F 267 29.34 26.51 -53.65
C SER F 267 29.49 25.82 -52.31
N VAL F 268 30.65 25.20 -52.11
CA VAL F 268 31.01 24.60 -50.84
C VAL F 268 32.45 25.01 -50.56
N ASN F 269 32.78 25.20 -49.29
CA ASN F 269 34.08 25.74 -48.93
C ASN F 269 35.03 24.66 -48.48
N MET F 270 35.14 23.62 -49.30
CA MET F 270 36.08 22.52 -49.12
C MET F 270 36.40 22.05 -50.52
N PRO F 271 37.64 21.67 -50.80
CA PRO F 271 38.02 21.31 -52.17
C PRO F 271 37.81 19.83 -52.45
N GLY F 272 37.87 19.49 -53.74
CA GLY F 272 37.92 18.12 -54.20
C GLY F 272 36.56 17.60 -54.64
N LEU F 273 36.59 16.63 -55.57
CA LEU F 273 35.36 16.02 -56.05
C LEU F 273 34.61 15.27 -54.95
N HIS F 274 35.32 14.74 -53.95
CA HIS F 274 34.60 14.02 -52.92
C HIS F 274 33.69 14.97 -52.14
N ASN F 275 34.05 16.26 -52.04
CA ASN F 275 33.16 17.19 -51.36
C ASN F 275 32.06 17.70 -52.27
N VAL F 276 32.30 17.75 -53.59
CA VAL F 276 31.20 17.88 -54.54
C VAL F 276 30.19 16.75 -54.35
N LEU F 277 30.68 15.52 -54.14
CA LEU F 277 29.76 14.40 -54.00
C LEU F 277 29.03 14.44 -52.65
N ASN F 278 29.73 14.76 -51.55
CA ASN F 278 29.05 14.99 -50.28
C ASN F 278 27.95 16.05 -50.42
N SER F 279 28.22 17.11 -51.19
CA SER F 279 27.19 18.12 -51.41
C SER F 279 26.03 17.57 -52.24
N LEU F 280 26.33 16.77 -53.27
CA LEU F 280 25.27 16.22 -54.10
C LEU F 280 24.32 15.37 -53.28
N ALA F 281 24.85 14.51 -52.42
CA ALA F 281 24.00 13.68 -51.57
C ALA F 281 23.13 14.55 -50.67
N THR F 282 23.73 15.57 -50.08
CA THR F 282 22.99 16.51 -49.24
C THR F 282 21.86 17.17 -50.03
N ILE F 283 22.14 17.62 -51.25
CA ILE F 283 21.14 18.27 -52.08
C ILE F 283 20.01 17.31 -52.42
N VAL F 284 20.32 16.02 -52.66
CA VAL F 284 19.24 15.06 -52.86
C VAL F 284 18.36 14.99 -51.62
N ILE F 285 18.99 14.79 -50.45
CA ILE F 285 18.24 14.67 -49.20
C ILE F 285 17.35 15.89 -49.00
N ALA F 286 17.91 17.09 -49.17
CA ALA F 286 17.16 18.30 -48.86
C ALA F 286 16.07 18.58 -49.88
N THR F 287 16.34 18.29 -51.15
CA THR F 287 15.32 18.45 -52.18
C THR F 287 14.12 17.55 -51.90
N ASP F 288 14.38 16.28 -51.62
CA ASP F 288 13.29 15.36 -51.32
C ASP F 288 12.51 15.82 -50.10
N GLU F 289 13.19 16.41 -49.10
CA GLU F 289 12.53 16.91 -47.90
C GLU F 289 11.70 18.18 -48.15
N GLY F 290 11.84 18.84 -49.28
CA GLY F 290 11.12 20.09 -49.52
C GLY F 290 11.83 21.35 -49.03
N ILE F 291 13.11 21.26 -48.69
CA ILE F 291 13.84 22.44 -48.22
C ILE F 291 14.10 23.37 -49.40
N SER F 292 14.09 24.67 -49.13
CA SER F 292 14.21 25.65 -50.21
C SER F 292 15.63 25.70 -50.76
N ASP F 293 15.74 26.26 -51.97
CA ASP F 293 17.03 26.50 -52.60
C ASP F 293 17.91 27.41 -51.75
N GLU F 294 17.32 28.49 -51.20
CA GLU F 294 18.10 29.42 -50.39
CA GLU F 294 18.13 29.41 -50.41
C GLU F 294 18.71 28.73 -49.18
N ALA F 295 17.95 27.83 -48.53
CA ALA F 295 18.49 27.10 -47.39
C ALA F 295 19.56 26.09 -47.82
N ILE F 296 19.38 25.47 -48.99
CA ILE F 296 20.41 24.57 -49.51
C ILE F 296 21.67 25.40 -49.77
N VAL F 297 21.51 26.50 -50.51
CA VAL F 297 22.64 27.36 -50.86
C VAL F 297 23.35 27.85 -49.59
N GLN F 298 22.59 28.27 -48.58
CA GLN F 298 23.21 28.83 -47.39
C GLN F 298 23.85 27.77 -46.51
N GLY F 299 23.19 26.61 -46.34
CA GLY F 299 23.78 25.55 -45.53
C GLY F 299 25.07 24.98 -46.11
N LEU F 300 25.16 24.91 -47.44
CA LEU F 300 26.38 24.37 -48.06
C LEU F 300 27.48 25.40 -48.06
N SER F 301 27.13 26.66 -48.34
CA SER F 301 28.11 27.71 -48.47
C SER F 301 28.79 27.99 -47.13
N GLY F 302 28.01 28.09 -46.06
CA GLY F 302 28.52 28.47 -44.78
C GLY F 302 29.18 27.37 -43.99
N PHE F 303 29.21 26.16 -44.52
CA PHE F 303 29.81 25.06 -43.78
C PHE F 303 31.31 25.24 -43.71
N GLN F 304 31.84 25.44 -42.50
CA GLN F 304 33.26 25.72 -42.34
C GLN F 304 34.12 24.53 -42.74
N GLY F 305 33.93 23.39 -42.08
CA GLY F 305 34.72 22.21 -42.34
C GLY F 305 34.80 21.31 -41.12
N HIS G 1 -8.56 21.92 -45.66
CA HIS G 1 -7.94 23.18 -46.06
C HIS G 1 -6.43 23.13 -45.83
N ARG G 2 -5.65 23.50 -46.83
CA ARG G 2 -4.21 23.25 -46.81
C ARG G 2 -3.33 24.45 -47.18
N ARG G 3 -3.85 25.47 -47.86
CA ARG G 3 -3.05 26.63 -48.25
C ARG G 3 -3.59 27.88 -47.57
N ILE G 4 -2.74 28.53 -46.78
CA ILE G 4 -3.12 29.72 -46.02
C ILE G 4 -2.38 30.92 -46.59
N HIS G 5 -3.11 32.00 -46.82
CA HIS G 5 -2.59 33.20 -47.46
C HIS G 5 -2.73 34.38 -46.52
N PHE G 6 -1.60 35.06 -46.25
CA PHE G 6 -1.57 36.22 -45.36
C PHE G 6 -1.51 37.50 -46.18
N VAL G 7 -2.47 38.40 -45.96
CA VAL G 7 -2.43 39.73 -46.56
C VAL G 7 -1.66 40.66 -45.62
N GLY G 8 -0.52 41.16 -46.10
CA GLY G 8 0.41 41.85 -45.22
C GLY G 8 1.22 40.92 -44.35
N ILE G 9 1.86 39.91 -44.95
CA ILE G 9 2.56 38.86 -44.18
C ILE G 9 3.84 39.36 -43.53
N GLY G 10 4.42 40.45 -44.03
CA GLY G 10 5.58 41.02 -43.37
C GLY G 10 5.24 41.72 -42.06
N GLY G 11 3.97 42.03 -41.84
CA GLY G 11 3.51 42.67 -40.62
C GLY G 11 3.97 42.00 -39.35
N ALA G 12 4.03 42.77 -38.27
CA ALA G 12 4.65 42.29 -37.03
C ALA G 12 4.02 41.00 -36.55
N GLY G 13 2.73 41.04 -36.22
CA GLY G 13 2.13 39.82 -35.70
C GLY G 13 1.73 38.78 -36.73
N MET G 14 1.99 39.02 -38.00
CA MET G 14 1.63 38.10 -39.08
C MET G 14 2.73 37.09 -39.36
N CYS G 15 3.99 37.55 -39.43
CA CYS G 15 5.09 36.69 -39.86
C CYS G 15 5.26 35.49 -38.94
N GLY G 16 5.08 35.68 -37.64
CA GLY G 16 5.27 34.58 -36.72
C GLY G 16 4.22 33.49 -36.87
N ILE G 17 2.96 33.88 -37.05
CA ILE G 17 1.90 32.89 -37.28
C ILE G 17 2.20 32.10 -38.54
N ALA G 18 2.59 32.80 -39.61
CA ALA G 18 2.91 32.13 -40.87
C ALA G 18 4.05 31.13 -40.68
N GLU G 19 5.03 31.48 -39.84
CA GLU G 19 6.17 30.58 -39.61
C GLU G 19 5.75 29.32 -38.89
N VAL G 20 4.88 29.45 -37.88
CA VAL G 20 4.40 28.26 -37.17
C VAL G 20 3.58 27.38 -38.10
N LEU G 21 2.79 27.99 -38.99
CA LEU G 21 2.01 27.18 -39.92
C LEU G 21 2.91 26.45 -40.90
N LEU G 22 4.02 27.08 -41.32
CA LEU G 22 5.02 26.33 -42.07
C LEU G 22 5.53 25.16 -41.24
N ASN G 23 5.83 25.42 -39.96
CA ASN G 23 6.34 24.36 -39.10
C ASN G 23 5.34 23.22 -38.94
N LEU G 24 4.05 23.53 -39.01
CA LEU G 24 3.04 22.49 -38.91
C LEU G 24 2.87 21.73 -40.23
N GLY G 25 3.56 22.14 -41.29
CA GLY G 25 3.48 21.45 -42.57
C GLY G 25 2.47 21.99 -43.56
N TYR G 26 1.90 23.18 -43.31
CA TYR G 26 0.95 23.75 -44.24
C TYR G 26 1.67 24.47 -45.38
N GLU G 27 0.93 24.66 -46.48
CA GLU G 27 1.35 25.58 -47.54
C GLU G 27 0.99 27.00 -47.13
N VAL G 28 1.96 27.91 -47.21
CA VAL G 28 1.78 29.28 -46.74
C VAL G 28 2.21 30.24 -47.84
N SER G 29 1.30 31.12 -48.24
CA SER G 29 1.59 32.23 -49.11
C SER G 29 1.30 33.53 -48.38
N GLY G 30 1.84 34.63 -48.90
CA GLY G 30 1.58 35.91 -48.31
C GLY G 30 1.95 37.03 -49.25
N SER G 31 1.30 38.17 -49.08
CA SER G 31 1.61 39.37 -49.84
C SER G 31 2.05 40.49 -48.91
N ASP G 32 2.82 41.41 -49.46
CA ASP G 32 3.23 42.61 -48.71
C ASP G 32 3.63 43.68 -49.71
N LEU G 33 3.68 44.92 -49.23
CA LEU G 33 4.07 46.02 -50.10
C LEU G 33 5.59 46.11 -50.23
N LYS G 34 6.33 45.63 -49.23
CA LYS G 34 7.78 45.74 -49.21
C LYS G 34 8.39 44.39 -48.86
N ALA G 35 9.36 43.96 -49.65
CA ALA G 35 10.20 42.84 -49.25
C ALA G 35 11.07 43.27 -48.07
N SER G 36 11.42 42.31 -47.22
CA SER G 36 12.26 42.61 -46.08
C SER G 36 12.98 41.33 -45.63
N ALA G 37 13.83 41.47 -44.62
CA ALA G 37 14.47 40.30 -44.04
C ALA G 37 13.43 39.33 -43.46
N VAL G 38 12.28 39.86 -43.05
CA VAL G 38 11.20 39.01 -42.54
C VAL G 38 10.61 38.16 -43.67
N THR G 39 10.36 38.77 -44.84
CA THR G 39 9.83 38.00 -45.95
C THR G 39 10.88 37.06 -46.55
N GLU G 40 12.16 37.39 -46.41
CA GLU G 40 13.21 36.51 -46.90
C GLU G 40 13.37 35.29 -46.01
N ARG G 41 13.22 35.47 -44.69
CA ARG G 41 13.22 34.32 -43.79
C ARG G 41 12.03 33.41 -44.10
N LEU G 42 10.85 33.99 -44.32
CA LEU G 42 9.67 33.18 -44.61
C LEU G 42 9.85 32.40 -45.91
N GLU G 43 10.40 33.04 -46.94
CA GLU G 43 10.67 32.37 -48.21
C GLU G 43 11.68 31.23 -48.05
N LYS G 44 12.76 31.47 -47.29
CA LYS G 44 13.73 30.41 -47.00
C LYS G 44 13.07 29.22 -46.28
N PHE G 45 12.04 29.49 -45.50
CA PHE G 45 11.38 28.40 -44.80
C PHE G 45 10.25 27.77 -45.60
N GLY G 46 10.00 28.24 -46.83
CA GLY G 46 9.03 27.63 -47.71
C GLY G 46 7.82 28.47 -48.07
N ALA G 47 7.67 29.68 -47.53
CA ALA G 47 6.52 30.49 -47.92
C ALA G 47 6.70 31.03 -49.33
N GLN G 48 5.57 31.20 -50.03
CA GLN G 48 5.56 31.90 -51.30
C GLN G 48 5.15 33.36 -51.05
N ILE G 49 6.02 34.29 -51.41
CA ILE G 49 5.84 35.70 -51.09
C ILE G 49 5.48 36.45 -52.36
N PHE G 50 4.44 37.28 -52.28
CA PHE G 50 4.05 38.19 -53.36
C PHE G 50 4.31 39.61 -52.90
N ILE G 51 4.90 40.42 -53.77
CA ILE G 51 5.14 41.83 -53.49
C ILE G 51 4.09 42.63 -54.25
N GLY G 52 3.29 43.40 -53.51
CA GLY G 52 2.12 44.04 -54.10
C GLY G 52 0.87 43.23 -53.90
N HIS G 53 -0.27 43.94 -53.82
CA HIS G 53 -1.56 43.33 -53.53
C HIS G 53 -2.36 43.20 -54.83
N GLN G 54 -2.18 42.07 -55.52
CA GLN G 54 -2.94 41.73 -56.70
C GLN G 54 -3.92 40.59 -56.37
N ALA G 55 -5.10 40.64 -56.97
CA ALA G 55 -6.15 39.68 -56.63
C ALA G 55 -5.74 38.24 -56.97
N GLU G 56 -4.86 38.06 -57.96
CA GLU G 56 -4.38 36.73 -58.27
C GLU G 56 -3.52 36.12 -57.17
N ASN G 57 -3.01 36.93 -56.24
CA ASN G 57 -2.24 36.38 -55.12
C ASN G 57 -3.10 35.48 -54.24
N ALA G 58 -4.41 35.71 -54.17
CA ALA G 58 -5.28 34.90 -53.34
C ALA G 58 -5.62 33.56 -53.98
N ASP G 59 -5.24 33.34 -55.24
CA ASP G 59 -5.65 32.15 -55.95
C ASP G 59 -5.04 30.90 -55.33
N GLY G 60 -5.86 29.86 -55.19
CA GLY G 60 -5.43 28.63 -54.58
C GLY G 60 -5.50 28.60 -53.07
N ALA G 61 -5.77 29.74 -52.42
CA ALA G 61 -5.78 29.78 -50.96
C ALA G 61 -7.05 29.15 -50.42
N ASP G 62 -6.90 28.38 -49.35
CA ASP G 62 -8.08 27.86 -48.68
C ASP G 62 -8.58 28.77 -47.58
N VAL G 63 -7.74 29.67 -47.07
CA VAL G 63 -8.14 30.67 -46.08
C VAL G 63 -7.22 31.86 -46.27
N LEU G 64 -7.75 33.05 -45.99
CA LEU G 64 -6.97 34.27 -45.94
C LEU G 64 -6.87 34.76 -44.50
N VAL G 65 -5.71 35.30 -44.14
CA VAL G 65 -5.52 35.95 -42.86
C VAL G 65 -5.19 37.42 -43.11
N VAL G 66 -5.87 38.31 -42.38
CA VAL G 66 -5.70 39.75 -42.53
C VAL G 66 -5.38 40.35 -41.17
N SER G 67 -4.61 41.44 -41.18
CA SER G 67 -4.03 41.98 -39.94
C SER G 67 -5.04 42.82 -39.17
N SER G 68 -5.73 43.73 -39.87
CA SER G 68 -6.75 44.55 -39.21
C SER G 68 -8.12 43.91 -39.33
N ALA G 69 -8.98 44.52 -40.14
CA ALA G 69 -10.34 44.02 -40.34
C ALA G 69 -10.69 44.15 -41.81
N ILE G 70 -11.41 43.15 -42.33
CA ILE G 70 -11.78 42.96 -43.73
C ILE G 70 -11.88 44.29 -44.47
N ASN G 71 -10.86 44.59 -45.27
CA ASN G 71 -10.85 45.78 -46.13
C ASN G 71 -11.21 45.31 -47.54
N ARG G 72 -12.51 45.39 -47.86
CA ARG G 72 -13.00 45.00 -49.18
C ARG G 72 -12.44 45.88 -50.31
N ALA G 73 -11.63 46.89 -50.01
CA ALA G 73 -10.88 47.59 -51.04
C ALA G 73 -9.71 46.76 -51.52
N ASN G 74 -9.02 46.07 -50.61
CA ASN G 74 -7.90 45.21 -50.97
C ASN G 74 -8.40 44.14 -51.94
N PRO G 75 -7.84 44.05 -53.15
CA PRO G 75 -8.37 43.09 -54.13
C PRO G 75 -8.20 41.64 -53.72
N GLU G 76 -7.15 41.28 -52.99
CA GLU G 76 -7.01 39.91 -52.50
C GLU G 76 -8.20 39.53 -51.63
N VAL G 77 -8.54 40.40 -50.67
CA VAL G 77 -9.66 40.13 -49.77
C VAL G 77 -10.96 40.05 -50.55
N ALA G 78 -11.23 41.05 -51.40
CA ALA G 78 -12.46 41.08 -52.18
C ALA G 78 -12.55 39.91 -53.15
N SER G 79 -11.40 39.45 -53.66
CA SER G 79 -11.40 38.24 -54.48
C SER G 79 -11.79 37.02 -53.64
N ALA G 80 -11.21 36.88 -52.45
CA ALA G 80 -11.53 35.73 -51.61
C ALA G 80 -12.99 35.76 -51.16
N LEU G 81 -13.51 36.96 -50.83
CA LEU G 81 -14.91 37.06 -50.43
C LEU G 81 -15.84 36.65 -51.56
N GLU G 82 -15.50 37.03 -52.80
CA GLU G 82 -16.36 36.66 -53.93
C GLU G 82 -16.34 35.16 -54.17
N ARG G 83 -15.25 34.47 -53.84
CA ARG G 83 -15.14 33.04 -54.08
C ARG G 83 -15.52 32.19 -52.87
N ARG G 84 -16.09 32.80 -51.83
CA ARG G 84 -16.52 32.09 -50.61
C ARG G 84 -15.34 31.51 -49.83
N ILE G 85 -14.16 32.10 -49.98
CA ILE G 85 -12.98 31.68 -49.24
C ILE G 85 -12.96 32.44 -47.92
N PRO G 86 -12.94 31.76 -46.77
CA PRO G 86 -13.04 32.46 -45.49
C PRO G 86 -11.85 33.38 -45.25
N VAL G 87 -12.14 34.51 -44.62
CA VAL G 87 -11.17 35.53 -44.26
C VAL G 87 -11.18 35.61 -42.74
N VAL G 88 -10.13 35.12 -42.10
CA VAL G 88 -10.04 35.13 -40.64
C VAL G 88 -9.13 36.26 -40.16
N PRO G 89 -9.46 36.89 -39.04
CA PRO G 89 -8.55 37.88 -38.46
C PRO G 89 -7.33 37.21 -37.85
N ARG G 90 -6.23 37.97 -37.83
CA ARG G 90 -4.95 37.51 -37.31
C ARG G 90 -5.10 36.91 -35.91
N ALA G 91 -5.88 37.56 -35.04
CA ALA G 91 -5.99 37.10 -33.67
C ALA G 91 -6.63 35.71 -33.60
N GLU G 92 -7.58 35.41 -34.50
CA GLU G 92 -8.21 34.09 -34.47
C GLU G 92 -7.22 32.99 -34.93
N MET G 93 -6.46 33.25 -35.98
CA MET G 93 -5.48 32.26 -36.42
C MET G 93 -4.40 32.08 -35.35
N LEU G 94 -4.05 33.17 -34.67
CA LEU G 94 -3.09 33.05 -33.58
C LEU G 94 -3.61 32.13 -32.49
N ALA G 95 -4.89 32.25 -32.13
CA ALA G 95 -5.44 31.44 -31.05
C ALA G 95 -5.50 29.97 -31.43
N GLU G 96 -5.76 29.67 -32.71
CA GLU G 96 -5.91 28.29 -33.13
C GLU G 96 -4.60 27.52 -33.11
N LEU G 97 -3.46 28.23 -33.10
CA LEU G 97 -2.17 27.55 -32.99
C LEU G 97 -2.10 26.62 -31.80
N MET G 98 -2.84 26.93 -30.73
CA MET G 98 -2.81 26.09 -29.53
C MET G 98 -3.43 24.71 -29.72
N ARG G 99 -4.28 24.52 -30.74
CA ARG G 99 -4.84 23.19 -30.97
C ARG G 99 -3.78 22.19 -31.42
N TYR G 100 -2.66 22.66 -31.97
CA TYR G 100 -1.60 21.74 -32.40
C TYR G 100 -0.54 21.47 -31.35
N ARG G 101 -0.59 22.12 -30.19
CA ARG G 101 0.54 22.06 -29.26
C ARG G 101 0.01 21.87 -27.85
N HIS G 102 0.91 21.61 -26.91
CA HIS G 102 0.59 21.61 -25.48
C HIS G 102 0.51 23.09 -25.06
N GLY G 103 -0.70 23.64 -25.06
CA GLY G 103 -0.87 25.08 -24.89
C GLY G 103 -1.01 25.46 -23.44
N ILE G 104 -0.29 26.51 -23.03
CA ILE G 104 -0.39 27.10 -21.71
C ILE G 104 -0.88 28.53 -21.88
N ALA G 105 -2.13 28.79 -21.47
CA ALA G 105 -2.78 30.09 -21.61
C ALA G 105 -2.65 30.89 -20.30
N VAL G 106 -2.04 32.06 -20.37
CA VAL G 106 -1.87 32.92 -19.21
C VAL G 106 -2.94 34.00 -19.31
N ALA G 107 -4.01 33.85 -18.53
CA ALA G 107 -5.11 34.79 -18.53
C ALA G 107 -5.11 35.58 -17.23
N GLY G 108 -5.99 36.57 -17.16
CA GLY G 108 -5.93 37.53 -16.07
C GLY G 108 -5.78 38.93 -16.62
N THR G 109 -6.21 39.93 -15.87
CA THR G 109 -6.12 41.30 -16.39
C THR G 109 -4.71 41.87 -16.26
N HIS G 110 -4.03 41.65 -15.13
CA HIS G 110 -2.69 42.18 -14.92
C HIS G 110 -1.66 41.06 -14.80
N GLY G 111 -0.48 41.30 -15.38
CA GLY G 111 0.64 40.39 -15.21
C GLY G 111 0.75 39.29 -16.25
N LYS G 112 0.02 39.37 -17.35
CA LYS G 112 0.07 38.29 -18.34
C LYS G 112 1.44 38.24 -18.99
N THR G 113 2.01 39.41 -19.29
CA THR G 113 3.27 39.48 -20.01
C THR G 113 4.43 38.91 -19.19
N THR G 114 4.56 39.35 -17.94
CA THR G 114 5.67 38.90 -17.13
C THR G 114 5.55 37.43 -16.79
N THR G 115 4.32 36.96 -16.51
CA THR G 115 4.11 35.55 -16.19
C THR G 115 4.41 34.66 -17.39
N THR G 116 3.92 35.04 -18.57
CA THR G 116 4.26 34.30 -19.80
C THR G 116 5.77 34.25 -20.00
N SER G 117 6.46 35.38 -19.82
CA SER G 117 7.91 35.40 -20.00
C SER G 117 8.62 34.56 -18.97
N LEU G 118 8.12 34.55 -17.73
CA LEU G 118 8.76 33.75 -16.68
C LEU G 118 8.55 32.27 -16.93
N ILE G 119 7.36 31.89 -17.39
CA ILE G 119 7.13 30.50 -17.77
C ILE G 119 8.08 30.08 -18.87
N ALA G 120 8.21 30.92 -19.92
CA ALA G 120 9.11 30.58 -21.01
C ALA G 120 10.54 30.47 -20.50
N SER G 121 10.90 31.31 -19.55
CA SER G 121 12.28 31.28 -19.05
C SER G 121 12.56 30.01 -18.26
N VAL G 122 11.56 29.53 -17.52
CA VAL G 122 11.75 28.30 -16.75
C VAL G 122 11.72 27.09 -17.68
N PHE G 123 10.79 27.06 -18.64
CA PHE G 123 10.75 25.94 -19.58
C PHE G 123 12.03 25.89 -20.41
N ALA G 124 12.60 27.06 -20.74
CA ALA G 124 13.85 27.07 -21.49
C ALA G 124 15.00 26.50 -20.67
N ALA G 125 15.02 26.81 -19.37
CA ALA G 125 16.07 26.29 -18.49
C ALA G 125 16.02 24.77 -18.37
N GLY G 126 14.82 24.20 -18.49
CA GLY G 126 14.68 22.77 -18.56
C GLY G 126 14.86 22.21 -19.95
N GLY G 127 15.34 23.01 -20.91
CA GLY G 127 15.67 22.52 -22.24
C GLY G 127 14.51 22.35 -23.19
N LEU G 128 13.37 23.01 -22.95
CA LEU G 128 12.17 22.75 -23.71
C LEU G 128 11.90 23.79 -24.78
N ASP G 129 12.77 24.78 -24.92
CA ASP G 129 12.72 25.91 -25.86
C ASP G 129 11.30 26.25 -26.34
N PRO G 130 10.41 26.68 -25.44
CA PRO G 130 9.01 26.91 -25.85
C PRO G 130 8.89 28.11 -26.77
N THR G 131 7.87 28.05 -27.63
CA THR G 131 7.40 29.23 -28.34
C THR G 131 6.42 29.95 -27.42
N PHE G 132 6.51 31.28 -27.37
CA PHE G 132 5.61 32.05 -26.53
C PHE G 132 5.14 33.31 -27.24
N VAL G 133 3.99 33.79 -26.80
CA VAL G 133 3.29 34.91 -27.43
C VAL G 133 3.11 35.98 -26.38
N ILE G 134 3.75 37.13 -26.59
CA ILE G 134 3.54 38.31 -25.77
C ILE G 134 3.22 39.47 -26.70
N GLY G 135 2.22 40.27 -26.33
CA GLY G 135 1.81 41.38 -27.17
C GLY G 135 1.38 40.95 -28.56
N GLY G 136 0.82 39.75 -28.71
CA GLY G 136 0.47 39.26 -30.03
C GLY G 136 1.64 38.81 -30.90
N ARG G 137 2.86 38.78 -30.36
CA ARG G 137 4.04 38.47 -31.14
C ARG G 137 4.64 37.15 -30.66
N LEU G 138 4.92 36.26 -31.62
CA LEU G 138 5.46 34.94 -31.30
C LEU G 138 6.98 35.01 -31.13
N ASN G 139 7.49 34.27 -30.14
CA ASN G 139 8.88 34.35 -29.74
C ASN G 139 9.39 32.97 -29.35
N ALA G 140 10.70 32.81 -29.43
CA ALA G 140 11.40 31.64 -28.89
C ALA G 140 12.86 32.04 -28.73
N ALA G 141 13.58 31.30 -27.90
CA ALA G 141 14.98 31.61 -27.67
C ALA G 141 15.90 31.03 -28.74
N GLY G 142 15.40 30.10 -29.58
CA GLY G 142 16.25 29.37 -30.50
C GLY G 142 16.75 30.18 -31.69
N THR G 143 15.98 31.19 -32.11
CA THR G 143 16.38 32.15 -33.14
C THR G 143 16.49 31.56 -34.55
N ASN G 144 17.29 30.50 -34.73
CA ASN G 144 17.41 29.89 -36.05
C ASN G 144 16.38 28.80 -36.29
N ALA G 145 15.95 28.10 -35.24
CA ALA G 145 14.86 27.11 -35.34
C ALA G 145 13.54 27.80 -35.66
N GLN G 146 12.68 27.09 -36.41
CA GLN G 146 11.38 27.64 -36.77
C GLN G 146 10.51 27.83 -35.52
N LEU G 147 9.87 28.99 -35.45
CA LEU G 147 8.85 29.20 -34.43
C LEU G 147 7.89 28.01 -34.42
N GLY G 148 7.48 27.58 -33.23
CA GLY G 148 6.56 26.47 -33.12
C GLY G 148 7.18 25.10 -33.04
N ALA G 149 8.51 24.99 -33.09
CA ALA G 149 9.12 23.66 -33.09
C ALA G 149 8.89 22.93 -31.76
N SER G 150 8.91 23.66 -30.66
CA SER G 150 8.72 23.03 -29.36
C SER G 150 7.33 22.37 -29.26
N ARG G 151 7.23 21.38 -28.36
CA ARG G 151 5.91 20.88 -27.99
C ARG G 151 5.05 21.95 -27.33
N TYR G 152 5.67 22.97 -26.74
CA TYR G 152 4.97 23.89 -25.83
C TYR G 152 4.69 25.22 -26.50
N LEU G 153 3.46 25.70 -26.36
CA LEU G 153 3.08 27.04 -26.78
C LEU G 153 2.49 27.77 -25.57
N VAL G 154 3.16 28.84 -25.13
CA VAL G 154 2.76 29.63 -23.98
C VAL G 154 2.25 30.97 -24.48
N ALA G 155 1.00 31.29 -24.20
CA ALA G 155 0.42 32.49 -24.77
C ALA G 155 -0.38 33.25 -23.73
N GLU G 156 -0.30 34.58 -23.79
CA GLU G 156 -1.21 35.34 -22.97
C GLU G 156 -2.60 35.26 -23.59
N ALA G 157 -3.60 35.29 -22.73
CA ALA G 157 -5.00 35.23 -23.13
C ALA G 157 -5.70 36.50 -22.63
N ASP G 158 -6.04 37.38 -23.54
CA ASP G 158 -6.66 38.66 -23.21
C ASP G 158 -8.18 38.52 -23.26
N GLU G 159 -8.86 38.89 -22.16
CA GLU G 159 -10.31 38.74 -22.12
C GLU G 159 -11.03 39.77 -22.98
N SER G 160 -10.34 40.77 -23.51
CA SER G 160 -10.93 41.67 -24.49
C SER G 160 -10.71 41.20 -25.92
N ASP G 161 -9.98 40.11 -26.14
CA ASP G 161 -9.77 39.60 -27.49
C ASP G 161 -10.99 38.81 -27.93
N ALA G 162 -11.49 39.09 -29.14
CA ALA G 162 -12.62 38.35 -29.69
C ALA G 162 -12.39 36.83 -29.72
N SER G 163 -11.14 36.38 -29.69
CA SER G 163 -10.87 34.94 -29.73
C SER G 163 -10.63 34.35 -28.35
N PHE G 164 -10.94 35.11 -27.29
CA PHE G 164 -10.69 34.64 -25.92
C PHE G 164 -11.28 33.26 -25.69
N LEU G 165 -12.54 33.06 -26.06
CA LEU G 165 -13.26 31.82 -25.78
C LEU G 165 -12.99 30.72 -26.81
N HIS G 166 -12.04 30.90 -27.72
CA HIS G 166 -11.65 29.86 -28.68
C HIS G 166 -10.26 29.31 -28.45
N LEU G 167 -9.57 29.73 -27.39
CA LEU G 167 -8.32 29.07 -27.04
C LEU G 167 -8.61 27.67 -26.53
N GLN G 168 -7.75 26.72 -26.86
CA GLN G 168 -7.89 25.36 -26.40
C GLN G 168 -6.61 24.93 -25.67
N PRO G 169 -6.36 25.50 -24.49
CA PRO G 169 -5.15 25.14 -23.73
C PRO G 169 -5.32 23.83 -22.99
N MET G 170 -4.18 23.26 -22.61
CA MET G 170 -4.08 22.18 -21.62
C MET G 170 -3.99 22.71 -20.20
N VAL G 171 -3.43 23.90 -20.04
CA VAL G 171 -3.23 24.53 -18.74
C VAL G 171 -3.63 25.99 -18.89
N ALA G 172 -4.34 26.52 -17.91
CA ALA G 172 -4.78 27.91 -17.95
C ALA G 172 -4.53 28.56 -16.59
N VAL G 173 -3.86 29.69 -16.61
CA VAL G 173 -3.65 30.51 -15.43
C VAL G 173 -4.67 31.63 -15.44
N VAL G 174 -5.23 31.96 -14.26
CA VAL G 174 -5.96 33.20 -14.05
C VAL G 174 -5.27 33.96 -12.92
N THR G 175 -4.52 35.03 -13.27
CA THR G 175 -3.76 35.82 -12.30
C THR G 175 -4.68 36.67 -11.42
N ASN G 176 -5.71 37.30 -12.02
CA ASN G 176 -6.65 38.18 -11.33
C ASN G 176 -7.76 38.51 -12.32
N ILE G 177 -8.85 39.08 -11.80
CA ILE G 177 -9.95 39.51 -12.65
C ILE G 177 -10.30 40.95 -12.29
N ASP G 178 -9.97 41.87 -13.18
CA ASP G 178 -10.23 43.29 -12.94
C ASP G 178 -11.27 43.77 -13.95
N ALA G 179 -11.69 45.02 -13.79
CA ALA G 179 -12.74 45.60 -14.59
C ALA G 179 -12.22 46.42 -15.77
N ASP G 180 -10.91 46.38 -16.04
CA ASP G 180 -10.35 47.15 -17.16
C ASP G 180 -11.14 46.99 -18.45
N HIS G 181 -11.65 45.78 -18.73
CA HIS G 181 -12.26 45.48 -20.02
C HIS G 181 -13.76 45.17 -19.91
N MET G 182 -14.43 45.81 -18.95
CA MET G 182 -15.88 45.70 -18.84
C MET G 182 -16.59 46.12 -20.14
N ALA G 183 -15.98 47.03 -20.91
CA ALA G 183 -16.60 47.53 -22.13
C ALA G 183 -16.84 46.41 -23.15
N THR G 184 -15.92 45.44 -23.20
CA THR G 184 -16.10 44.27 -24.05
C THR G 184 -17.38 43.53 -23.70
N TYR G 185 -17.75 43.52 -22.43
CA TYR G 185 -18.89 42.75 -21.94
C TYR G 185 -20.03 43.68 -21.53
N GLY G 186 -20.27 44.71 -22.34
CA GLY G 186 -21.37 45.61 -22.11
C GLY G 186 -21.26 46.39 -20.82
N GLY G 187 -20.04 46.66 -20.37
CA GLY G 187 -19.83 47.38 -19.13
C GLY G 187 -20.46 46.72 -17.92
N ASP G 188 -20.55 45.40 -17.90
CA ASP G 188 -21.08 44.66 -16.76
C ASP G 188 -20.00 43.75 -16.21
N PHE G 189 -19.61 43.97 -14.94
CA PHE G 189 -18.55 43.15 -14.35
C PHE G 189 -18.99 41.69 -14.16
N ASN G 190 -20.27 41.46 -13.85
CA ASN G 190 -20.73 40.09 -13.64
C ASN G 190 -20.68 39.26 -14.94
N LYS G 191 -20.90 39.88 -16.10
CA LYS G 191 -20.73 39.17 -17.37
C LYS G 191 -19.27 38.84 -17.61
N LEU G 192 -18.38 39.78 -17.32
CA LEU G 192 -16.94 39.55 -17.37
C LEU G 192 -16.54 38.35 -16.51
N LYS G 193 -17.00 38.32 -15.25
CA LYS G 193 -16.71 37.18 -14.39
C LYS G 193 -17.21 35.88 -15.01
N LYS G 194 -18.42 35.89 -15.57
CA LYS G 194 -18.96 34.66 -16.16
C LYS G 194 -18.08 34.18 -17.32
N THR G 195 -17.47 35.12 -18.06
CA THR G 195 -16.60 34.77 -19.17
C THR G 195 -15.33 34.06 -18.70
N PHE G 196 -14.79 34.44 -17.54
CA PHE G 196 -13.62 33.71 -17.06
C PHE G 196 -13.99 32.28 -16.64
N VAL G 197 -15.23 32.08 -16.18
CA VAL G 197 -15.66 30.72 -15.88
C VAL G 197 -15.80 29.91 -17.17
N GLU G 198 -16.40 30.49 -18.21
CA GLU G 198 -16.52 29.78 -19.47
C GLU G 198 -15.15 29.58 -20.13
N PHE G 199 -14.26 30.56 -20.01
CA PHE G 199 -12.88 30.37 -20.44
C PHE G 199 -12.28 29.11 -19.81
N LEU G 200 -12.35 29.00 -18.49
CA LEU G 200 -11.71 27.86 -17.84
C LEU G 200 -12.40 26.55 -18.19
N HIS G 201 -13.68 26.59 -18.53
CA HIS G 201 -14.39 25.39 -18.92
C HIS G 201 -13.98 24.89 -20.30
N ASN G 202 -13.21 25.67 -21.06
CA ASN G 202 -12.63 25.18 -22.29
C ASN G 202 -11.45 24.26 -22.06
N LEU G 203 -10.97 24.15 -20.83
CA LEU G 203 -9.99 23.13 -20.52
C LEU G 203 -10.61 21.74 -20.65
N PRO G 204 -9.82 20.75 -20.99
CA PRO G 204 -10.33 19.37 -20.95
C PRO G 204 -10.34 18.87 -19.51
N PHE G 205 -11.12 17.80 -19.30
CA PHE G 205 -11.23 17.25 -17.96
C PHE G 205 -9.87 16.86 -17.39
N TYR G 206 -8.88 16.58 -18.23
CA TYR G 206 -7.52 16.28 -17.78
C TYR G 206 -6.60 17.51 -17.77
N GLY G 207 -7.15 18.69 -18.05
CA GLY G 207 -6.37 19.91 -18.01
C GLY G 207 -6.10 20.38 -16.58
N LEU G 208 -5.61 21.62 -16.49
CA LEU G 208 -5.27 22.19 -15.19
C LEU G 208 -5.58 23.68 -15.20
N ALA G 209 -6.38 24.12 -14.23
CA ALA G 209 -6.59 25.54 -13.96
C ALA G 209 -5.70 25.95 -12.79
N VAL G 210 -4.98 27.04 -12.97
CA VAL G 210 -4.01 27.56 -11.99
C VAL G 210 -4.54 28.93 -11.55
N MET G 211 -4.99 29.03 -10.29
CA MET G 211 -5.86 30.11 -9.83
C MET G 211 -5.22 30.91 -8.71
N CYS G 212 -5.17 32.22 -8.86
CA CYS G 212 -4.61 33.06 -7.81
C CYS G 212 -5.73 33.37 -6.81
N VAL G 213 -5.74 32.68 -5.67
CA VAL G 213 -6.77 32.94 -4.67
C VAL G 213 -6.51 34.17 -3.83
N ASP G 214 -5.39 34.87 -4.05
CA ASP G 214 -5.20 36.16 -3.38
C ASP G 214 -6.09 37.24 -3.99
N ASP G 215 -6.65 36.98 -5.18
CA ASP G 215 -7.61 37.87 -5.83
C ASP G 215 -9.02 37.46 -5.39
N PRO G 216 -9.82 38.39 -4.83
CA PRO G 216 -11.12 37.97 -4.27
C PRO G 216 -12.09 37.46 -5.31
N VAL G 217 -12.01 37.97 -6.55
CA VAL G 217 -12.92 37.51 -7.61
C VAL G 217 -12.52 36.13 -8.13
N VAL G 218 -11.21 35.86 -8.26
CA VAL G 218 -10.79 34.50 -8.60
C VAL G 218 -11.25 33.55 -7.50
N ARG G 219 -11.12 33.96 -6.25
CA ARG G 219 -11.57 33.12 -5.15
C ARG G 219 -13.07 32.89 -5.21
N GLU G 220 -13.82 33.91 -5.67
CA GLU G 220 -15.27 33.82 -5.70
C GLU G 220 -15.77 32.81 -6.73
N ILE G 221 -15.14 32.76 -7.91
CA ILE G 221 -15.59 31.81 -8.95
C ILE G 221 -15.00 30.42 -8.81
N LEU G 222 -14.01 30.24 -7.95
CA LEU G 222 -13.35 28.94 -7.81
C LEU G 222 -14.31 27.76 -7.67
N PRO G 223 -15.37 27.82 -6.85
CA PRO G 223 -16.27 26.66 -6.74
C PRO G 223 -17.05 26.34 -8.01
N GLN G 224 -17.12 27.26 -8.97
CA GLN G 224 -17.76 26.97 -10.25
C GLN G 224 -16.87 26.18 -11.21
N ILE G 225 -15.59 26.02 -10.90
CA ILE G 225 -14.63 25.45 -11.82
C ILE G 225 -14.68 23.94 -11.64
N ALA G 226 -15.23 23.24 -12.63
CA ALA G 226 -15.35 21.78 -12.59
C ALA G 226 -14.19 21.12 -13.33
N ARG G 227 -12.97 21.61 -13.12
CA ARG G 227 -11.74 21.14 -13.74
C ARG G 227 -10.72 21.01 -12.63
N PRO G 228 -9.70 20.17 -12.81
CA PRO G 228 -8.62 20.10 -11.81
C PRO G 228 -7.99 21.49 -11.60
N THR G 229 -7.75 21.83 -10.35
CA THR G 229 -7.35 23.17 -9.96
C THR G 229 -6.17 23.12 -9.00
N VAL G 230 -5.22 24.03 -9.18
CA VAL G 230 -4.19 24.31 -8.19
C VAL G 230 -4.22 25.80 -7.91
N THR G 231 -4.38 26.17 -6.64
CA THR G 231 -4.43 27.56 -6.25
C THR G 231 -3.07 28.00 -5.73
N TYR G 232 -2.77 29.28 -5.91
CA TYR G 232 -1.52 29.84 -5.41
C TYR G 232 -1.78 31.25 -4.88
N GLY G 233 -0.80 31.75 -4.15
CA GLY G 233 -0.83 33.11 -3.67
C GLY G 233 -0.13 33.21 -2.33
N LEU G 234 -0.16 34.40 -1.74
CA LEU G 234 0.31 34.58 -0.38
C LEU G 234 -0.69 34.08 0.65
N SER G 235 -1.97 33.91 0.27
CA SER G 235 -2.98 33.38 1.19
C SER G 235 -2.50 32.10 1.87
N GLU G 236 -2.83 31.98 3.15
CA GLU G 236 -2.40 30.83 3.96
C GLU G 236 -3.07 29.54 3.52
N ASP G 237 -4.22 29.61 2.83
CA ASP G 237 -4.92 28.41 2.41
C ASP G 237 -4.66 28.04 0.94
N ALA G 238 -3.75 28.73 0.26
CA ALA G 238 -3.43 28.38 -1.12
C ALA G 238 -2.59 27.11 -1.19
N ASP G 239 -2.77 26.33 -2.27
CA ASP G 239 -2.03 25.09 -2.41
C ASP G 239 -0.52 25.36 -2.51
N VAL G 240 -0.13 26.38 -3.26
CA VAL G 240 1.27 26.75 -3.48
C VAL G 240 1.43 28.18 -2.99
N ARG G 241 2.30 28.38 -1.99
CA ARG G 241 2.38 29.65 -1.27
C ARG G 241 3.83 30.13 -1.16
N ALA G 242 3.97 31.44 -1.00
CA ALA G 242 5.25 32.07 -0.68
C ALA G 242 5.27 32.48 0.78
N ILE G 243 6.35 32.13 1.49
CA ILE G 243 6.60 32.63 2.83
C ILE G 243 8.02 33.18 2.90
N ASN G 244 8.31 33.90 4.00
CA ASN G 244 9.65 34.39 4.30
C ASN G 244 10.19 35.28 3.18
N ILE G 245 9.35 36.17 2.69
CA ILE G 245 9.75 37.09 1.63
C ILE G 245 10.76 38.08 2.19
N ARG G 246 11.86 38.26 1.48
CA ARG G 246 12.91 39.16 1.96
CA ARG G 246 12.97 39.09 1.96
C ARG G 246 13.63 39.75 0.74
N GLN G 247 14.58 40.63 1.01
CA GLN G 247 15.28 41.34 -0.04
C GLN G 247 16.78 41.34 0.22
N GLU G 248 17.55 41.33 -0.87
CA GLU G 248 19.01 41.48 -0.86
C GLU G 248 19.34 42.32 -2.09
N GLY G 249 19.25 43.64 -1.94
CA GLY G 249 19.42 44.51 -3.08
C GLY G 249 18.12 44.65 -3.85
N MET G 250 18.19 44.46 -5.17
CA MET G 250 17.00 44.47 -6.02
C MET G 250 16.42 43.08 -6.22
N ARG G 251 16.99 42.06 -5.59
CA ARG G 251 16.53 40.69 -5.71
C ARG G 251 15.59 40.35 -4.56
N THR G 252 14.44 39.78 -4.88
CA THR G 252 13.50 39.29 -3.88
C THR G 252 13.70 37.80 -3.68
N TRP G 253 13.82 37.38 -2.42
CA TRP G 253 13.94 35.98 -2.05
C TRP G 253 12.68 35.53 -1.33
N PHE G 254 12.30 34.27 -1.54
CA PHE G 254 11.21 33.71 -0.76
C PHE G 254 11.28 32.20 -0.85
N THR G 255 10.52 31.57 0.03
CA THR G 255 10.38 30.13 0.12
C THR G 255 9.01 29.76 -0.42
N VAL G 256 8.97 28.82 -1.35
CA VAL G 256 7.73 28.38 -1.96
C VAL G 256 7.36 27.03 -1.36
N LEU G 257 6.15 26.93 -0.87
CA LEU G 257 5.60 25.71 -0.31
C LEU G 257 4.73 25.04 -1.36
N ARG G 258 4.85 23.72 -1.46
CA ARG G 258 4.12 22.96 -2.47
C ARG G 258 3.63 21.67 -1.86
N PRO G 259 2.43 21.21 -2.25
CA PRO G 259 1.93 19.93 -1.74
C PRO G 259 2.94 18.82 -2.00
N GLU G 260 3.23 18.06 -0.95
CA GLU G 260 4.08 16.86 -1.02
C GLU G 260 5.49 17.16 -1.52
N ARG G 261 5.98 18.39 -1.39
CA ARG G 261 7.36 18.70 -1.72
C ARG G 261 8.00 19.43 -0.54
N GLU G 262 9.32 19.38 -0.46
CA GLU G 262 10.04 20.11 0.58
C GLU G 262 10.03 21.59 0.25
N PRO G 263 10.20 22.46 1.24
CA PRO G 263 10.28 23.90 0.95
C PRO G 263 11.44 24.21 0.01
N LEU G 264 11.18 25.11 -0.95
CA LEU G 264 12.14 25.44 -2.00
C LEU G 264 12.41 26.94 -1.96
N ASP G 265 13.66 27.30 -1.71
CA ASP G 265 14.08 28.69 -1.71
C ASP G 265 14.33 29.16 -3.14
N VAL G 266 13.87 30.37 -3.44
CA VAL G 266 13.74 30.86 -4.80
C VAL G 266 14.00 32.35 -4.75
N SER G 267 14.53 32.89 -5.85
CA SER G 267 14.70 34.34 -5.94
C SER G 267 14.31 34.78 -7.34
N VAL G 268 13.87 36.02 -7.44
CA VAL G 268 13.54 36.66 -8.70
C VAL G 268 14.13 38.07 -8.67
N ASN G 269 14.61 38.53 -9.81
CA ASN G 269 15.36 39.79 -9.86
C ASN G 269 14.47 40.95 -10.26
N MET G 270 13.29 41.02 -9.64
CA MET G 270 12.31 42.08 -9.86
C MET G 270 11.55 42.27 -8.54
N PRO G 271 11.26 43.51 -8.16
CA PRO G 271 10.63 43.76 -6.85
C PRO G 271 9.11 43.71 -6.88
N GLY G 272 8.54 43.60 -5.69
CA GLY G 272 7.12 43.74 -5.47
C GLY G 272 6.41 42.40 -5.37
N LEU G 273 5.33 42.36 -4.56
CA LEU G 273 4.61 41.11 -4.38
C LEU G 273 3.99 40.63 -5.70
N HIS G 274 3.76 41.53 -6.65
CA HIS G 274 3.15 41.11 -7.90
C HIS G 274 4.10 40.21 -8.68
N ASN G 275 5.42 40.37 -8.49
CA ASN G 275 6.38 39.45 -9.10
C ASN G 275 6.58 38.18 -8.29
N VAL G 276 6.32 38.20 -6.97
CA VAL G 276 6.28 36.94 -6.22
C VAL G 276 5.12 36.10 -6.74
N LEU G 277 3.98 36.73 -7.00
CA LEU G 277 2.83 36.03 -7.55
C LEU G 277 3.09 35.52 -8.96
N ASN G 278 3.67 36.37 -9.83
CA ASN G 278 4.04 35.93 -11.16
C ASN G 278 4.93 34.69 -11.09
N SER G 279 5.86 34.66 -10.12
CA SER G 279 6.71 33.48 -9.94
C SER G 279 5.95 32.30 -9.38
N LEU G 280 5.00 32.53 -8.49
CA LEU G 280 4.24 31.41 -7.95
C LEU G 280 3.46 30.70 -9.05
N ALA G 281 2.86 31.49 -9.96
CA ALA G 281 2.12 30.91 -11.09
C ALA G 281 3.03 30.04 -11.95
N THR G 282 4.22 30.56 -12.28
CA THR G 282 5.23 29.79 -13.01
C THR G 282 5.60 28.51 -12.27
N ILE G 283 5.91 28.60 -10.97
CA ILE G 283 6.27 27.41 -10.19
C ILE G 283 5.15 26.36 -10.23
N VAL G 284 3.89 26.78 -10.21
CA VAL G 284 2.80 25.80 -10.29
C VAL G 284 2.84 25.09 -11.64
N ILE G 285 2.95 25.86 -12.73
CA ILE G 285 2.97 25.31 -14.08
CA ILE G 285 2.95 25.27 -14.06
C ILE G 285 4.14 24.34 -14.24
N ALA G 286 5.34 24.82 -13.89
CA ALA G 286 6.55 24.01 -14.03
C ALA G 286 6.48 22.74 -13.21
N THR G 287 6.00 22.84 -11.96
CA THR G 287 5.90 21.66 -11.11
C THR G 287 4.96 20.63 -11.70
N ASP G 288 3.78 21.07 -12.14
CA ASP G 288 2.82 20.12 -12.72
C ASP G 288 3.37 19.47 -13.99
N GLU G 289 4.24 20.18 -14.71
CA GLU G 289 4.83 19.69 -15.94
C GLU G 289 5.99 18.73 -15.70
N GLY G 290 6.41 18.54 -14.45
CA GLY G 290 7.53 17.67 -14.16
C GLY G 290 8.90 18.32 -14.23
N ILE G 291 8.98 19.65 -14.32
CA ILE G 291 10.26 20.30 -14.48
C ILE G 291 11.00 20.31 -13.13
N SER G 292 12.33 20.18 -13.21
CA SER G 292 13.15 19.97 -12.03
C SER G 292 13.29 21.25 -11.22
N ASP G 293 13.55 21.09 -9.92
CA ASP G 293 13.78 22.24 -9.04
C ASP G 293 14.90 23.12 -9.59
N GLU G 294 15.96 22.51 -10.13
CA GLU G 294 17.11 23.30 -10.56
CA GLU G 294 17.12 23.29 -10.57
C GLU G 294 16.77 24.19 -11.75
N ALA G 295 15.93 23.69 -12.67
CA ALA G 295 15.53 24.53 -13.80
C ALA G 295 14.56 25.64 -13.35
N ILE G 296 13.70 25.35 -12.37
CA ILE G 296 12.82 26.37 -11.82
C ILE G 296 13.64 27.50 -11.21
N VAL G 297 14.60 27.14 -10.36
CA VAL G 297 15.46 28.14 -9.72
C VAL G 297 16.24 28.92 -10.77
N GLN G 298 16.76 28.24 -11.79
CA GLN G 298 17.57 28.92 -12.81
C GLN G 298 16.71 29.82 -13.70
N GLY G 299 15.58 29.31 -14.17
CA GLY G 299 14.70 30.15 -14.97
C GLY G 299 14.25 31.42 -14.25
N LEU G 300 13.92 31.31 -12.96
CA LEU G 300 13.41 32.49 -12.24
C LEU G 300 14.54 33.46 -11.90
N SER G 301 15.70 32.96 -11.46
CA SER G 301 16.77 33.86 -11.04
C SER G 301 17.45 34.52 -12.21
N GLY G 302 17.45 33.88 -13.37
CA GLY G 302 18.12 34.45 -14.51
C GLY G 302 17.26 35.35 -15.37
N PHE G 303 15.98 35.48 -15.05
CA PHE G 303 15.11 36.32 -15.86
C PHE G 303 15.46 37.79 -15.66
N GLN G 304 15.67 38.51 -16.76
CA GLN G 304 16.16 39.88 -16.67
C GLN G 304 15.05 40.86 -16.27
N GLY G 305 14.03 40.98 -17.10
CA GLY G 305 12.92 41.87 -16.81
C GLY G 305 12.32 42.53 -18.04
N HIS H 1 6.02 8.51 -51.08
CA HIS H 1 5.27 7.56 -51.89
C HIS H 1 3.84 7.42 -51.37
N ARG H 2 2.86 7.55 -52.26
CA ARG H 2 1.47 7.57 -51.82
C ARG H 2 0.50 6.76 -52.68
N ARG H 3 0.88 6.28 -53.87
CA ARG H 3 0.00 5.46 -54.69
C ARG H 3 0.60 4.06 -54.85
N ILE H 4 -0.09 3.05 -54.34
CA ILE H 4 0.31 1.66 -54.44
C ILE H 4 -0.59 0.95 -55.45
N HIS H 5 0.02 0.29 -56.43
CA HIS H 5 -0.69 -0.43 -57.46
C HIS H 5 -0.44 -1.93 -57.33
N PHE H 6 -1.52 -2.71 -57.28
CA PHE H 6 -1.47 -4.16 -57.13
C PHE H 6 -1.75 -4.82 -58.47
N VAL H 7 -0.83 -5.65 -58.93
CA VAL H 7 -1.06 -6.45 -60.14
C VAL H 7 -1.72 -7.77 -59.73
N GLY H 8 -2.98 -7.96 -60.12
CA GLY H 8 -3.75 -9.08 -59.60
C GLY H 8 -4.34 -8.77 -58.23
N ILE H 9 -5.08 -7.67 -58.13
CA ILE H 9 -5.52 -7.18 -56.83
C ILE H 9 -6.63 -8.05 -56.24
N GLY H 10 -7.37 -8.77 -57.08
CA GLY H 10 -8.38 -9.67 -56.56
C GLY H 10 -7.85 -10.98 -56.02
N GLY H 11 -6.55 -11.25 -56.19
CA GLY H 11 -5.97 -12.51 -55.76
C GLY H 11 -5.92 -12.69 -54.26
N ALA H 12 -5.64 -13.94 -53.87
CA ALA H 12 -5.77 -14.49 -52.51
C ALA H 12 -5.29 -13.57 -51.39
N GLY H 13 -4.00 -13.28 -51.35
CA GLY H 13 -3.47 -12.46 -50.28
C GLY H 13 -3.17 -11.03 -50.73
N MET H 14 -3.77 -10.60 -51.83
CA MET H 14 -3.55 -9.25 -52.33
C MET H 14 -4.60 -8.27 -51.80
N CYS H 15 -5.87 -8.69 -51.85
CA CYS H 15 -6.98 -7.77 -51.55
C CYS H 15 -6.95 -7.31 -50.10
N GLY H 16 -6.58 -8.19 -49.18
CA GLY H 16 -6.47 -7.79 -47.78
C GLY H 16 -5.42 -6.72 -47.58
N ILE H 17 -4.24 -6.89 -48.20
CA ILE H 17 -3.19 -5.88 -48.10
C ILE H 17 -3.67 -4.55 -48.66
N ALA H 18 -4.33 -4.59 -49.80
CA ALA H 18 -4.83 -3.37 -50.42
C ALA H 18 -5.85 -2.68 -49.54
N GLU H 19 -6.69 -3.46 -48.86
CA GLU H 19 -7.69 -2.89 -47.95
C GLU H 19 -7.03 -2.20 -46.77
N VAL H 20 -6.01 -2.81 -46.19
CA VAL H 20 -5.31 -2.19 -45.07
C VAL H 20 -4.65 -0.89 -45.52
N LEU H 21 -4.04 -0.90 -46.72
CA LEU H 21 -3.41 0.33 -47.21
C LEU H 21 -4.45 1.43 -47.43
N LEU H 22 -5.66 1.08 -47.87
CA LEU H 22 -6.74 2.05 -47.90
C LEU H 22 -7.03 2.57 -46.51
N ASN H 23 -7.10 1.66 -45.53
CA ASN H 23 -7.39 2.09 -44.17
C ASN H 23 -6.32 3.03 -43.64
N LEU H 24 -5.07 2.86 -44.09
CA LEU H 24 -4.00 3.72 -43.64
C LEU H 24 -4.00 5.07 -44.33
N GLY H 25 -4.89 5.30 -45.29
CA GLY H 25 -4.95 6.59 -45.98
C GLY H 25 -4.19 6.66 -47.29
N TYR H 26 -3.74 5.54 -47.84
CA TYR H 26 -3.00 5.59 -49.10
C TYR H 26 -3.96 5.56 -50.27
N GLU H 27 -3.46 6.05 -51.42
CA GLU H 27 -4.12 5.81 -52.71
C GLU H 27 -3.76 4.42 -53.21
N VAL H 28 -4.77 3.64 -53.57
CA VAL H 28 -4.56 2.24 -53.93
C VAL H 28 -5.23 1.99 -55.27
N SER H 29 -4.47 1.41 -56.19
CA SER H 29 -5.01 0.98 -57.47
C SER H 29 -4.63 -0.48 -57.70
N GLY H 30 -5.38 -1.15 -58.55
CA GLY H 30 -5.10 -2.54 -58.82
C GLY H 30 -5.71 -2.98 -60.14
N SER H 31 -5.12 -4.02 -60.70
CA SER H 31 -5.62 -4.58 -61.94
C SER H 31 -6.00 -6.04 -61.70
N ASP H 32 -6.99 -6.50 -62.46
CA ASP H 32 -7.33 -7.92 -62.44
C ASP H 32 -7.97 -8.28 -63.78
N LEU H 33 -8.00 -9.58 -64.06
CA LEU H 33 -8.54 -10.06 -65.34
C LEU H 33 -10.06 -10.13 -65.33
N LYS H 34 -10.67 -10.33 -64.16
CA LYS H 34 -12.12 -10.36 -64.03
C LYS H 34 -12.54 -9.51 -62.83
N ALA H 35 -13.58 -8.70 -63.03
CA ALA H 35 -14.21 -8.05 -61.90
C ALA H 35 -14.83 -9.07 -60.96
N SER H 36 -14.82 -8.76 -59.68
CA SER H 36 -15.29 -9.70 -58.67
C SER H 36 -15.92 -8.93 -57.52
N ALA H 37 -16.61 -9.67 -56.65
CA ALA H 37 -17.09 -9.07 -55.40
C ALA H 37 -15.93 -8.54 -54.56
N VAL H 38 -14.76 -9.19 -54.64
CA VAL H 38 -13.56 -8.70 -53.96
C VAL H 38 -13.17 -7.32 -54.49
N THR H 39 -13.16 -7.14 -55.81
CA THR H 39 -12.78 -5.86 -56.40
C THR H 39 -13.88 -4.80 -56.24
N GLU H 40 -15.14 -5.22 -56.12
CA GLU H 40 -16.22 -4.26 -55.88
C GLU H 40 -16.12 -3.68 -54.47
N ARG H 41 -15.87 -4.55 -53.49
CA ARG H 41 -15.67 -4.08 -52.12
C ARG H 41 -14.48 -3.12 -52.04
N LEU H 42 -13.38 -3.46 -52.70
CA LEU H 42 -12.23 -2.57 -52.70
C LEU H 42 -12.58 -1.24 -53.37
N GLU H 43 -13.31 -1.29 -54.49
CA GLU H 43 -13.76 -0.06 -55.13
C GLU H 43 -14.67 0.75 -54.22
N LYS H 44 -15.56 0.07 -53.50
CA LYS H 44 -16.41 0.76 -52.53
C LYS H 44 -15.59 1.48 -51.46
N PHE H 45 -14.44 0.91 -51.08
CA PHE H 45 -13.58 1.49 -50.05
C PHE H 45 -12.60 2.53 -50.61
N GLY H 46 -12.59 2.76 -51.92
CA GLY H 46 -11.77 3.82 -52.49
C GLY H 46 -10.67 3.36 -53.44
N ALA H 47 -10.51 2.07 -53.69
CA ALA H 47 -9.51 1.60 -54.63
C ALA H 47 -9.97 1.84 -56.07
N GLN H 48 -9.03 2.23 -56.92
CA GLN H 48 -9.27 2.30 -58.36
C GLN H 48 -8.91 0.95 -58.99
N ILE H 49 -9.88 0.33 -59.67
CA ILE H 49 -9.75 -1.02 -60.20
C ILE H 49 -9.64 -0.96 -61.72
N PHE H 50 -8.71 -1.71 -62.29
CA PHE H 50 -8.57 -1.83 -63.73
C PHE H 50 -8.81 -3.28 -64.11
N ILE H 51 -9.59 -3.50 -65.18
CA ILE H 51 -9.83 -4.85 -65.70
C ILE H 51 -8.93 -5.05 -66.90
N GLY H 52 -8.16 -6.14 -66.87
CA GLY H 52 -7.12 -6.36 -67.85
C GLY H 52 -5.79 -5.75 -67.45
N HIS H 53 -4.72 -6.29 -68.03
CA HIS H 53 -3.36 -5.84 -67.76
C HIS H 53 -2.86 -5.02 -68.95
N GLN H 54 -2.66 -3.72 -68.72
CA GLN H 54 -2.17 -2.80 -69.73
C GLN H 54 -1.19 -1.84 -69.07
N ALA H 55 -0.21 -1.36 -69.85
CA ALA H 55 0.88 -0.58 -69.26
C ALA H 55 0.39 0.70 -68.60
N GLU H 56 -0.68 1.30 -69.11
CA GLU H 56 -1.19 2.54 -68.53
C GLU H 56 -1.78 2.35 -67.14
N ASN H 57 -2.08 1.11 -66.73
CA ASN H 57 -2.64 0.87 -65.40
C ASN H 57 -1.65 1.25 -64.31
N ALA H 58 -0.35 1.08 -64.55
CA ALA H 58 0.70 1.40 -63.59
C ALA H 58 1.05 2.88 -63.56
N ASP H 59 0.35 3.72 -64.32
CA ASP H 59 0.69 5.13 -64.37
C ASP H 59 0.31 5.84 -63.08
N GLY H 60 1.20 6.73 -62.63
CA GLY H 60 1.04 7.40 -61.36
C GLY H 60 1.46 6.58 -60.14
N ALA H 61 1.79 5.31 -60.30
CA ALA H 61 2.05 4.46 -59.16
C ALA H 61 3.44 4.74 -58.61
N ASP H 62 3.55 4.76 -57.28
CA ASP H 62 4.85 4.92 -56.64
C ASP H 62 5.49 3.60 -56.29
N VAL H 63 4.70 2.53 -56.18
CA VAL H 63 5.18 1.18 -55.93
C VAL H 63 4.22 0.23 -56.63
N LEU H 64 4.73 -0.90 -57.11
CA LEU H 64 3.91 -1.98 -57.63
C LEU H 64 4.03 -3.19 -56.70
N VAL H 65 2.91 -3.85 -56.44
CA VAL H 65 2.90 -5.09 -55.68
C VAL H 65 2.50 -6.22 -56.62
N VAL H 66 3.27 -7.32 -56.58
CA VAL H 66 3.07 -8.47 -57.44
C VAL H 66 2.82 -9.70 -56.58
N SER H 67 1.98 -10.60 -57.10
CA SER H 67 1.57 -11.78 -56.34
C SER H 67 2.72 -12.77 -56.18
N SER H 68 3.41 -13.08 -57.28
CA SER H 68 4.51 -14.05 -57.23
C SER H 68 5.84 -13.35 -57.48
N ALA H 69 6.57 -13.81 -58.50
CA ALA H 69 7.83 -13.21 -58.89
C ALA H 69 7.60 -12.18 -60.00
N ILE H 70 8.66 -11.49 -60.37
CA ILE H 70 8.60 -10.50 -61.43
C ILE H 70 8.24 -11.21 -62.74
N ASN H 71 7.00 -11.01 -63.19
CA ASN H 71 6.53 -11.63 -64.42
C ASN H 71 7.30 -11.08 -65.63
N ARG H 72 7.59 -9.78 -65.62
CA ARG H 72 8.46 -9.12 -66.61
C ARG H 72 7.86 -9.11 -68.02
N ALA H 73 6.99 -10.07 -68.33
CA ALA H 73 6.17 -9.99 -69.53
C ALA H 73 4.89 -9.18 -69.30
N ASN H 74 4.45 -9.07 -68.06
CA ASN H 74 3.28 -8.26 -67.77
C ASN H 74 3.56 -6.82 -68.15
N PRO H 75 2.70 -6.19 -68.95
CA PRO H 75 2.98 -4.81 -69.37
C PRO H 75 3.06 -3.81 -68.21
N GLU H 76 2.29 -4.04 -67.14
CA GLU H 76 2.37 -3.16 -65.97
C GLU H 76 3.70 -3.30 -65.28
N VAL H 77 4.20 -4.53 -65.13
CA VAL H 77 5.47 -4.73 -64.45
C VAL H 77 6.63 -4.24 -65.31
N ALA H 78 6.61 -4.52 -66.62
CA ALA H 78 7.68 -4.04 -67.49
C ALA H 78 7.70 -2.52 -67.55
N SER H 79 6.52 -1.90 -67.58
CA SER H 79 6.47 -0.45 -67.61
C SER H 79 7.00 0.16 -66.32
N ALA H 80 6.68 -0.44 -65.17
CA ALA H 80 7.20 0.06 -63.91
C ALA H 80 8.70 -0.11 -63.81
N LEU H 81 9.22 -1.25 -64.29
CA LEU H 81 10.66 -1.46 -64.26
C LEU H 81 11.37 -0.45 -65.15
N GLU H 82 10.78 -0.14 -66.31
CA GLU H 82 11.37 0.83 -67.23
C GLU H 82 11.51 2.20 -66.59
N ARG H 83 10.55 2.58 -65.74
CA ARG H 83 10.58 3.89 -65.10
C ARG H 83 11.21 3.87 -63.72
N ARG H 84 11.83 2.76 -63.33
CA ARG H 84 12.49 2.60 -62.02
C ARG H 84 11.51 2.83 -60.87
N ILE H 85 10.28 2.36 -61.05
CA ILE H 85 9.29 2.31 -59.97
C ILE H 85 9.45 0.96 -59.26
N PRO H 86 9.72 0.94 -57.95
CA PRO H 86 10.00 -0.33 -57.29
C PRO H 86 8.84 -1.31 -57.40
N VAL H 87 9.18 -2.59 -57.52
CA VAL H 87 8.24 -3.68 -57.62
C VAL H 87 8.54 -4.62 -56.45
N VAL H 88 7.64 -4.64 -55.46
CA VAL H 88 7.86 -5.48 -54.29
C VAL H 88 6.95 -6.70 -54.35
N PRO H 89 7.38 -7.85 -53.84
CA PRO H 89 6.46 -8.99 -53.75
C PRO H 89 5.46 -8.80 -52.62
N ARG H 90 4.32 -9.49 -52.78
CA ARG H 90 3.22 -9.46 -51.84
C ARG H 90 3.68 -9.68 -50.40
N ALA H 91 4.60 -10.62 -50.20
CA ALA H 91 5.02 -10.94 -48.84
C ALA H 91 5.74 -9.78 -48.17
N GLU H 92 6.51 -8.99 -48.93
CA GLU H 92 7.21 -7.87 -48.29
C GLU H 92 6.26 -6.77 -47.88
N MET H 93 5.24 -6.50 -48.71
CA MET H 93 4.29 -5.46 -48.37
C MET H 93 3.45 -5.90 -47.18
N LEU H 94 3.08 -7.19 -47.16
CA LEU H 94 2.37 -7.73 -46.00
C LEU H 94 3.20 -7.55 -44.74
N ALA H 95 4.48 -7.90 -44.79
CA ALA H 95 5.33 -7.75 -43.60
C ALA H 95 5.39 -6.30 -43.13
N GLU H 96 5.33 -5.35 -44.06
CA GLU H 96 5.48 -3.95 -43.71
C GLU H 96 4.25 -3.36 -43.03
N LEU H 97 3.09 -3.99 -43.15
CA LEU H 97 1.90 -3.47 -42.47
C LEU H 97 2.15 -3.31 -40.97
N MET H 98 3.03 -4.13 -40.38
CA MET H 98 3.31 -4.05 -38.95
C MET H 98 3.92 -2.74 -38.50
N ARG H 99 4.57 -2.00 -39.41
CA ARG H 99 5.17 -0.72 -39.01
C ARG H 99 4.12 0.31 -38.64
N TYR H 100 2.86 0.10 -39.01
CA TYR H 100 1.81 1.06 -38.76
C TYR H 100 0.94 0.72 -37.57
N ARG H 101 1.15 -0.43 -36.93
CA ARG H 101 0.24 -0.91 -35.90
C ARG H 101 1.06 -1.44 -34.74
N HIS H 102 0.37 -1.78 -33.65
CA HIS H 102 0.99 -2.53 -32.56
C HIS H 102 1.09 -4.00 -33.01
N GLY H 103 2.25 -4.37 -33.54
CA GLY H 103 2.39 -5.67 -34.18
C GLY H 103 2.76 -6.74 -33.19
N ILE H 104 2.07 -7.89 -33.28
CA ILE H 104 2.38 -9.09 -32.53
C ILE H 104 2.78 -10.17 -33.54
N ALA H 105 4.06 -10.56 -33.52
CA ALA H 105 4.60 -11.54 -34.45
C ALA H 105 4.66 -12.90 -33.75
N VAL H 106 3.96 -13.88 -34.31
CA VAL H 106 3.94 -15.23 -33.75
C VAL H 106 4.91 -16.07 -34.57
N ALA H 107 6.11 -16.24 -34.04
CA ALA H 107 7.16 -17.00 -34.70
C ALA H 107 7.33 -18.38 -34.05
N GLY H 108 8.13 -19.21 -34.69
CA GLY H 108 8.31 -20.59 -34.25
C GLY H 108 7.93 -21.50 -35.40
N THR H 109 8.46 -22.74 -35.41
CA THR H 109 8.21 -23.62 -36.55
C THR H 109 6.81 -24.24 -36.52
N HIS H 110 6.32 -24.64 -35.33
CA HIS H 110 5.04 -25.32 -35.19
C HIS H 110 4.12 -24.49 -34.31
N GLY H 111 2.83 -24.47 -34.66
CA GLY H 111 1.85 -23.82 -33.82
C GLY H 111 1.60 -22.35 -34.06
N LYS H 112 2.14 -21.77 -35.15
CA LYS H 112 1.95 -20.34 -35.41
C LYS H 112 0.47 -20.06 -35.68
N THR H 113 -0.17 -20.91 -36.49
CA THR H 113 -1.55 -20.69 -36.91
C THR H 113 -2.49 -20.70 -35.72
N THR H 114 -2.37 -21.71 -34.87
CA THR H 114 -3.31 -21.84 -33.75
C THR H 114 -3.08 -20.73 -32.73
N THR H 115 -1.81 -20.41 -32.44
CA THR H 115 -1.52 -19.36 -31.46
C THR H 115 -1.98 -18.01 -31.96
N THR H 116 -1.80 -17.72 -33.27
CA THR H 116 -2.29 -16.47 -33.82
C THR H 116 -3.80 -16.39 -33.69
N SER H 117 -4.52 -17.49 -33.96
CA SER H 117 -5.97 -17.48 -33.84
C SER H 117 -6.41 -17.31 -32.40
N LEU H 118 -5.67 -17.89 -31.45
CA LEU H 118 -6.06 -17.78 -30.06
C LEU H 118 -5.85 -16.38 -29.55
N ILE H 119 -4.73 -15.76 -29.93
CA ILE H 119 -4.48 -14.35 -29.60
C ILE H 119 -5.59 -13.47 -30.14
N ALA H 120 -5.92 -13.62 -31.43
CA ALA H 120 -7.03 -12.89 -32.02
C ALA H 120 -8.31 -13.09 -31.22
N SER H 121 -8.58 -14.33 -30.84
CA SER H 121 -9.82 -14.65 -30.12
C SER H 121 -9.88 -13.96 -28.76
N VAL H 122 -8.75 -13.89 -28.05
CA VAL H 122 -8.72 -13.25 -26.73
C VAL H 122 -8.77 -11.73 -26.88
N PHE H 123 -7.99 -11.18 -27.82
CA PHE H 123 -8.07 -9.76 -28.09
C PHE H 123 -9.47 -9.36 -28.54
N ALA H 124 -10.12 -10.17 -29.39
CA ALA H 124 -11.50 -9.89 -29.77
C ALA H 124 -12.43 -9.88 -28.57
N ALA H 125 -12.29 -10.88 -27.68
CA ALA H 125 -13.12 -10.93 -26.47
C ALA H 125 -12.89 -9.72 -25.57
N GLY H 126 -11.70 -9.11 -25.61
CA GLY H 126 -11.49 -7.87 -24.90
C GLY H 126 -11.93 -6.63 -25.64
N GLY H 127 -12.68 -6.77 -26.74
CA GLY H 127 -13.19 -5.63 -27.48
C GLY H 127 -12.21 -4.95 -28.42
N LEU H 128 -11.05 -5.56 -28.72
CA LEU H 128 -10.00 -4.89 -29.50
C LEU H 128 -10.01 -5.21 -31.00
N ASP H 129 -10.91 -6.12 -31.46
CA ASP H 129 -11.16 -6.51 -32.85
C ASP H 129 -9.91 -6.50 -33.71
N PRO H 130 -8.89 -7.29 -33.38
CA PRO H 130 -7.60 -7.17 -34.10
C PRO H 130 -7.68 -7.70 -35.52
N THR H 131 -6.83 -7.14 -36.38
CA THR H 131 -6.57 -7.75 -37.68
C THR H 131 -5.48 -8.82 -37.51
N PHE H 132 -5.66 -9.98 -38.16
CA PHE H 132 -4.68 -11.03 -38.00
C PHE H 132 -4.39 -11.70 -39.33
N VAL H 133 -3.17 -12.25 -39.43
CA VAL H 133 -2.67 -12.85 -40.66
C VAL H 133 -2.37 -14.31 -40.39
N ILE H 134 -3.09 -15.20 -41.07
CA ILE H 134 -2.77 -16.62 -41.05
C ILE H 134 -2.72 -17.12 -42.49
N GLY H 135 -1.64 -17.81 -42.85
CA GLY H 135 -1.52 -18.31 -44.20
C GLY H 135 -1.41 -17.23 -45.24
N GLY H 136 -0.79 -16.10 -44.91
CA GLY H 136 -0.73 -14.98 -45.84
C GLY H 136 -2.04 -14.27 -46.10
N ARG H 137 -3.08 -14.51 -45.30
CA ARG H 137 -4.39 -13.93 -45.53
C ARG H 137 -4.81 -13.10 -44.32
N LEU H 138 -5.17 -11.85 -44.56
CA LEU H 138 -5.59 -10.94 -43.51
C LEU H 138 -7.05 -11.19 -43.13
N ASN H 139 -7.33 -11.16 -41.82
CA ASN H 139 -8.65 -11.48 -41.28
C ASN H 139 -8.99 -10.54 -40.13
N ALA H 140 -10.30 -10.41 -39.88
CA ALA H 140 -10.82 -9.77 -38.67
C ALA H 140 -12.29 -10.16 -38.53
N ALA H 141 -12.74 -10.31 -37.28
CA ALA H 141 -14.09 -10.83 -37.05
C ALA H 141 -15.19 -9.85 -37.46
N GLY H 142 -14.90 -8.54 -37.53
CA GLY H 142 -15.92 -7.51 -37.69
C GLY H 142 -16.38 -7.17 -39.09
N THR H 143 -16.16 -8.09 -40.04
CA THR H 143 -16.62 -8.13 -41.43
C THR H 143 -16.92 -6.81 -42.16
N ASN H 144 -17.76 -5.93 -41.61
CA ASN H 144 -18.03 -4.68 -42.35
C ASN H 144 -16.85 -3.71 -42.25
N ALA H 145 -16.25 -3.58 -41.06
CA ALA H 145 -15.12 -2.68 -40.87
C ALA H 145 -13.96 -3.06 -41.79
N GLN H 146 -13.17 -2.06 -42.14
CA GLN H 146 -11.99 -2.28 -42.98
C GLN H 146 -10.92 -3.04 -42.20
N LEU H 147 -10.28 -4.00 -42.85
CA LEU H 147 -9.10 -4.61 -42.27
C LEU H 147 -8.09 -3.53 -41.87
N GLY H 148 -7.36 -3.78 -40.80
CA GLY H 148 -6.43 -2.80 -40.30
C GLY H 148 -7.04 -1.73 -39.39
N ALA H 149 -8.34 -1.75 -39.13
CA ALA H 149 -8.93 -0.68 -38.31
C ALA H 149 -8.39 -0.73 -36.88
N SER H 150 -8.22 -1.93 -36.34
CA SER H 150 -7.70 -2.10 -35.01
C SER H 150 -6.30 -1.50 -34.87
N ARG H 151 -5.95 -1.14 -33.65
CA ARG H 151 -4.57 -0.78 -33.34
C ARG H 151 -3.65 -2.00 -33.42
N TYR H 152 -4.20 -3.21 -33.34
CA TYR H 152 -3.41 -4.43 -33.20
C TYR H 152 -3.34 -5.20 -34.51
N LEU H 153 -2.13 -5.68 -34.85
CA LEU H 153 -2.02 -6.59 -35.99
C LEU H 153 -1.23 -7.80 -35.51
N VAL H 154 -1.85 -8.97 -35.63
CA VAL H 154 -1.28 -10.23 -35.15
C VAL H 154 -0.95 -11.05 -36.38
N ALA H 155 0.32 -11.38 -36.55
CA ALA H 155 0.74 -12.08 -37.76
C ALA H 155 1.64 -13.24 -37.41
N GLU H 156 1.48 -14.32 -38.14
CA GLU H 156 2.44 -15.41 -38.01
C GLU H 156 3.69 -15.02 -38.78
N ALA H 157 4.84 -15.39 -38.24
CA ALA H 157 6.14 -15.01 -38.79
C ALA H 157 6.88 -16.29 -39.17
N ASP H 158 7.12 -16.47 -40.46
CA ASP H 158 7.61 -17.75 -40.97
C ASP H 158 9.09 -17.61 -41.29
N GLU H 159 9.91 -18.42 -40.63
CA GLU H 159 11.35 -18.29 -40.80
C GLU H 159 11.83 -18.71 -42.19
N SER H 160 10.98 -19.33 -43.01
CA SER H 160 11.31 -19.60 -44.41
C SER H 160 10.90 -18.47 -45.34
N ASP H 161 10.34 -17.38 -44.82
CA ASP H 161 9.88 -16.28 -45.64
C ASP H 161 11.00 -15.26 -45.81
N ALA H 162 11.20 -14.80 -47.04
CA ALA H 162 12.26 -13.85 -47.32
C ALA H 162 12.11 -12.55 -46.53
N SER H 163 10.91 -12.24 -46.03
CA SER H 163 10.70 -11.04 -45.24
C SER H 163 10.76 -11.28 -43.72
N PHE H 164 11.18 -12.46 -43.28
CA PHE H 164 11.22 -12.78 -41.85
C PHE H 164 11.93 -11.72 -41.04
N LEU H 165 13.14 -11.32 -41.47
CA LEU H 165 13.96 -10.35 -40.75
C LEU H 165 13.56 -8.90 -41.06
N HIS H 166 12.46 -8.65 -41.76
CA HIS H 166 11.98 -7.29 -41.96
C HIS H 166 10.73 -6.98 -41.18
N LEU H 167 10.25 -7.91 -40.36
CA LEU H 167 9.13 -7.61 -39.48
C LEU H 167 9.58 -6.67 -38.37
N GLN H 168 8.73 -5.68 -38.05
CA GLN H 168 8.97 -4.76 -36.95
C GLN H 168 7.85 -4.86 -35.92
N PRO H 169 7.77 -5.98 -35.19
CA PRO H 169 6.73 -6.12 -34.17
C PRO H 169 7.11 -5.39 -32.90
N MET H 170 6.10 -5.16 -32.09
CA MET H 170 6.27 -4.73 -30.70
C MET H 170 6.45 -5.93 -29.77
N VAL H 171 5.91 -7.09 -30.14
CA VAL H 171 5.92 -8.29 -29.32
C VAL H 171 6.18 -9.45 -30.25
N ALA H 172 7.05 -10.38 -29.83
CA ALA H 172 7.37 -11.53 -30.66
C ALA H 172 7.33 -12.79 -29.80
N VAL H 173 6.65 -13.82 -30.31
CA VAL H 173 6.62 -15.13 -29.69
C VAL H 173 7.53 -16.06 -30.48
N VAL H 174 8.26 -16.92 -29.78
CA VAL H 174 8.94 -18.05 -30.41
C VAL H 174 8.42 -19.32 -29.75
N THR H 175 7.58 -20.07 -30.46
CA THR H 175 6.95 -21.26 -29.88
C THR H 175 7.94 -22.42 -29.79
N ASN H 176 8.80 -22.57 -30.78
CA ASN H 176 9.80 -23.62 -30.85
C ASN H 176 10.65 -23.39 -32.09
N ILE H 177 11.79 -24.08 -32.16
CA ILE H 177 12.71 -23.95 -33.30
C ILE H 177 13.03 -25.36 -33.78
N ASP H 178 12.42 -25.76 -34.89
CA ASP H 178 12.63 -27.06 -35.49
C ASP H 178 13.37 -26.89 -36.81
N ALA H 179 13.64 -28.02 -37.46
CA ALA H 179 14.49 -28.13 -38.65
C ALA H 179 13.72 -28.14 -39.96
N ASP H 180 12.39 -27.98 -39.93
CA ASP H 180 11.60 -28.05 -41.17
C ASP H 180 12.19 -27.19 -42.29
N HIS H 181 12.73 -26.00 -41.97
CA HIS H 181 13.15 -25.05 -42.98
C HIS H 181 14.66 -24.80 -42.98
N MET H 182 15.44 -25.84 -42.66
CA MET H 182 16.89 -25.77 -42.80
C MET H 182 17.32 -25.46 -44.23
N ALA H 183 16.53 -25.90 -45.23
CA ALA H 183 16.89 -25.63 -46.63
C ALA H 183 16.99 -24.13 -46.91
N THR H 184 16.14 -23.32 -46.28
CA THR H 184 16.23 -21.87 -46.43
C THR H 184 17.59 -21.37 -45.95
N TYR H 185 18.25 -22.10 -45.07
CA TYR H 185 19.46 -21.62 -44.44
C TYR H 185 20.65 -22.50 -44.79
N GLY H 186 20.70 -22.91 -46.06
CA GLY H 186 21.78 -23.77 -46.55
C GLY H 186 21.89 -25.08 -45.81
N GLY H 187 20.77 -25.65 -45.38
CA GLY H 187 20.79 -26.92 -44.69
C GLY H 187 21.57 -26.95 -43.40
N ASP H 188 21.72 -25.82 -42.72
CA ASP H 188 22.52 -25.76 -41.50
C ASP H 188 21.66 -25.30 -40.33
N PHE H 189 21.54 -26.14 -39.29
CA PHE H 189 20.66 -25.81 -38.19
C PHE H 189 21.22 -24.67 -37.33
N ASN H 190 22.54 -24.54 -37.27
CA ASN H 190 23.13 -23.47 -36.48
C ASN H 190 22.83 -22.09 -37.09
N LYS H 191 22.79 -21.99 -38.43
CA LYS H 191 22.40 -20.74 -39.08
C LYS H 191 20.94 -20.42 -38.80
N LEU H 192 20.08 -21.46 -38.80
CA LEU H 192 18.68 -21.27 -38.49
C LEU H 192 18.50 -20.66 -37.10
N LYS H 193 19.19 -21.20 -36.10
CA LYS H 193 19.12 -20.68 -34.75
C LYS H 193 19.55 -19.22 -34.68
N LYS H 194 20.63 -18.89 -35.39
CA LYS H 194 21.13 -17.52 -35.40
C LYS H 194 20.10 -16.57 -35.98
N THR H 195 19.38 -17.00 -37.01
CA THR H 195 18.32 -16.17 -37.57
C THR H 195 17.23 -15.88 -36.55
N PHE H 196 16.94 -16.84 -35.64
CA PHE H 196 15.93 -16.54 -34.61
C PHE H 196 16.44 -15.51 -33.62
N VAL H 197 17.74 -15.53 -33.32
CA VAL H 197 18.32 -14.49 -32.47
C VAL H 197 18.22 -13.14 -33.17
N GLU H 198 18.58 -13.08 -34.46
CA GLU H 198 18.49 -11.84 -35.21
C GLU H 198 17.05 -11.36 -35.29
N PHE H 199 16.11 -12.28 -35.47
CA PHE H 199 14.71 -11.90 -35.49
C PHE H 199 14.31 -11.23 -34.17
N LEU H 200 14.70 -11.81 -33.03
CA LEU H 200 14.24 -11.23 -31.76
C LEU H 200 14.92 -9.89 -31.50
N HIS H 201 16.09 -9.67 -32.06
CA HIS H 201 16.75 -8.39 -31.92
C HIS H 201 16.19 -7.32 -32.87
N ASN H 202 15.16 -7.65 -33.68
CA ASN H 202 14.37 -6.62 -34.34
C ASN H 202 13.36 -5.97 -33.41
N LEU H 203 13.08 -6.57 -32.25
CA LEU H 203 12.24 -5.87 -31.29
C LEU H 203 12.95 -4.63 -30.78
N PRO H 204 12.21 -3.58 -30.45
CA PRO H 204 12.82 -2.43 -29.77
C PRO H 204 13.08 -2.78 -28.32
N PHE H 205 13.98 -1.99 -27.70
CA PHE H 205 14.37 -2.26 -26.33
C PHE H 205 13.16 -2.24 -25.39
N TYR H 206 12.04 -1.69 -25.83
CA TYR H 206 10.82 -1.72 -25.05
C TYR H 206 9.84 -2.78 -25.54
N GLY H 207 10.22 -3.58 -26.53
CA GLY H 207 9.41 -4.68 -26.99
C GLY H 207 9.35 -5.80 -25.95
N LEU H 208 8.85 -6.95 -26.40
CA LEU H 208 8.73 -8.12 -25.52
C LEU H 208 8.96 -9.37 -26.36
N ALA H 209 9.91 -10.21 -25.92
CA ALA H 209 10.07 -11.54 -26.45
C ALA H 209 9.38 -12.53 -25.53
N VAL H 210 8.54 -13.39 -26.10
CA VAL H 210 7.79 -14.40 -25.37
C VAL H 210 8.34 -15.76 -25.82
N MET H 211 9.00 -16.48 -24.91
CA MET H 211 9.85 -17.61 -25.26
C MET H 211 9.35 -18.87 -24.62
N CYS H 212 9.19 -19.92 -25.42
CA CYS H 212 8.74 -21.21 -24.88
C CYS H 212 9.98 -21.96 -24.40
N VAL H 213 10.22 -21.97 -23.09
CA VAL H 213 11.42 -22.64 -22.59
C VAL H 213 11.25 -24.14 -22.44
N ASP H 214 10.10 -24.69 -22.84
CA ASP H 214 10.00 -26.13 -22.97
C ASP H 214 10.68 -26.64 -24.22
N ASP H 215 11.01 -25.77 -25.14
CA ASP H 215 11.80 -26.16 -26.31
C ASP H 215 13.26 -25.96 -25.97
N PRO H 216 14.11 -27.00 -26.13
CA PRO H 216 15.49 -26.86 -25.67
C PRO H 216 16.30 -25.86 -26.48
N VAL H 217 15.94 -25.69 -27.76
CA VAL H 217 16.66 -24.73 -28.60
C VAL H 217 16.29 -23.30 -28.23
N VAL H 218 15.00 -23.02 -28.02
CA VAL H 218 14.61 -21.72 -27.48
C VAL H 218 15.31 -21.46 -26.16
N ARG H 219 15.35 -22.47 -25.28
CA ARG H 219 16.05 -22.31 -24.00
C ARG H 219 17.53 -22.03 -24.21
N GLU H 220 18.13 -22.67 -25.22
CA GLU H 220 19.56 -22.51 -25.48
C GLU H 220 19.89 -21.07 -25.92
N ILE H 221 19.06 -20.44 -26.76
CA ILE H 221 19.38 -19.09 -27.25
C ILE H 221 18.95 -17.99 -26.30
N LEU H 222 18.12 -18.30 -25.30
CA LEU H 222 17.61 -17.31 -24.37
C LEU H 222 18.66 -16.35 -23.82
N PRO H 223 19.84 -16.80 -23.37
CA PRO H 223 20.84 -15.85 -22.85
C PRO H 223 21.42 -14.88 -23.88
N GLN H 224 21.15 -15.06 -25.18
CA GLN H 224 21.57 -14.11 -26.22
C GLN H 224 20.59 -12.97 -26.45
N ILE H 225 19.42 -13.01 -25.84
CA ILE H 225 18.35 -12.08 -26.17
C ILE H 225 18.51 -10.88 -25.25
N ALA H 226 18.91 -9.74 -25.81
CA ALA H 226 19.06 -8.54 -25.01
C ALA H 226 17.80 -7.68 -25.09
N ARG H 227 16.66 -8.30 -24.81
CA ARG H 227 15.36 -7.65 -24.85
C ARG H 227 14.53 -8.16 -23.69
N PRO H 228 13.55 -7.38 -23.22
CA PRO H 228 12.65 -7.88 -22.17
C PRO H 228 12.00 -9.20 -22.60
N THR H 229 12.03 -10.18 -21.71
CA THR H 229 11.65 -11.54 -22.03
C THR H 229 10.70 -12.08 -20.98
N VAL H 230 9.62 -12.73 -21.42
CA VAL H 230 8.79 -13.53 -20.53
C VAL H 230 8.80 -14.96 -21.05
N THR H 231 9.12 -15.88 -20.14
CA THR H 231 9.28 -17.28 -20.42
C THR H 231 7.98 -18.03 -20.14
N TYR H 232 7.66 -19.05 -20.94
CA TYR H 232 6.49 -19.85 -20.61
C TYR H 232 6.73 -21.32 -20.94
N GLY H 233 5.91 -22.17 -20.33
CA GLY H 233 5.91 -23.59 -20.65
C GLY H 233 5.40 -24.40 -19.47
N LEU H 234 5.47 -25.73 -19.63
CA LEU H 234 5.26 -26.64 -18.51
C LEU H 234 6.45 -26.69 -17.56
N SER H 235 7.65 -26.30 -18.02
CA SER H 235 8.84 -26.23 -17.17
C SER H 235 8.53 -25.53 -15.85
N GLU H 236 9.09 -26.07 -14.76
CA GLU H 236 8.85 -25.49 -13.45
C GLU H 236 9.54 -24.15 -13.27
N ASP H 237 10.60 -23.90 -14.02
CA ASP H 237 11.30 -22.63 -13.94
C ASP H 237 10.75 -21.58 -14.93
N ALA H 238 9.69 -21.88 -15.68
CA ALA H 238 9.12 -20.88 -16.57
C ALA H 238 8.37 -19.78 -15.82
N ASP H 239 8.42 -18.53 -16.32
CA ASP H 239 7.70 -17.42 -15.67
C ASP H 239 6.20 -17.65 -15.65
N VAL H 240 5.64 -18.12 -16.76
CA VAL H 240 4.21 -18.36 -16.88
C VAL H 240 4.05 -19.85 -17.18
N ARG H 241 3.32 -20.56 -16.31
CA ARG H 241 3.33 -22.02 -16.26
C ARG H 241 1.92 -22.54 -16.19
N ALA H 242 1.73 -23.76 -16.68
CA ALA H 242 0.48 -24.48 -16.53
C ALA H 242 0.68 -25.62 -15.54
N ILE H 243 -0.27 -25.77 -14.62
CA ILE H 243 -0.31 -26.90 -13.68
C ILE H 243 -1.72 -27.45 -13.67
N ASN H 244 -1.89 -28.59 -12.99
CA ASN H 244 -3.20 -29.22 -12.78
C ASN H 244 -3.95 -29.45 -14.09
N ILE H 245 -3.25 -30.03 -15.06
CA ILE H 245 -3.86 -30.23 -16.38
C ILE H 245 -4.83 -31.41 -16.29
N ARG H 246 -6.03 -31.23 -16.84
CA ARG H 246 -7.02 -32.29 -16.79
CA ARG H 246 -7.08 -32.23 -16.73
C ARG H 246 -7.95 -32.19 -17.98
N GLN H 247 -8.80 -33.19 -18.14
CA GLN H 247 -9.69 -33.30 -19.29
C GLN H 247 -11.14 -33.46 -18.83
N GLU H 248 -12.03 -32.77 -19.54
CA GLU H 248 -13.49 -32.91 -19.42
C GLU H 248 -13.97 -33.02 -20.86
N GLY H 249 -14.04 -34.24 -21.37
CA GLY H 249 -14.37 -34.41 -22.78
C GLY H 249 -13.20 -34.03 -23.66
N MET H 250 -13.51 -33.33 -24.76
CA MET H 250 -12.47 -32.77 -25.62
C MET H 250 -11.96 -31.43 -25.12
N ARG H 251 -12.37 -31.03 -23.91
CA ARG H 251 -11.95 -29.79 -23.29
C ARG H 251 -10.79 -30.04 -22.34
N THR H 252 -9.70 -29.29 -22.51
CA THR H 252 -8.58 -29.34 -21.57
C THR H 252 -8.68 -28.18 -20.59
N TRP H 253 -8.60 -28.50 -19.29
CA TRP H 253 -8.58 -27.51 -18.23
C TRP H 253 -7.17 -27.44 -17.65
N PHE H 254 -6.80 -26.26 -17.18
CA PHE H 254 -5.55 -26.14 -16.43
C PHE H 254 -5.53 -24.81 -15.70
N THR H 255 -4.58 -24.71 -14.79
CA THR H 255 -4.36 -23.51 -13.98
C THR H 255 -3.10 -22.85 -14.49
N VAL H 256 -3.16 -21.54 -14.76
CA VAL H 256 -1.99 -20.80 -15.24
C VAL H 256 -1.48 -19.94 -14.10
N LEU H 257 -0.18 -20.02 -13.85
CA LEU H 257 0.50 -19.23 -12.83
C LEU H 257 1.28 -18.13 -13.52
N ARG H 258 1.16 -16.91 -13.00
CA ARG H 258 1.78 -15.75 -13.61
C ARG H 258 2.47 -14.94 -12.53
N PRO H 259 3.57 -14.28 -12.84
CA PRO H 259 4.25 -13.46 -11.83
C PRO H 259 3.29 -12.41 -11.29
N GLU H 260 3.23 -12.33 -9.95
CA GLU H 260 2.50 -11.28 -9.25
C GLU H 260 1.00 -11.30 -9.55
N ARG H 261 0.44 -12.47 -9.86
CA ARG H 261 -1.01 -12.61 -10.02
C ARG H 261 -1.46 -13.88 -9.33
N GLU H 262 -2.76 -13.94 -9.05
CA GLU H 262 -3.37 -15.14 -8.51
C GLU H 262 -3.50 -16.20 -9.61
N PRO H 263 -3.49 -17.49 -9.24
CA PRO H 263 -3.70 -18.53 -10.25
C PRO H 263 -5.04 -18.35 -10.93
N LEU H 264 -5.07 -18.68 -12.22
CA LEU H 264 -6.27 -18.50 -13.05
C LEU H 264 -6.59 -19.82 -13.73
N ASP H 265 -7.82 -20.29 -13.55
CA ASP H 265 -8.27 -21.52 -14.18
C ASP H 265 -8.79 -21.22 -15.57
N VAL H 266 -8.25 -21.91 -16.57
CA VAL H 266 -8.69 -21.68 -17.93
C VAL H 266 -9.00 -23.03 -18.55
N SER H 267 -9.68 -23.00 -19.68
CA SER H 267 -9.92 -24.20 -20.45
C SER H 267 -9.82 -23.84 -21.91
N VAL H 268 -9.47 -24.84 -22.71
CA VAL H 268 -9.35 -24.73 -24.15
C VAL H 268 -10.05 -25.94 -24.77
N ASN H 269 -10.78 -25.71 -25.85
CA ASN H 269 -11.62 -26.75 -26.45
C ASN H 269 -10.89 -27.51 -27.54
N MET H 270 -9.60 -27.83 -27.31
CA MET H 270 -8.72 -28.59 -28.18
C MET H 270 -7.83 -29.39 -27.26
N PRO H 271 -7.47 -30.62 -27.64
CA PRO H 271 -6.66 -31.46 -26.75
C PRO H 271 -5.17 -31.35 -27.06
N GLY H 272 -4.37 -31.87 -26.14
CA GLY H 272 -2.93 -31.97 -26.33
C GLY H 272 -2.13 -30.91 -25.58
N LEU H 273 -0.95 -31.27 -25.09
CA LEU H 273 -0.11 -30.28 -24.42
C LEU H 273 0.28 -29.15 -25.38
N HIS H 274 0.34 -29.41 -26.69
CA HIS H 274 0.74 -28.36 -27.62
C HIS H 274 -0.29 -27.25 -27.66
N ASN H 275 -1.56 -27.54 -27.37
CA ASN H 275 -2.56 -26.49 -27.26
C ASN H 275 -2.59 -25.85 -25.88
N VAL H 276 -2.15 -26.55 -24.83
CA VAL H 276 -1.84 -25.85 -23.58
C VAL H 276 -0.72 -24.84 -23.80
N LEU H 277 0.34 -25.23 -24.51
CA LEU H 277 1.41 -24.30 -24.84
C LEU H 277 0.93 -23.13 -25.72
N ASN H 278 0.12 -23.42 -26.74
CA ASN H 278 -0.49 -22.35 -27.55
C ASN H 278 -1.28 -21.39 -26.68
N SER H 279 -1.96 -21.91 -25.66
CA SER H 279 -2.73 -21.07 -24.74
C SER H 279 -1.82 -20.26 -23.82
N LEU H 280 -0.74 -20.89 -23.32
CA LEU H 280 0.19 -20.17 -22.46
C LEU H 280 0.80 -18.98 -23.19
N ALA H 281 1.16 -19.16 -24.47
CA ALA H 281 1.74 -18.06 -25.22
C ALA H 281 0.74 -16.92 -25.35
N THR H 282 -0.51 -17.26 -25.68
CA THR H 282 -1.61 -16.31 -25.75
C THR H 282 -1.77 -15.55 -24.44
N ILE H 283 -1.82 -16.30 -23.33
CA ILE H 283 -1.99 -15.71 -22.00
C ILE H 283 -0.86 -14.74 -21.70
N VAL H 284 0.38 -15.05 -22.08
CA VAL H 284 1.47 -14.10 -21.83
C VAL H 284 1.21 -12.80 -22.59
N ILE H 285 0.85 -12.91 -23.89
CA ILE H 285 0.62 -11.73 -24.72
C ILE H 285 -0.51 -10.88 -24.14
N ALA H 286 -1.63 -11.53 -23.83
CA ALA H 286 -2.81 -10.82 -23.35
C ALA H 286 -2.56 -10.20 -21.97
N THR H 287 -1.80 -10.89 -21.12
CA THR H 287 -1.51 -10.35 -19.80
C THR H 287 -0.65 -9.10 -19.91
N ASP H 288 0.43 -9.18 -20.67
CA ASP H 288 1.31 -8.03 -20.85
C ASP H 288 0.55 -6.85 -21.46
N GLU H 289 -0.44 -7.11 -22.30
CA GLU H 289 -1.24 -6.06 -22.92
C GLU H 289 -2.29 -5.46 -21.98
N GLY H 290 -2.50 -6.03 -20.80
CA GLY H 290 -3.49 -5.48 -19.86
C GLY H 290 -4.89 -6.01 -20.00
N ILE H 291 -5.08 -7.12 -20.72
CA ILE H 291 -6.42 -7.64 -20.99
C ILE H 291 -6.92 -8.37 -19.75
N SER H 292 -8.21 -8.26 -19.49
CA SER H 292 -8.81 -8.81 -18.28
C SER H 292 -8.78 -10.33 -18.28
N ASP H 293 -8.75 -10.91 -17.07
CA ASP H 293 -8.91 -12.35 -16.92
C ASP H 293 -10.20 -12.84 -17.58
N GLU H 294 -11.28 -12.07 -17.47
CA GLU H 294 -12.55 -12.48 -18.04
CA GLU H 294 -12.54 -12.54 -18.05
C GLU H 294 -12.45 -12.63 -19.55
N ALA H 295 -11.76 -11.70 -20.21
CA ALA H 295 -11.59 -11.78 -21.66
C ALA H 295 -10.63 -12.91 -22.05
N ILE H 296 -9.60 -13.14 -21.24
CA ILE H 296 -8.71 -14.28 -21.50
C ILE H 296 -9.50 -15.59 -21.43
N VAL H 297 -10.26 -15.79 -20.35
CA VAL H 297 -11.04 -17.02 -20.17
C VAL H 297 -12.01 -17.19 -21.33
N GLN H 298 -12.73 -16.11 -21.68
CA GLN H 298 -13.73 -16.21 -22.73
C GLN H 298 -13.10 -16.45 -24.11
N GLY H 299 -12.01 -15.74 -24.43
CA GLY H 299 -11.34 -15.98 -25.71
C GLY H 299 -10.80 -17.39 -25.87
N LEU H 300 -10.22 -17.96 -24.81
CA LEU H 300 -9.69 -19.33 -24.89
C LEU H 300 -10.80 -20.37 -24.92
N SER H 301 -11.84 -20.17 -24.11
CA SER H 301 -12.89 -21.17 -23.97
C SER H 301 -13.77 -21.24 -25.21
N GLY H 302 -14.11 -20.10 -25.78
CA GLY H 302 -15.00 -20.05 -26.93
C GLY H 302 -14.34 -20.24 -28.27
N PHE H 303 -13.04 -20.50 -28.29
CA PHE H 303 -12.34 -20.73 -29.55
C PHE H 303 -12.69 -22.13 -30.06
N GLN H 304 -13.36 -22.20 -31.20
CA GLN H 304 -13.80 -23.49 -31.75
C GLN H 304 -12.60 -24.27 -32.26
N GLY H 305 -12.08 -23.81 -33.39
CA GLY H 305 -10.84 -24.30 -33.95
C GLY H 305 -10.37 -23.20 -34.87
#